data_8XY4
# 
_entry.id   8XY4 
# 
_audit_conform.dict_name       mmcif_pdbx.dic 
_audit_conform.dict_version    5.404 
_audit_conform.dict_location   http://mmcif.pdb.org/dictionaries/ascii/mmcif_pdbx.dic 
# 
loop_
_database_2.database_id 
_database_2.database_code 
_database_2.pdbx_database_accession 
_database_2.pdbx_DOI 
PDB   8XY4         pdb_00008xy4 10.2210/pdb8xy4/pdb 
WWPDB D_1300044488 ?            ?                   
# 
loop_
_pdbx_audit_revision_history.ordinal 
_pdbx_audit_revision_history.data_content_type 
_pdbx_audit_revision_history.major_revision 
_pdbx_audit_revision_history.minor_revision 
_pdbx_audit_revision_history.revision_date 
_pdbx_audit_revision_history.part_number 
1 'Structure model' 1 0 2025-01-22 ? 
2 'Structure model' 1 1 2025-07-02 ? 
# 
_pdbx_audit_revision_details.ordinal             1 
_pdbx_audit_revision_details.revision_ordinal    1 
_pdbx_audit_revision_details.data_content_type   'Structure model' 
_pdbx_audit_revision_details.provider            repository 
_pdbx_audit_revision_details.type                'Initial release' 
_pdbx_audit_revision_details.description         ? 
_pdbx_audit_revision_details.details             ? 
# 
_pdbx_audit_revision_group.ordinal             1 
_pdbx_audit_revision_group.revision_ordinal    2 
_pdbx_audit_revision_group.data_content_type   'Structure model' 
_pdbx_audit_revision_group.group               'Database references' 
# 
loop_
_pdbx_audit_revision_category.ordinal 
_pdbx_audit_revision_category.revision_ordinal 
_pdbx_audit_revision_category.data_content_type 
_pdbx_audit_revision_category.category 
1 2 'Structure model' citation        
2 2 'Structure model' citation_author 
# 
loop_
_pdbx_audit_revision_item.ordinal 
_pdbx_audit_revision_item.revision_ordinal 
_pdbx_audit_revision_item.data_content_type 
_pdbx_audit_revision_item.item 
1  2 'Structure model' '_citation.country'                 
2  2 'Structure model' '_citation.journal_abbrev'          
3  2 'Structure model' '_citation.journal_id_CSD'          
4  2 'Structure model' '_citation.journal_id_ISSN'         
5  2 'Structure model' '_citation.journal_volume'          
6  2 'Structure model' '_citation.page_first'              
7  2 'Structure model' '_citation.page_last'               
8  2 'Structure model' '_citation.pdbx_database_id_DOI'    
9  2 'Structure model' '_citation.pdbx_database_id_PubMed' 
10 2 'Structure model' '_citation.title'                   
11 2 'Structure model' '_citation.year'                    
# 
_pdbx_database_status.status_code                     REL 
_pdbx_database_status.status_code_sf                  REL 
_pdbx_database_status.status_code_mr                  ? 
_pdbx_database_status.entry_id                        8XY4 
_pdbx_database_status.recvd_initial_deposition_date   2024-01-19 
_pdbx_database_status.SG_entry                        N 
_pdbx_database_status.deposit_site                    PDBJ 
_pdbx_database_status.process_site                    PDBJ 
_pdbx_database_status.status_code_cs                  ? 
_pdbx_database_status.status_code_nmr_data            ? 
_pdbx_database_status.methods_development_category    ? 
_pdbx_database_status.pdb_format_compatible           Y 
# 
_pdbx_contact_author.id                 2 
_pdbx_contact_author.email              leijian@scu.edu.cn 
_pdbx_contact_author.name_first         Jian 
_pdbx_contact_author.name_last          Lei 
_pdbx_contact_author.name_mi            ? 
_pdbx_contact_author.role               'principal investigator/group leader' 
_pdbx_contact_author.identifier_ORCID   0000-0001-9326-0554 
# 
loop_
_audit_author.name 
_audit_author.pdbx_ordinal 
_audit_author.identifier_ORCID 
'Ni, X.C.' 1 0000-0002-9723-4756 
'Lei, J.'  2 0000-0001-9326-0554 
# 
_citation.abstract                  ? 
_citation.abstract_id_CAS           ? 
_citation.book_id_ISBN              ? 
_citation.book_publisher            ? 
_citation.book_publisher_city       ? 
_citation.book_title                ? 
_citation.coordinate_linkage        ? 
_citation.country                   US 
_citation.database_id_Medline       ? 
_citation.details                   ? 
_citation.id                        primary 
_citation.journal_abbrev            'Emerg Microbes Infect' 
_citation.journal_id_ASTM           ? 
_citation.journal_id_CSD            ? 
_citation.journal_id_ISSN           2222-1751 
_citation.journal_full              ? 
_citation.journal_issue             ? 
_citation.journal_volume            14 
_citation.language                  ? 
_citation.page_first                2515408 
_citation.page_last                 2515408 
_citation.title                     
'Structural insights into MPXV P1 protein and its orthologs reveal conformational dynamics and a conserved antiviral pocket.' 
_citation.year                      2025 
_citation.database_id_CSD           ? 
_citation.pdbx_database_id_DOI      10.1080/22221751.2025.2515408 
_citation.pdbx_database_id_PubMed   40476512 
_citation.pdbx_database_id_patent   ? 
_citation.unpublished_flag          ? 
# 
loop_
_citation_author.citation_id 
_citation_author.name 
_citation_author.ordinal 
_citation_author.identifier_ORCID 
primary 'Ni, X.'   1 ?                   
primary 'Wang, Y.' 2 ?                   
primary 'Fan, X.'  3 ?                   
primary 'Yu, J.'   4 ?                   
primary 'Lei, J.'  5 0000-0001-9326-0554 
# 
loop_
_entity.id 
_entity.type 
_entity.src_method 
_entity.pdbx_description 
_entity.formula_weight 
_entity.pdbx_number_of_molecules 
_entity.pdbx_ec 
_entity.pdbx_mutation 
_entity.pdbx_fragment 
_entity.details 
1 polymer man N1L   16149.360 1  ? ? ? ? 
2 water   nat water 18.015    85 ? ? ? ? 
# 
_entity_name_com.entity_id   1 
_entity_name_com.name        'N1L protein' 
# 
_entity_poly.entity_id                      1 
_entity_poly.type                           'polypeptide(L)' 
_entity_poly.nstd_linkage                   no 
_entity_poly.nstd_monomer                   no 
_entity_poly.pdbx_seq_one_letter_code       
;MGHHHHHHSGENLYFQGASMRTLLIRYILWRNDNDQTYYNDDFKKLMLLDELVDDGDVCTLIKNMRMTLSDGPLLDRLNQ
PVNNIEDAKRMIAISAKVARDIGERSEIRWEESFTILFRMIETYFDDLMIDLYGEK
;
_entity_poly.pdbx_seq_one_letter_code_can   
;MGHHHHHHSGENLYFQGASMRTLLIRYILWRNDNDQTYYNDDFKKLMLLDELVDDGDVCTLIKNMRMTLSDGPLLDRLNQ
PVNNIEDAKRMIAISAKVARDIGERSEIRWEESFTILFRMIETYFDDLMIDLYGEK
;
_entity_poly.pdbx_strand_id                 A 
_entity_poly.pdbx_target_identifier         ? 
# 
_pdbx_entity_nonpoly.entity_id   2 
_pdbx_entity_nonpoly.name        water 
_pdbx_entity_nonpoly.comp_id     HOH 
# 
loop_
_entity_poly_seq.entity_id 
_entity_poly_seq.num 
_entity_poly_seq.mon_id 
_entity_poly_seq.hetero 
1 1   MET n 
1 2   GLY n 
1 3   HIS n 
1 4   HIS n 
1 5   HIS n 
1 6   HIS n 
1 7   HIS n 
1 8   HIS n 
1 9   SER n 
1 10  GLY n 
1 11  GLU n 
1 12  ASN n 
1 13  LEU n 
1 14  TYR n 
1 15  PHE n 
1 16  GLN n 
1 17  GLY n 
1 18  ALA n 
1 19  SER n 
1 20  MET n 
1 21  ARG n 
1 22  THR n 
1 23  LEU n 
1 24  LEU n 
1 25  ILE n 
1 26  ARG n 
1 27  TYR n 
1 28  ILE n 
1 29  LEU n 
1 30  TRP n 
1 31  ARG n 
1 32  ASN n 
1 33  ASP n 
1 34  ASN n 
1 35  ASP n 
1 36  GLN n 
1 37  THR n 
1 38  TYR n 
1 39  TYR n 
1 40  ASN n 
1 41  ASP n 
1 42  ASP n 
1 43  PHE n 
1 44  LYS n 
1 45  LYS n 
1 46  LEU n 
1 47  MET n 
1 48  LEU n 
1 49  LEU n 
1 50  ASP n 
1 51  GLU n 
1 52  LEU n 
1 53  VAL n 
1 54  ASP n 
1 55  ASP n 
1 56  GLY n 
1 57  ASP n 
1 58  VAL n 
1 59  CYS n 
1 60  THR n 
1 61  LEU n 
1 62  ILE n 
1 63  LYS n 
1 64  ASN n 
1 65  MET n 
1 66  ARG n 
1 67  MET n 
1 68  THR n 
1 69  LEU n 
1 70  SER n 
1 71  ASP n 
1 72  GLY n 
1 73  PRO n 
1 74  LEU n 
1 75  LEU n 
1 76  ASP n 
1 77  ARG n 
1 78  LEU n 
1 79  ASN n 
1 80  GLN n 
1 81  PRO n 
1 82  VAL n 
1 83  ASN n 
1 84  ASN n 
1 85  ILE n 
1 86  GLU n 
1 87  ASP n 
1 88  ALA n 
1 89  LYS n 
1 90  ARG n 
1 91  MET n 
1 92  ILE n 
1 93  ALA n 
1 94  ILE n 
1 95  SER n 
1 96  ALA n 
1 97  LYS n 
1 98  VAL n 
1 99  ALA n 
1 100 ARG n 
1 101 ASP n 
1 102 ILE n 
1 103 GLY n 
1 104 GLU n 
1 105 ARG n 
1 106 SER n 
1 107 GLU n 
1 108 ILE n 
1 109 ARG n 
1 110 TRP n 
1 111 GLU n 
1 112 GLU n 
1 113 SER n 
1 114 PHE n 
1 115 THR n 
1 116 ILE n 
1 117 LEU n 
1 118 PHE n 
1 119 ARG n 
1 120 MET n 
1 121 ILE n 
1 122 GLU n 
1 123 THR n 
1 124 TYR n 
1 125 PHE n 
1 126 ASP n 
1 127 ASP n 
1 128 LEU n 
1 129 MET n 
1 130 ILE n 
1 131 ASP n 
1 132 LEU n 
1 133 TYR n 
1 134 GLY n 
1 135 GLU n 
1 136 LYS n 
# 
_entity_src_gen.entity_id                          1 
_entity_src_gen.pdbx_src_id                        1 
_entity_src_gen.pdbx_alt_source_flag               sample 
_entity_src_gen.pdbx_seq_type                      'Biological sequence' 
_entity_src_gen.pdbx_beg_seq_num                   1 
_entity_src_gen.pdbx_end_seq_num                   136 
_entity_src_gen.gene_src_common_name               ? 
_entity_src_gen.gene_src_genus                     ? 
_entity_src_gen.pdbx_gene_src_gene                 'VACV_BRZ_SERRO2_026, N1L, 44/47.1_rMVA_020, List025, m8028L, mO028L' 
_entity_src_gen.gene_src_species                   ? 
_entity_src_gen.gene_src_strain                    ? 
_entity_src_gen.gene_src_tissue                    ? 
_entity_src_gen.gene_src_tissue_fraction           ? 
_entity_src_gen.gene_src_details                   ? 
_entity_src_gen.pdbx_gene_src_fragment             ? 
_entity_src_gen.pdbx_gene_src_scientific_name      'Vaccinia virus' 
_entity_src_gen.pdbx_gene_src_ncbi_taxonomy_id     10245 
_entity_src_gen.pdbx_gene_src_variant              ? 
_entity_src_gen.pdbx_gene_src_cell_line            ? 
_entity_src_gen.pdbx_gene_src_atcc                 ? 
_entity_src_gen.pdbx_gene_src_organ                ? 
_entity_src_gen.pdbx_gene_src_organelle            ? 
_entity_src_gen.pdbx_gene_src_cell                 ? 
_entity_src_gen.pdbx_gene_src_cellular_location    ? 
_entity_src_gen.host_org_common_name               ? 
_entity_src_gen.pdbx_host_org_scientific_name      'Escherichia coli' 
_entity_src_gen.pdbx_host_org_ncbi_taxonomy_id     562 
_entity_src_gen.host_org_genus                     ? 
_entity_src_gen.pdbx_host_org_gene                 ? 
_entity_src_gen.pdbx_host_org_organ                ? 
_entity_src_gen.host_org_species                   ? 
_entity_src_gen.pdbx_host_org_tissue               ? 
_entity_src_gen.pdbx_host_org_tissue_fraction      ? 
_entity_src_gen.pdbx_host_org_strain               ? 
_entity_src_gen.pdbx_host_org_variant              ? 
_entity_src_gen.pdbx_host_org_cell_line            ? 
_entity_src_gen.pdbx_host_org_atcc                 ? 
_entity_src_gen.pdbx_host_org_culture_collection   ? 
_entity_src_gen.pdbx_host_org_cell                 ? 
_entity_src_gen.pdbx_host_org_organelle            ? 
_entity_src_gen.pdbx_host_org_cellular_location    ? 
_entity_src_gen.pdbx_host_org_vector_type          ? 
_entity_src_gen.pdbx_host_org_vector               ? 
_entity_src_gen.host_org_details                   ? 
_entity_src_gen.expression_system_id               ? 
_entity_src_gen.plasmid_name                       ? 
_entity_src_gen.plasmid_details                    ? 
_entity_src_gen.pdbx_description                   ? 
# 
loop_
_chem_comp.id 
_chem_comp.type 
_chem_comp.mon_nstd_flag 
_chem_comp.name 
_chem_comp.pdbx_synonyms 
_chem_comp.formula 
_chem_comp.formula_weight 
ALA 'L-peptide linking' y ALANINE         ? 'C3 H7 N O2'     89.093  
ARG 'L-peptide linking' y ARGININE        ? 'C6 H15 N4 O2 1' 175.209 
ASN 'L-peptide linking' y ASPARAGINE      ? 'C4 H8 N2 O3'    132.118 
ASP 'L-peptide linking' y 'ASPARTIC ACID' ? 'C4 H7 N O4'     133.103 
CYS 'L-peptide linking' y CYSTEINE        ? 'C3 H7 N O2 S'   121.158 
GLN 'L-peptide linking' y GLUTAMINE       ? 'C5 H10 N2 O3'   146.144 
GLU 'L-peptide linking' y 'GLUTAMIC ACID' ? 'C5 H9 N O4'     147.129 
GLY 'peptide linking'   y GLYCINE         ? 'C2 H5 N O2'     75.067  
HIS 'L-peptide linking' y HISTIDINE       ? 'C6 H10 N3 O2 1' 156.162 
HOH non-polymer         . WATER           ? 'H2 O'           18.015  
ILE 'L-peptide linking' y ISOLEUCINE      ? 'C6 H13 N O2'    131.173 
LEU 'L-peptide linking' y LEUCINE         ? 'C6 H13 N O2'    131.173 
LYS 'L-peptide linking' y LYSINE          ? 'C6 H15 N2 O2 1' 147.195 
MET 'L-peptide linking' y METHIONINE      ? 'C5 H11 N O2 S'  149.211 
PHE 'L-peptide linking' y PHENYLALANINE   ? 'C9 H11 N O2'    165.189 
PRO 'L-peptide linking' y PROLINE         ? 'C5 H9 N O2'     115.130 
SER 'L-peptide linking' y SERINE          ? 'C3 H7 N O3'     105.093 
THR 'L-peptide linking' y THREONINE       ? 'C4 H9 N O3'     119.119 
TRP 'L-peptide linking' y TRYPTOPHAN      ? 'C11 H12 N2 O2'  204.225 
TYR 'L-peptide linking' y TYROSINE        ? 'C9 H11 N O3'    181.189 
VAL 'L-peptide linking' y VALINE          ? 'C5 H11 N O2'    117.146 
# 
loop_
_pdbx_poly_seq_scheme.asym_id 
_pdbx_poly_seq_scheme.entity_id 
_pdbx_poly_seq_scheme.seq_id 
_pdbx_poly_seq_scheme.mon_id 
_pdbx_poly_seq_scheme.ndb_seq_num 
_pdbx_poly_seq_scheme.pdb_seq_num 
_pdbx_poly_seq_scheme.auth_seq_num 
_pdbx_poly_seq_scheme.pdb_mon_id 
_pdbx_poly_seq_scheme.auth_mon_id 
_pdbx_poly_seq_scheme.pdb_strand_id 
_pdbx_poly_seq_scheme.pdb_ins_code 
_pdbx_poly_seq_scheme.hetero 
A 1 1   MET 1   -18 ?   ?   ?   A . n 
A 1 2   GLY 2   -17 ?   ?   ?   A . n 
A 1 3   HIS 3   -16 ?   ?   ?   A . n 
A 1 4   HIS 4   -15 ?   ?   ?   A . n 
A 1 5   HIS 5   -14 ?   ?   ?   A . n 
A 1 6   HIS 6   -13 ?   ?   ?   A . n 
A 1 7   HIS 7   -12 ?   ?   ?   A . n 
A 1 8   HIS 8   -11 ?   ?   ?   A . n 
A 1 9   SER 9   -10 ?   ?   ?   A . n 
A 1 10  GLY 10  -9  ?   ?   ?   A . n 
A 1 11  GLU 11  -8  ?   ?   ?   A . n 
A 1 12  ASN 12  -7  ?   ?   ?   A . n 
A 1 13  LEU 13  -6  ?   ?   ?   A . n 
A 1 14  TYR 14  -5  -5  TYR TYR A . n 
A 1 15  PHE 15  -4  -4  PHE PHE A . n 
A 1 16  GLN 16  -3  -3  GLN GLN A . n 
A 1 17  GLY 17  -2  -2  GLY GLY A . n 
A 1 18  ALA 18  -1  -1  ALA ALA A . n 
A 1 19  SER 19  0   0   SER SER A . n 
A 1 20  MET 20  1   1   MET MET A . n 
A 1 21  ARG 21  2   2   ARG ARG A . n 
A 1 22  THR 22  3   3   THR THR A . n 
A 1 23  LEU 23  4   4   LEU LEU A . n 
A 1 24  LEU 24  5   5   LEU LEU A . n 
A 1 25  ILE 25  6   6   ILE ILE A . n 
A 1 26  ARG 26  7   7   ARG ARG A . n 
A 1 27  TYR 27  8   8   TYR TYR A . n 
A 1 28  ILE 28  9   9   ILE ILE A . n 
A 1 29  LEU 29  10  10  LEU LEU A . n 
A 1 30  TRP 30  11  11  TRP TRP A . n 
A 1 31  ARG 31  12  12  ARG ARG A . n 
A 1 32  ASN 32  13  13  ASN ASN A . n 
A 1 33  ASP 33  14  14  ASP ASP A . n 
A 1 34  ASN 34  15  15  ASN ASN A . n 
A 1 35  ASP 35  16  16  ASP ASP A . n 
A 1 36  GLN 36  17  17  GLN GLN A . n 
A 1 37  THR 37  18  18  THR THR A . n 
A 1 38  TYR 38  19  19  TYR TYR A . n 
A 1 39  TYR 39  20  20  TYR TYR A . n 
A 1 40  ASN 40  21  21  ASN ASN A . n 
A 1 41  ASP 41  22  22  ASP ASP A . n 
A 1 42  ASP 42  23  23  ASP ASP A . n 
A 1 43  PHE 43  24  24  PHE PHE A . n 
A 1 44  LYS 44  25  25  LYS LYS A . n 
A 1 45  LYS 45  26  26  LYS LYS A . n 
A 1 46  LEU 46  27  27  LEU LEU A . n 
A 1 47  MET 47  28  28  MET MET A . n 
A 1 48  LEU 48  29  29  LEU LEU A . n 
A 1 49  LEU 49  30  30  LEU LEU A . n 
A 1 50  ASP 50  31  31  ASP ASP A . n 
A 1 51  GLU 51  32  32  GLU GLU A . n 
A 1 52  LEU 52  33  33  LEU LEU A . n 
A 1 53  VAL 53  34  34  VAL VAL A . n 
A 1 54  ASP 54  35  35  ASP ASP A . n 
A 1 55  ASP 55  36  36  ASP ASP A . n 
A 1 56  GLY 56  37  37  GLY GLY A . n 
A 1 57  ASP 57  38  38  ASP ASP A . n 
A 1 58  VAL 58  39  39  VAL VAL A . n 
A 1 59  CYS 59  40  40  CYS CYS A . n 
A 1 60  THR 60  41  41  THR THR A . n 
A 1 61  LEU 61  42  42  LEU LEU A . n 
A 1 62  ILE 62  43  43  ILE ILE A . n 
A 1 63  LYS 63  44  44  LYS LYS A . n 
A 1 64  ASN 64  45  45  ASN ASN A . n 
A 1 65  MET 65  46  46  MET MET A . n 
A 1 66  ARG 66  47  47  ARG ARG A . n 
A 1 67  MET 67  48  48  MET MET A . n 
A 1 68  THR 68  49  49  THR THR A . n 
A 1 69  LEU 69  50  50  LEU LEU A . n 
A 1 70  SER 70  51  51  SER SER A . n 
A 1 71  ASP 71  52  52  ASP ASP A . n 
A 1 72  GLY 72  53  53  GLY GLY A . n 
A 1 73  PRO 73  54  54  PRO PRO A . n 
A 1 74  LEU 74  55  55  LEU LEU A . n 
A 1 75  LEU 75  56  56  LEU LEU A . n 
A 1 76  ASP 76  57  57  ASP ASP A . n 
A 1 77  ARG 77  58  58  ARG ARG A . n 
A 1 78  LEU 78  59  59  LEU LEU A . n 
A 1 79  ASN 79  60  60  ASN ASN A . n 
A 1 80  GLN 80  61  61  GLN GLN A . n 
A 1 81  PRO 81  62  62  PRO PRO A . n 
A 1 82  VAL 82  63  63  VAL VAL A . n 
A 1 83  ASN 83  64  64  ASN ASN A . n 
A 1 84  ASN 84  65  65  ASN ASN A . n 
A 1 85  ILE 85  66  66  ILE ILE A . n 
A 1 86  GLU 86  67  67  GLU GLU A . n 
A 1 87  ASP 87  68  68  ASP ASP A . n 
A 1 88  ALA 88  69  69  ALA ALA A . n 
A 1 89  LYS 89  70  70  LYS LYS A . n 
A 1 90  ARG 90  71  71  ARG ARG A . n 
A 1 91  MET 91  72  72  MET MET A . n 
A 1 92  ILE 92  73  73  ILE ILE A . n 
A 1 93  ALA 93  74  74  ALA ALA A . n 
A 1 94  ILE 94  75  75  ILE ILE A . n 
A 1 95  SER 95  76  76  SER SER A . n 
A 1 96  ALA 96  77  77  ALA ALA A . n 
A 1 97  LYS 97  78  78  LYS LYS A . n 
A 1 98  VAL 98  79  79  VAL VAL A . n 
A 1 99  ALA 99  80  80  ALA ALA A . n 
A 1 100 ARG 100 81  81  ARG ARG A . n 
A 1 101 ASP 101 82  82  ASP ASP A . n 
A 1 102 ILE 102 83  83  ILE ILE A . n 
A 1 103 GLY 103 84  84  GLY GLY A . n 
A 1 104 GLU 104 85  85  GLU GLU A . n 
A 1 105 ARG 105 86  86  ARG ARG A . n 
A 1 106 SER 106 87  87  SER SER A . n 
A 1 107 GLU 107 88  88  GLU GLU A . n 
A 1 108 ILE 108 89  89  ILE ILE A . n 
A 1 109 ARG 109 90  90  ARG ARG A . n 
A 1 110 TRP 110 91  91  TRP TRP A . n 
A 1 111 GLU 111 92  92  GLU GLU A . n 
A 1 112 GLU 112 93  93  GLU GLU A . n 
A 1 113 SER 113 94  94  SER SER A . n 
A 1 114 PHE 114 95  95  PHE PHE A . n 
A 1 115 THR 115 96  96  THR THR A . n 
A 1 116 ILE 116 97  97  ILE ILE A . n 
A 1 117 LEU 117 98  98  LEU LEU A . n 
A 1 118 PHE 118 99  99  PHE PHE A . n 
A 1 119 ARG 119 100 100 ARG ARG A . n 
A 1 120 MET 120 101 101 MET MET A . n 
A 1 121 ILE 121 102 102 ILE ILE A . n 
A 1 122 GLU 122 103 103 GLU GLU A . n 
A 1 123 THR 123 104 104 THR THR A . n 
A 1 124 TYR 124 105 105 TYR TYR A . n 
A 1 125 PHE 125 106 106 PHE PHE A . n 
A 1 126 ASP 126 107 107 ASP ASP A . n 
A 1 127 ASP 127 108 108 ASP ASP A . n 
A 1 128 LEU 128 109 109 LEU LEU A . n 
A 1 129 MET 129 110 110 MET MET A . n 
A 1 130 ILE 130 111 111 ILE ILE A . n 
A 1 131 ASP 131 112 112 ASP ASP A . n 
A 1 132 LEU 132 113 113 LEU LEU A . n 
A 1 133 TYR 133 114 114 TYR TYR A . n 
A 1 134 GLY 134 115 115 GLY GLY A . n 
A 1 135 GLU 135 116 116 GLU GLU A . n 
A 1 136 LYS 136 117 ?   ?   ?   A . n 
# 
loop_
_pdbx_nonpoly_scheme.asym_id 
_pdbx_nonpoly_scheme.entity_id 
_pdbx_nonpoly_scheme.mon_id 
_pdbx_nonpoly_scheme.ndb_seq_num 
_pdbx_nonpoly_scheme.pdb_seq_num 
_pdbx_nonpoly_scheme.auth_seq_num 
_pdbx_nonpoly_scheme.pdb_mon_id 
_pdbx_nonpoly_scheme.auth_mon_id 
_pdbx_nonpoly_scheme.pdb_strand_id 
_pdbx_nonpoly_scheme.pdb_ins_code 
B 2 HOH 1  201 76  HOH HOH A . 
B 2 HOH 2  202 65  HOH HOH A . 
B 2 HOH 3  203 15  HOH HOH A . 
B 2 HOH 4  204 77  HOH HOH A . 
B 2 HOH 5  205 44  HOH HOH A . 
B 2 HOH 6  206 88  HOH HOH A . 
B 2 HOH 7  207 31  HOH HOH A . 
B 2 HOH 8  208 24  HOH HOH A . 
B 2 HOH 9  209 5   HOH HOH A . 
B 2 HOH 10 210 63  HOH HOH A . 
B 2 HOH 11 211 51  HOH HOH A . 
B 2 HOH 12 212 54  HOH HOH A . 
B 2 HOH 13 213 3   HOH HOH A . 
B 2 HOH 14 214 105 HOH HOH A . 
B 2 HOH 15 215 21  HOH HOH A . 
B 2 HOH 16 216 39  HOH HOH A . 
B 2 HOH 17 217 68  HOH HOH A . 
B 2 HOH 18 218 45  HOH HOH A . 
B 2 HOH 19 219 49  HOH HOH A . 
B 2 HOH 20 220 47  HOH HOH A . 
B 2 HOH 21 221 48  HOH HOH A . 
B 2 HOH 22 222 59  HOH HOH A . 
B 2 HOH 23 223 34  HOH HOH A . 
B 2 HOH 24 224 79  HOH HOH A . 
B 2 HOH 25 225 107 HOH HOH A . 
B 2 HOH 26 226 95  HOH HOH A . 
B 2 HOH 27 227 46  HOH HOH A . 
B 2 HOH 28 228 4   HOH HOH A . 
B 2 HOH 29 229 67  HOH HOH A . 
B 2 HOH 30 230 18  HOH HOH A . 
B 2 HOH 31 231 74  HOH HOH A . 
B 2 HOH 32 232 28  HOH HOH A . 
B 2 HOH 33 233 56  HOH HOH A . 
B 2 HOH 34 234 58  HOH HOH A . 
B 2 HOH 35 235 11  HOH HOH A . 
B 2 HOH 36 236 17  HOH HOH A . 
B 2 HOH 37 237 57  HOH HOH A . 
B 2 HOH 38 238 32  HOH HOH A . 
B 2 HOH 39 239 41  HOH HOH A . 
B 2 HOH 40 240 22  HOH HOH A . 
B 2 HOH 41 241 19  HOH HOH A . 
B 2 HOH 42 242 2   HOH HOH A . 
B 2 HOH 43 243 1   HOH HOH A . 
B 2 HOH 44 244 89  HOH HOH A . 
B 2 HOH 45 245 73  HOH HOH A . 
B 2 HOH 46 246 50  HOH HOH A . 
B 2 HOH 47 247 26  HOH HOH A . 
B 2 HOH 48 248 6   HOH HOH A . 
B 2 HOH 49 249 38  HOH HOH A . 
B 2 HOH 50 250 37  HOH HOH A . 
B 2 HOH 51 251 35  HOH HOH A . 
B 2 HOH 52 252 14  HOH HOH A . 
B 2 HOH 53 253 8   HOH HOH A . 
B 2 HOH 54 254 80  HOH HOH A . 
B 2 HOH 55 255 10  HOH HOH A . 
B 2 HOH 56 256 71  HOH HOH A . 
B 2 HOH 57 257 96  HOH HOH A . 
B 2 HOH 58 258 81  HOH HOH A . 
B 2 HOH 59 259 29  HOH HOH A . 
B 2 HOH 60 260 27  HOH HOH A . 
B 2 HOH 61 261 102 HOH HOH A . 
B 2 HOH 62 262 12  HOH HOH A . 
B 2 HOH 63 263 75  HOH HOH A . 
B 2 HOH 64 264 90  HOH HOH A . 
B 2 HOH 65 265 109 HOH HOH A . 
B 2 HOH 66 266 7   HOH HOH A . 
B 2 HOH 67 267 40  HOH HOH A . 
B 2 HOH 68 268 13  HOH HOH A . 
B 2 HOH 69 269 62  HOH HOH A . 
B 2 HOH 70 270 66  HOH HOH A . 
B 2 HOH 71 271 64  HOH HOH A . 
B 2 HOH 72 272 106 HOH HOH A . 
B 2 HOH 73 273 108 HOH HOH A . 
B 2 HOH 74 274 55  HOH HOH A . 
B 2 HOH 75 275 91  HOH HOH A . 
B 2 HOH 76 276 78  HOH HOH A . 
B 2 HOH 77 277 97  HOH HOH A . 
B 2 HOH 78 278 92  HOH HOH A . 
B 2 HOH 79 279 43  HOH HOH A . 
B 2 HOH 80 280 110 HOH HOH A . 
B 2 HOH 81 281 23  HOH HOH A . 
B 2 HOH 82 282 60  HOH HOH A . 
B 2 HOH 83 283 87  HOH HOH A . 
B 2 HOH 84 284 104 HOH HOH A . 
B 2 HOH 85 285 72  HOH HOH A . 
# 
loop_
_software.citation_id 
_software.classification 
_software.compiler_name 
_software.compiler_version 
_software.contact_author 
_software.contact_author_email 
_software.date 
_software.description 
_software.dependencies 
_software.hardware 
_software.language 
_software.location 
_software.mods 
_software.name 
_software.os 
_software.os_version 
_software.type 
_software.version 
_software.pdbx_ordinal 
? refinement       ? ? ? ? ? ? ? ? ? ? ? REFMAC  ? ? ? 5.8.0258 1 
? 'data reduction' ? ? ? ? ? ? ? ? ? ? ? xia2    ? ? ? .        2 
? 'data scaling'   ? ? ? ? ? ? ? ? ? ? ? Aimless ? ? ? .        3 
? phasing          ? ? ? ? ? ? ? ? ? ? ? MOLREP  ? ? ? .        4 
# 
_cell.angle_alpha                  90.000 
_cell.angle_alpha_esd              ? 
_cell.angle_beta                   90.000 
_cell.angle_beta_esd               ? 
_cell.angle_gamma                  120.000 
_cell.angle_gamma_esd              ? 
_cell.entry_id                     8XY4 
_cell.details                      ? 
_cell.formula_units_Z              ? 
_cell.length_a                     77.860 
_cell.length_a_esd                 ? 
_cell.length_b                     77.860 
_cell.length_b_esd                 ? 
_cell.length_c                     111.390 
_cell.length_c_esd                 ? 
_cell.volume                       ? 
_cell.volume_esd                   ? 
_cell.Z_PDB                        12 
_cell.reciprocal_angle_alpha       ? 
_cell.reciprocal_angle_beta        ? 
_cell.reciprocal_angle_gamma       ? 
_cell.reciprocal_angle_alpha_esd   ? 
_cell.reciprocal_angle_beta_esd    ? 
_cell.reciprocal_angle_gamma_esd   ? 
_cell.reciprocal_length_a          ? 
_cell.reciprocal_length_b          ? 
_cell.reciprocal_length_c          ? 
_cell.reciprocal_length_a_esd      ? 
_cell.reciprocal_length_b_esd      ? 
_cell.reciprocal_length_c_esd      ? 
_cell.pdbx_unique_axis             ? 
_cell.pdbx_esd_method              ? 
# 
_symmetry.entry_id                         8XY4 
_symmetry.cell_setting                     ? 
_symmetry.Int_Tables_number                178 
_symmetry.space_group_name_Hall            ? 
_symmetry.space_group_name_H-M             'P 61 2 2' 
_symmetry.pdbx_full_space_group_name_H-M   ? 
# 
_exptl.absorpt_coefficient_mu     ? 
_exptl.absorpt_correction_T_max   ? 
_exptl.absorpt_correction_T_min   ? 
_exptl.absorpt_correction_type    ? 
_exptl.absorpt_process_details    ? 
_exptl.entry_id                   8XY4 
_exptl.crystals_number            1 
_exptl.details                    ? 
_exptl.method                     'X-RAY DIFFRACTION' 
_exptl.method_details             ? 
# 
_exptl_crystal.colour                       ? 
_exptl_crystal.density_diffrn               ? 
_exptl_crystal.density_Matthews             3.02 
_exptl_crystal.density_method               ? 
_exptl_crystal.density_percent_sol          59.24 
_exptl_crystal.description                  ? 
_exptl_crystal.F_000                        ? 
_exptl_crystal.id                           1 
_exptl_crystal.preparation                  ? 
_exptl_crystal.size_max                     ? 
_exptl_crystal.size_mid                     ? 
_exptl_crystal.size_min                     ? 
_exptl_crystal.size_rad                     ? 
_exptl_crystal.colour_lustre                ? 
_exptl_crystal.colour_modifier              ? 
_exptl_crystal.colour_primary               ? 
_exptl_crystal.density_meas                 ? 
_exptl_crystal.density_meas_esd             ? 
_exptl_crystal.density_meas_gt              ? 
_exptl_crystal.density_meas_lt              ? 
_exptl_crystal.density_meas_temp            ? 
_exptl_crystal.density_meas_temp_esd        ? 
_exptl_crystal.density_meas_temp_gt         ? 
_exptl_crystal.density_meas_temp_lt         ? 
_exptl_crystal.pdbx_crystal_image_url       ? 
_exptl_crystal.pdbx_crystal_image_format    ? 
_exptl_crystal.pdbx_mosaicity               ? 
_exptl_crystal.pdbx_mosaicity_esd           ? 
_exptl_crystal.pdbx_mosaic_method           ? 
_exptl_crystal.pdbx_mosaic_block_size       ? 
_exptl_crystal.pdbx_mosaic_block_size_esd   ? 
# 
_exptl_crystal_grow.apparatus       ? 
_exptl_crystal_grow.atmosphere      ? 
_exptl_crystal_grow.crystal_id      1 
_exptl_crystal_grow.details         ? 
_exptl_crystal_grow.method          'VAPOR DIFFUSION, SITTING DROP' 
_exptl_crystal_grow.method_ref      ? 
_exptl_crystal_grow.pH              ? 
_exptl_crystal_grow.pressure        ? 
_exptl_crystal_grow.pressure_esd    ? 
_exptl_crystal_grow.seeding         ? 
_exptl_crystal_grow.seeding_ref     ? 
_exptl_crystal_grow.temp_details    ? 
_exptl_crystal_grow.temp_esd        ? 
_exptl_crystal_grow.time            ? 
_exptl_crystal_grow.pdbx_details    '0.2 M Potassium sodium tartrate tetrahydrate, 0.1 M Tris pH 8.0, 20% w/v PEG 3350' 
_exptl_crystal_grow.pdbx_pH_range   ? 
_exptl_crystal_grow.temp            291 
# 
_diffrn.ambient_environment              ? 
_diffrn.ambient_temp                     100 
_diffrn.ambient_temp_details             ? 
_diffrn.ambient_temp_esd                 ? 
_diffrn.crystal_id                       1 
_diffrn.crystal_support                  ? 
_diffrn.crystal_treatment                ? 
_diffrn.details                          ? 
_diffrn.id                               1 
_diffrn.ambient_pressure                 ? 
_diffrn.ambient_pressure_esd             ? 
_diffrn.ambient_pressure_gt              ? 
_diffrn.ambient_pressure_lt              ? 
_diffrn.ambient_temp_gt                  ? 
_diffrn.ambient_temp_lt                  ? 
_diffrn.pdbx_serial_crystal_experiment   N 
# 
_diffrn_detector.details                      ? 
_diffrn_detector.detector                     PIXEL 
_diffrn_detector.diffrn_id                    1 
_diffrn_detector.type                         'DECTRIS PILATUS 6M' 
_diffrn_detector.area_resol_mean              ? 
_diffrn_detector.dtime                        ? 
_diffrn_detector.pdbx_frames_total            ? 
_diffrn_detector.pdbx_collection_time_total   ? 
_diffrn_detector.pdbx_collection_date         2023-12-24 
_diffrn_detector.pdbx_frequency               ? 
_diffrn_detector.id                           ? 
_diffrn_detector.number_of_axes               ? 
# 
_diffrn_radiation.collimation                      ? 
_diffrn_radiation.diffrn_id                        1 
_diffrn_radiation.filter_edge                      ? 
_diffrn_radiation.inhomogeneity                    ? 
_diffrn_radiation.monochromator                    ? 
_diffrn_radiation.polarisn_norm                    ? 
_diffrn_radiation.polarisn_ratio                   ? 
_diffrn_radiation.probe                            ? 
_diffrn_radiation.type                             ? 
_diffrn_radiation.xray_symbol                      ? 
_diffrn_radiation.wavelength_id                    1 
_diffrn_radiation.pdbx_monochromatic_or_laue_m_l   M 
_diffrn_radiation.pdbx_wavelength_list             ? 
_diffrn_radiation.pdbx_wavelength                  ? 
_diffrn_radiation.pdbx_diffrn_protocol             'SINGLE WAVELENGTH' 
_diffrn_radiation.pdbx_analyzer                    ? 
_diffrn_radiation.pdbx_scattering_type             x-ray 
# 
_diffrn_radiation_wavelength.id           1 
_diffrn_radiation_wavelength.wavelength   0.97861 
_diffrn_radiation_wavelength.wt           1.0 
# 
_diffrn_source.current                     ? 
_diffrn_source.details                     ? 
_diffrn_source.diffrn_id                   1 
_diffrn_source.power                       ? 
_diffrn_source.size                        ? 
_diffrn_source.source                      SYNCHROTRON 
_diffrn_source.target                      ? 
_diffrn_source.type                        'SSRF BEAMLINE BL19U1' 
_diffrn_source.voltage                     ? 
_diffrn_source.take-off_angle              ? 
_diffrn_source.pdbx_wavelength_list        0.97861 
_diffrn_source.pdbx_wavelength             ? 
_diffrn_source.pdbx_synchrotron_beamline   BL19U1 
_diffrn_source.pdbx_synchrotron_site       SSRF 
# 
_reflns.B_iso_Wilson_estimate                          ? 
_reflns.entry_id                                       8XY4 
_reflns.data_reduction_details                         ? 
_reflns.data_reduction_method                          ? 
_reflns.d_resolution_high                              2.42 
_reflns.d_resolution_low                               42.94 
_reflns.details                                        ? 
_reflns.limit_h_max                                    ? 
_reflns.limit_h_min                                    ? 
_reflns.limit_k_max                                    ? 
_reflns.limit_k_min                                    ? 
_reflns.limit_l_max                                    ? 
_reflns.limit_l_min                                    ? 
_reflns.number_all                                     ? 
_reflns.number_obs                                     8116 
_reflns.observed_criterion                             ? 
_reflns.observed_criterion_F_max                       ? 
_reflns.observed_criterion_F_min                       ? 
_reflns.observed_criterion_I_max                       ? 
_reflns.observed_criterion_I_min                       ? 
_reflns.observed_criterion_sigma_F                     ? 
_reflns.observed_criterion_sigma_I                     ? 
_reflns.percent_possible_obs                           99.9 
_reflns.R_free_details                                 ? 
_reflns.Rmerge_F_all                                   ? 
_reflns.Rmerge_F_obs                                   ? 
_reflns.Friedel_coverage                               ? 
_reflns.number_gt                                      ? 
_reflns.threshold_expression                           ? 
_reflns.pdbx_redundancy                                35.7 
_reflns.pdbx_netI_over_av_sigmaI                       ? 
_reflns.pdbx_netI_over_sigmaI                          24.5 
_reflns.pdbx_res_netI_over_av_sigmaI_2                 ? 
_reflns.pdbx_res_netI_over_sigmaI_2                    ? 
_reflns.pdbx_chi_squared                               ? 
_reflns.pdbx_scaling_rejects                           ? 
_reflns.pdbx_d_res_high_opt                            ? 
_reflns.pdbx_d_res_low_opt                             ? 
_reflns.pdbx_d_res_opt_method                          ? 
_reflns.phase_calculation_details                      ? 
_reflns.pdbx_Rrim_I_all                                ? 
_reflns.pdbx_Rpim_I_all                                ? 
_reflns.pdbx_d_opt                                     ? 
_reflns.pdbx_number_measured_all                       ? 
_reflns.pdbx_diffrn_id                                 1 
_reflns.pdbx_ordinal                                   1 
_reflns.pdbx_CC_half                                   0.999 
_reflns.pdbx_CC_star                                   ? 
_reflns.pdbx_R_split                                   ? 
_reflns.pdbx_Rmerge_I_obs                              ? 
_reflns.pdbx_Rmerge_I_all                              ? 
_reflns.pdbx_Rsym_value                                ? 
_reflns.pdbx_CC_split_method                           ? 
_reflns.pdbx_aniso_diffraction_limit_axis_1_ortho[1]   ? 
_reflns.pdbx_aniso_diffraction_limit_axis_1_ortho[2]   ? 
_reflns.pdbx_aniso_diffraction_limit_axis_1_ortho[3]   ? 
_reflns.pdbx_aniso_diffraction_limit_axis_2_ortho[1]   ? 
_reflns.pdbx_aniso_diffraction_limit_axis_2_ortho[2]   ? 
_reflns.pdbx_aniso_diffraction_limit_axis_2_ortho[3]   ? 
_reflns.pdbx_aniso_diffraction_limit_axis_3_ortho[1]   ? 
_reflns.pdbx_aniso_diffraction_limit_axis_3_ortho[2]   ? 
_reflns.pdbx_aniso_diffraction_limit_axis_3_ortho[3]   ? 
_reflns.pdbx_aniso_diffraction_limit_1                 ? 
_reflns.pdbx_aniso_diffraction_limit_2                 ? 
_reflns.pdbx_aniso_diffraction_limit_3                 ? 
_reflns.pdbx_aniso_B_tensor_eigenvector_1_ortho[1]     ? 
_reflns.pdbx_aniso_B_tensor_eigenvector_1_ortho[2]     ? 
_reflns.pdbx_aniso_B_tensor_eigenvector_1_ortho[3]     ? 
_reflns.pdbx_aniso_B_tensor_eigenvector_2_ortho[1]     ? 
_reflns.pdbx_aniso_B_tensor_eigenvector_2_ortho[2]     ? 
_reflns.pdbx_aniso_B_tensor_eigenvector_2_ortho[3]     ? 
_reflns.pdbx_aniso_B_tensor_eigenvector_3_ortho[1]     ? 
_reflns.pdbx_aniso_B_tensor_eigenvector_3_ortho[2]     ? 
_reflns.pdbx_aniso_B_tensor_eigenvector_3_ortho[3]     ? 
_reflns.pdbx_aniso_B_tensor_eigenvalue_1               ? 
_reflns.pdbx_aniso_B_tensor_eigenvalue_2               ? 
_reflns.pdbx_aniso_B_tensor_eigenvalue_3               ? 
_reflns.pdbx_orthogonalization_convention              ? 
_reflns.pdbx_percent_possible_ellipsoidal              ? 
_reflns.pdbx_percent_possible_spherical                ? 
_reflns.pdbx_percent_possible_ellipsoidal_anomalous    ? 
_reflns.pdbx_percent_possible_spherical_anomalous      ? 
_reflns.pdbx_redundancy_anomalous                      ? 
_reflns.pdbx_CC_half_anomalous                         ? 
_reflns.pdbx_absDiff_over_sigma_anomalous              ? 
_reflns.pdbx_percent_possible_anomalous                ? 
_reflns.pdbx_observed_signal_threshold                 ? 
_reflns.pdbx_signal_type                               ? 
_reflns.pdbx_signal_details                            ? 
_reflns.pdbx_signal_software_id                        ? 
# 
_reflns_shell.d_res_high                                    2.42 
_reflns_shell.d_res_low                                     2.51 
_reflns_shell.meanI_over_sigI_all                           ? 
_reflns_shell.meanI_over_sigI_obs                           ? 
_reflns_shell.number_measured_all                           ? 
_reflns_shell.number_measured_obs                           ? 
_reflns_shell.number_possible                               ? 
_reflns_shell.number_unique_all                             ? 
_reflns_shell.number_unique_obs                             826 
_reflns_shell.percent_possible_obs                          ? 
_reflns_shell.Rmerge_F_all                                  ? 
_reflns_shell.Rmerge_F_obs                                  ? 
_reflns_shell.meanI_over_sigI_gt                            ? 
_reflns_shell.meanI_over_uI_all                             ? 
_reflns_shell.meanI_over_uI_gt                              ? 
_reflns_shell.number_measured_gt                            ? 
_reflns_shell.number_unique_gt                              ? 
_reflns_shell.percent_possible_gt                           ? 
_reflns_shell.Rmerge_F_gt                                   ? 
_reflns_shell.Rmerge_I_gt                                   ? 
_reflns_shell.pdbx_redundancy                               ? 
_reflns_shell.pdbx_chi_squared                              ? 
_reflns_shell.pdbx_netI_over_sigmaI_all                     ? 
_reflns_shell.pdbx_netI_over_sigmaI_obs                     ? 
_reflns_shell.pdbx_Rrim_I_all                               ? 
_reflns_shell.pdbx_Rpim_I_all                               ? 
_reflns_shell.pdbx_rejects                                  ? 
_reflns_shell.pdbx_ordinal                                  1 
_reflns_shell.pdbx_diffrn_id                                1 
_reflns_shell.pdbx_CC_half                                  0.911 
_reflns_shell.pdbx_CC_star                                  ? 
_reflns_shell.pdbx_R_split                                  ? 
_reflns_shell.percent_possible_all                          ? 
_reflns_shell.Rmerge_I_all                                  ? 
_reflns_shell.Rmerge_I_obs                                  ? 
_reflns_shell.pdbx_Rsym_value                               ? 
_reflns_shell.pdbx_percent_possible_ellipsoidal             ? 
_reflns_shell.pdbx_percent_possible_spherical               ? 
_reflns_shell.pdbx_percent_possible_ellipsoidal_anomalous   ? 
_reflns_shell.pdbx_percent_possible_spherical_anomalous     ? 
_reflns_shell.pdbx_redundancy_anomalous                     ? 
_reflns_shell.pdbx_CC_half_anomalous                        ? 
_reflns_shell.pdbx_absDiff_over_sigma_anomalous             ? 
_reflns_shell.pdbx_percent_possible_anomalous               ? 
# 
_refine.aniso_B[1][1]                            0.969 
_refine.aniso_B[1][2]                            0.484 
_refine.aniso_B[1][3]                            -0.000 
_refine.aniso_B[2][2]                            0.969 
_refine.aniso_B[2][3]                            -0.000 
_refine.aniso_B[3][3]                            -3.143 
_refine.B_iso_max                                ? 
_refine.B_iso_mean                               43.187 
_refine.B_iso_min                                ? 
_refine.correlation_coeff_Fo_to_Fc               0.958 
_refine.correlation_coeff_Fo_to_Fc_free          0.950 
_refine.details                                  'Hydrogens have been added in their riding positions' 
_refine.diff_density_max                         ? 
_refine.diff_density_max_esd                     ? 
_refine.diff_density_min                         ? 
_refine.diff_density_min_esd                     ? 
_refine.diff_density_rms                         ? 
_refine.diff_density_rms_esd                     ? 
_refine.entry_id                                 8XY4 
_refine.pdbx_refine_id                           'X-RAY DIFFRACTION' 
_refine.ls_abs_structure_details                 ? 
_refine.ls_abs_structure_Flack                   ? 
_refine.ls_abs_structure_Flack_esd               ? 
_refine.ls_abs_structure_Rogers                  ? 
_refine.ls_abs_structure_Rogers_esd              ? 
_refine.ls_d_res_high                            2.420 
_refine.ls_d_res_low                             42.94 
_refine.ls_extinction_coef                       ? 
_refine.ls_extinction_coef_esd                   ? 
_refine.ls_extinction_expression                 ? 
_refine.ls_extinction_method                     ? 
_refine.ls_goodness_of_fit_all                   ? 
_refine.ls_goodness_of_fit_all_esd               ? 
_refine.ls_goodness_of_fit_obs                   ? 
_refine.ls_goodness_of_fit_obs_esd               ? 
_refine.ls_hydrogen_treatment                    ? 
_refine.ls_matrix_type                           ? 
_refine.ls_number_constraints                    ? 
_refine.ls_number_parameters                     ? 
_refine.ls_number_reflns_all                     ? 
_refine.ls_number_reflns_obs                     8092 
_refine.ls_number_reflns_R_free                  405 
_refine.ls_number_reflns_R_work                  7687 
_refine.ls_number_restraints                     ? 
_refine.ls_percent_reflns_obs                    99.840 
_refine.ls_percent_reflns_R_free                 5.005 
_refine.ls_R_factor_all                          0.172 
_refine.ls_R_factor_obs                          ? 
_refine.ls_R_factor_R_free                       0.2062 
_refine.ls_R_factor_R_free_error                 ? 
_refine.ls_R_factor_R_free_error_details         ? 
_refine.ls_R_factor_R_work                       0.1701 
_refine.ls_R_Fsqd_factor_obs                     ? 
_refine.ls_R_I_factor_obs                        ? 
_refine.ls_redundancy_reflns_all                 ? 
_refine.ls_redundancy_reflns_obs                 ? 
_refine.ls_restrained_S_all                      ? 
_refine.ls_restrained_S_obs                      ? 
_refine.ls_shift_over_esd_max                    ? 
_refine.ls_shift_over_esd_mean                   ? 
_refine.ls_structure_factor_coef                 ? 
_refine.ls_weighting_details                     ? 
_refine.ls_weighting_scheme                      ? 
_refine.ls_wR_factor_all                         ? 
_refine.ls_wR_factor_obs                         ? 
_refine.ls_wR_factor_R_free                      ? 
_refine.ls_wR_factor_R_work                      ? 
_refine.occupancy_max                            ? 
_refine.occupancy_min                            ? 
_refine.solvent_model_details                    'MASK BULK SOLVENT' 
_refine.solvent_model_param_bsol                 ? 
_refine.solvent_model_param_ksol                 ? 
_refine.pdbx_R_complete                          ? 
_refine.ls_R_factor_gt                           ? 
_refine.ls_goodness_of_fit_gt                    ? 
_refine.ls_goodness_of_fit_ref                   ? 
_refine.ls_shift_over_su_max                     ? 
_refine.ls_shift_over_su_max_lt                  ? 
_refine.ls_shift_over_su_mean                    ? 
_refine.ls_shift_over_su_mean_lt                 ? 
_refine.pdbx_ls_sigma_I                          ? 
_refine.pdbx_ls_sigma_F                          ? 
_refine.pdbx_ls_sigma_Fsqd                       ? 
_refine.pdbx_data_cutoff_high_absF               ? 
_refine.pdbx_data_cutoff_high_rms_absF           ? 
_refine.pdbx_data_cutoff_low_absF                ? 
_refine.pdbx_isotropic_thermal_model             ? 
_refine.pdbx_ls_cross_valid_method               'FREE R-VALUE' 
_refine.pdbx_method_to_determine_struct          'MOLECULAR REPLACEMENT' 
_refine.pdbx_starting_model                      ? 
_refine.pdbx_stereochemistry_target_values       ? 
_refine.pdbx_R_Free_selection_details            ? 
_refine.pdbx_stereochem_target_val_spec_case     ? 
_refine.pdbx_overall_ESU_R                       0.248 
_refine.pdbx_overall_ESU_R_Free                  0.194 
_refine.pdbx_solvent_vdw_probe_radii             1.200 
_refine.pdbx_solvent_ion_probe_radii             0.800 
_refine.pdbx_solvent_shrinkage_radii             0.800 
_refine.pdbx_real_space_R                        ? 
_refine.pdbx_density_correlation                 ? 
_refine.pdbx_pd_number_of_powder_patterns        ? 
_refine.pdbx_pd_number_of_points                 ? 
_refine.pdbx_pd_meas_number_of_points            ? 
_refine.pdbx_pd_proc_ls_prof_R_factor            ? 
_refine.pdbx_pd_proc_ls_prof_wR_factor           ? 
_refine.pdbx_pd_Marquardt_correlation_coeff      ? 
_refine.pdbx_pd_Fsqrd_R_factor                   ? 
_refine.pdbx_pd_ls_matrix_band_width             ? 
_refine.pdbx_overall_phase_error                 ? 
_refine.pdbx_overall_SU_R_free_Cruickshank_DPI   ? 
_refine.pdbx_overall_SU_R_free_Blow_DPI          ? 
_refine.pdbx_overall_SU_R_Blow_DPI               ? 
_refine.pdbx_TLS_residual_ADP_flag               ? 
_refine.pdbx_diffrn_id                           1 
_refine.overall_SU_B                             6.324 
_refine.overall_SU_ML                            0.141 
_refine.overall_SU_R_Cruickshank_DPI             ? 
_refine.overall_SU_R_free                        ? 
_refine.overall_FOM_free_R_set                   ? 
_refine.overall_FOM_work_R_set                   ? 
_refine.pdbx_average_fsc_overall                 ? 
_refine.pdbx_average_fsc_work                    ? 
_refine.pdbx_average_fsc_free                    ? 
# 
_refine_hist.pdbx_refine_id                   'X-RAY DIFFRACTION' 
_refine_hist.cycle_id                         LAST 
_refine_hist.pdbx_number_atoms_protein        1014 
_refine_hist.pdbx_number_atoms_nucleic_acid   0 
_refine_hist.pdbx_number_atoms_ligand         0 
_refine_hist.number_atoms_solvent             85 
_refine_hist.number_atoms_total               1099 
_refine_hist.d_res_high                       2.420 
_refine_hist.d_res_low                        42.94 
# 
loop_
_refine_ls_restr.pdbx_refine_id 
_refine_ls_restr.criterion 
_refine_ls_restr.dev_ideal 
_refine_ls_restr.dev_ideal_target 
_refine_ls_restr.number 
_refine_ls_restr.rejects 
_refine_ls_restr.type 
_refine_ls_restr.weight 
_refine_ls_restr.pdbx_restraint_function 
'X-RAY DIFFRACTION' ? 0.010  0.013  1055 ? r_bond_refined_d               ? ? 
'X-RAY DIFFRACTION' ? 0.001  0.017  977  ? r_bond_other_d                 ? ? 
'X-RAY DIFFRACTION' ? 1.660  1.642  1429 ? r_angle_refined_deg            ? ? 
'X-RAY DIFFRACTION' ? 1.412  1.589  2264 ? r_angle_other_deg              ? ? 
'X-RAY DIFFRACTION' ? 6.466  5.000  129  ? r_dihedral_angle_1_deg         ? ? 
'X-RAY DIFFRACTION' ? 33.980 22.429 70   ? r_dihedral_angle_2_deg         ? ? 
'X-RAY DIFFRACTION' ? 12.650 15.000 201  ? r_dihedral_angle_3_deg         ? ? 
'X-RAY DIFFRACTION' ? 12.452 15.000 10   ? r_dihedral_angle_4_deg         ? ? 
'X-RAY DIFFRACTION' ? 0.089  0.200  138  ? r_chiral_restr                 ? ? 
'X-RAY DIFFRACTION' ? 0.007  0.020  1188 ? r_gen_planes_refined           ? ? 
'X-RAY DIFFRACTION' ? 0.001  0.020  234  ? r_gen_planes_other             ? ? 
'X-RAY DIFFRACTION' ? 0.211  0.200  232  ? r_nbd_refined                  ? ? 
'X-RAY DIFFRACTION' ? 0.176  0.200  896  ? r_symmetry_nbd_other           ? ? 
'X-RAY DIFFRACTION' ? 0.171  0.200  505  ? r_nbtor_refined                ? ? 
'X-RAY DIFFRACTION' ? 0.078  0.200  464  ? r_symmetry_nbtor_other         ? ? 
'X-RAY DIFFRACTION' ? 0.168  0.200  72   ? r_xyhbond_nbd_refined          ? ? 
'X-RAY DIFFRACTION' ? 0.108  0.200  4    ? r_symmetry_nbd_refined         ? ? 
'X-RAY DIFFRACTION' ? 0.202  0.200  29   ? r_nbd_other                    ? ? 
'X-RAY DIFFRACTION' ? 0.152  0.200  8    ? r_symmetry_xyhbond_nbd_refined ? ? 
'X-RAY DIFFRACTION' ? 3.776  4.352  495  ? r_mcbond_it                    ? ? 
'X-RAY DIFFRACTION' ? 3.763  4.346  494  ? r_mcbond_other                 ? ? 
'X-RAY DIFFRACTION' ? 5.162  6.517  619  ? r_mcangle_it                   ? ? 
'X-RAY DIFFRACTION' ? 5.164  6.525  620  ? r_mcangle_other                ? ? 
'X-RAY DIFFRACTION' ? 4.810  4.782  560  ? r_scbond_it                    ? ? 
'X-RAY DIFFRACTION' ? 4.778  4.770  558  ? r_scbond_other                 ? ? 
'X-RAY DIFFRACTION' ? 6.615  6.973  806  ? r_scangle_it                   ? ? 
'X-RAY DIFFRACTION' ? 6.613  6.975  806  ? r_scangle_other                ? ? 
'X-RAY DIFFRACTION' ? 8.436  50.254 1242 ? r_lrange_it                    ? ? 
'X-RAY DIFFRACTION' ? 8.442  50.179 1235 ? r_lrange_other                 ? ? 
# 
loop_
_refine_ls_shell.pdbx_refine_id 
_refine_ls_shell.d_res_high 
_refine_ls_shell.d_res_low 
_refine_ls_shell.number_reflns_all 
_refine_ls_shell.number_reflns_obs 
_refine_ls_shell.number_reflns_R_free 
_refine_ls_shell.number_reflns_R_work 
_refine_ls_shell.percent_reflns_obs 
_refine_ls_shell.percent_reflns_R_free 
_refine_ls_shell.R_factor_all 
_refine_ls_shell.R_factor_obs 
_refine_ls_shell.R_factor_R_free_error 
_refine_ls_shell.R_factor_R_work 
_refine_ls_shell.redundancy_reflns_all 
_refine_ls_shell.redundancy_reflns_obs 
_refine_ls_shell.wR_factor_all 
_refine_ls_shell.wR_factor_obs 
_refine_ls_shell.wR_factor_R_free 
_refine_ls_shell.wR_factor_R_work 
_refine_ls_shell.pdbx_R_complete 
_refine_ls_shell.pdbx_total_number_of_bins_used 
_refine_ls_shell.pdbx_phase_error 
_refine_ls_shell.pdbx_fsc_work 
_refine_ls_shell.pdbx_fsc_free 
_refine_ls_shell.R_factor_R_free 
'X-RAY DIFFRACTION' 2.420  2.483  . . 34 536 99.1304  . . . . 0.246 . . . . . . . . . . . 0.328 
'X-RAY DIFFRACTION' 2.483  2.551  . . 31 531 99.6454  . . . . 0.240 . . . . . . . . . . . 0.281 
'X-RAY DIFFRACTION' 2.551  2.625  . . 28 525 100.0000 . . . . 0.220 . . . . . . . . . . . 0.330 
'X-RAY DIFFRACTION' 2.625  2.705  . . 20 514 99.8131  . . . . 0.187 . . . . . . . . . . . 0.250 
'X-RAY DIFFRACTION' 2.705  2.794  . . 25 495 100.0000 . . . . 0.174 . . . . . . . . . . . 0.207 
'X-RAY DIFFRACTION' 2.794  2.892  . . 19 490 100.0000 . . . . 0.151 . . . . . . . . . . . 0.163 
'X-RAY DIFFRACTION' 2.892  3.001  . . 21 464 100.0000 . . . . 0.166 . . . . . . . . . . . 0.253 
'X-RAY DIFFRACTION' 3.001  3.123  . . 22 452 99.7895  . . . . 0.171 . . . . . . . . . . . 0.246 
'X-RAY DIFFRACTION' 3.123  3.261  . . 19 431 100.0000 . . . . 0.177 . . . . . . . . . . . 0.201 
'X-RAY DIFFRACTION' 3.261  3.420  . . 23 412 100.0000 . . . . 0.173 . . . . . . . . . . . 0.242 
'X-RAY DIFFRACTION' 3.420  3.605  . . 21 399 100.0000 . . . . 0.180 . . . . . . . . . . . 0.170 
'X-RAY DIFFRACTION' 3.605  3.823  . . 24 368 99.7455  . . . . 0.180 . . . . . . . . . . . 0.250 
'X-RAY DIFFRACTION' 3.823  4.086  . . 16 368 100.0000 . . . . 0.137 . . . . . . . . . . . 0.227 
'X-RAY DIFFRACTION' 4.086  4.412  . . 19 328 100.0000 . . . . 0.134 . . . . . . . . . . . 0.200 
'X-RAY DIFFRACTION' 4.412  4.831  . . 15 320 100.0000 . . . . 0.139 . . . . . . . . . . . 0.135 
'X-RAY DIFFRACTION' 4.831  5.397  . . 26 271 100.0000 . . . . 0.138 . . . . . . . . . . . 0.170 
'X-RAY DIFFRACTION' 5.397  6.226  . . 10 263 100.0000 . . . . 0.181 . . . . . . . . . . . 0.265 
'X-RAY DIFFRACTION' 6.226  7.609  . . 14 223 100.0000 . . . . 0.169 . . . . . . . . . . . 0.159 
'X-RAY DIFFRACTION' 7.609  10.693 . . 10 179 100.0000 . . . . 0.132 . . . . . . . . . . . 0.128 
'X-RAY DIFFRACTION' 10.693 42.94  . . 8  118 98.4375  . . . . 0.274 . . . . . . . . . . . 0.249 
# 
_struct.entry_id                     8XY4 
_struct.title                        'Crystal structure of VACV N1 protein' 
_struct.pdbx_model_details           ? 
_struct.pdbx_formula_weight          ? 
_struct.pdbx_formula_weight_method   ? 
_struct.pdbx_model_type_details      ? 
_struct.pdbx_CASP_flag               N 
# 
_struct_keywords.entry_id        8XY4 
_struct_keywords.text            'VACV, N1, Viral protein' 
_struct_keywords.pdbx_keywords   'VIRAL PROTEIN' 
# 
loop_
_struct_asym.id 
_struct_asym.pdbx_blank_PDB_chainid_flag 
_struct_asym.pdbx_modified 
_struct_asym.entity_id 
_struct_asym.details 
A N N 1 ? 
B N N 2 ? 
# 
_struct_ref.id                         1 
_struct_ref.db_name                    UNP 
_struct_ref.db_code                    Q49PX0_9POXV 
_struct_ref.pdbx_db_accession          Q49PX0 
_struct_ref.pdbx_db_isoform            ? 
_struct_ref.entity_id                  1 
_struct_ref.pdbx_seq_one_letter_code   
;MRTLLIRYILWRNDNDQTYYNDDFKKLMLLDELVDDGDVCTLIKNMRMTLSDGPLLDRLNQPVNNIEDAKRMIAISAKVA
RDIGERSEIRWEESFTILFRMIETYFDDLMIDLYGEK
;
_struct_ref.pdbx_align_begin           1 
# 
_struct_ref_seq.align_id                      1 
_struct_ref_seq.ref_id                        1 
_struct_ref_seq.pdbx_PDB_id_code              8XY4 
_struct_ref_seq.pdbx_strand_id                A 
_struct_ref_seq.seq_align_beg                 20 
_struct_ref_seq.pdbx_seq_align_beg_ins_code   ? 
_struct_ref_seq.seq_align_end                 136 
_struct_ref_seq.pdbx_seq_align_end_ins_code   ? 
_struct_ref_seq.pdbx_db_accession             Q49PX0 
_struct_ref_seq.db_align_beg                  1 
_struct_ref_seq.pdbx_db_align_beg_ins_code    ? 
_struct_ref_seq.db_align_end                  117 
_struct_ref_seq.pdbx_db_align_end_ins_code    ? 
_struct_ref_seq.pdbx_auth_seq_align_beg       1 
_struct_ref_seq.pdbx_auth_seq_align_end       117 
# 
loop_
_struct_ref_seq_dif.align_id 
_struct_ref_seq_dif.pdbx_pdb_id_code 
_struct_ref_seq_dif.mon_id 
_struct_ref_seq_dif.pdbx_pdb_strand_id 
_struct_ref_seq_dif.seq_num 
_struct_ref_seq_dif.pdbx_pdb_ins_code 
_struct_ref_seq_dif.pdbx_seq_db_name 
_struct_ref_seq_dif.pdbx_seq_db_accession_code 
_struct_ref_seq_dif.db_mon_id 
_struct_ref_seq_dif.pdbx_seq_db_seq_num 
_struct_ref_seq_dif.details 
_struct_ref_seq_dif.pdbx_auth_seq_num 
_struct_ref_seq_dif.pdbx_ordinal 
1 8XY4 MET A 1  ? UNP Q49PX0 ? ? 'initiating methionine' -18 1  
1 8XY4 GLY A 2  ? UNP Q49PX0 ? ? 'expression tag'        -17 2  
1 8XY4 HIS A 3  ? UNP Q49PX0 ? ? 'expression tag'        -16 3  
1 8XY4 HIS A 4  ? UNP Q49PX0 ? ? 'expression tag'        -15 4  
1 8XY4 HIS A 5  ? UNP Q49PX0 ? ? 'expression tag'        -14 5  
1 8XY4 HIS A 6  ? UNP Q49PX0 ? ? 'expression tag'        -13 6  
1 8XY4 HIS A 7  ? UNP Q49PX0 ? ? 'expression tag'        -12 7  
1 8XY4 HIS A 8  ? UNP Q49PX0 ? ? 'expression tag'        -11 8  
1 8XY4 SER A 9  ? UNP Q49PX0 ? ? 'expression tag'        -10 9  
1 8XY4 GLY A 10 ? UNP Q49PX0 ? ? 'expression tag'        -9  10 
1 8XY4 GLU A 11 ? UNP Q49PX0 ? ? 'expression tag'        -8  11 
1 8XY4 ASN A 12 ? UNP Q49PX0 ? ? 'expression tag'        -7  12 
1 8XY4 LEU A 13 ? UNP Q49PX0 ? ? 'expression tag'        -6  13 
1 8XY4 TYR A 14 ? UNP Q49PX0 ? ? 'expression tag'        -5  14 
1 8XY4 PHE A 15 ? UNP Q49PX0 ? ? 'expression tag'        -4  15 
1 8XY4 GLN A 16 ? UNP Q49PX0 ? ? 'expression tag'        -3  16 
1 8XY4 GLY A 17 ? UNP Q49PX0 ? ? 'expression tag'        -2  17 
1 8XY4 ALA A 18 ? UNP Q49PX0 ? ? 'expression tag'        -1  18 
1 8XY4 SER A 19 ? UNP Q49PX0 ? ? 'expression tag'        0   19 
# 
_pdbx_struct_assembly.id                   1 
_pdbx_struct_assembly.details              author_and_software_defined_assembly 
_pdbx_struct_assembly.method_details       PISA 
_pdbx_struct_assembly.oligomeric_details   dimeric 
_pdbx_struct_assembly.oligomeric_count     2 
# 
loop_
_pdbx_struct_assembly_prop.biol_id 
_pdbx_struct_assembly_prop.type 
_pdbx_struct_assembly_prop.value 
_pdbx_struct_assembly_prop.details 
1 'ABSA (A^2)' 2410  ? 
1 MORE         -3    ? 
1 'SSA (A^2)'  12140 ? 
# 
_pdbx_struct_assembly_gen.assembly_id       1 
_pdbx_struct_assembly_gen.oper_expression   1,2 
_pdbx_struct_assembly_gen.asym_id_list      A,B 
# 
loop_
_pdbx_struct_assembly_auth_evidence.id 
_pdbx_struct_assembly_auth_evidence.assembly_id 
_pdbx_struct_assembly_auth_evidence.experimental_support 
_pdbx_struct_assembly_auth_evidence.details 
1 1 'gel filtration' ? 
2 1 cross-linking    ? 
# 
loop_
_pdbx_struct_oper_list.id 
_pdbx_struct_oper_list.type 
_pdbx_struct_oper_list.name 
_pdbx_struct_oper_list.symmetry_operation 
_pdbx_struct_oper_list.matrix[1][1] 
_pdbx_struct_oper_list.matrix[1][2] 
_pdbx_struct_oper_list.matrix[1][3] 
_pdbx_struct_oper_list.vector[1] 
_pdbx_struct_oper_list.matrix[2][1] 
_pdbx_struct_oper_list.matrix[2][2] 
_pdbx_struct_oper_list.matrix[2][3] 
_pdbx_struct_oper_list.vector[2] 
_pdbx_struct_oper_list.matrix[3][1] 
_pdbx_struct_oper_list.matrix[3][2] 
_pdbx_struct_oper_list.matrix[3][3] 
_pdbx_struct_oper_list.vector[3] 
1 'identity operation'         1_555  x,y,z           1.0000000000  0.0000000000 0.0000000000  0.0000000000  0.0000000000 1.0000000000  0.0000000000  0.0000000000   0.0000000000  0.0000000000  1.0000000000 0.0000000000  
2 'crystal symmetry operation' 11_655 -x+y+1,y,-z+1/2 -0.9877275289 0.0065575263 -0.1560491186 -1.6833450495 0.0065575263 -0.9964961293 -0.0833814313 -22.7083374979 -0.1560491186 -0.0833814313 0.9842236583 -1.0866407042 
# 
loop_
_struct_conf.conf_type_id 
_struct_conf.id 
_struct_conf.pdbx_PDB_helix_id 
_struct_conf.beg_label_comp_id 
_struct_conf.beg_label_asym_id 
_struct_conf.beg_label_seq_id 
_struct_conf.pdbx_beg_PDB_ins_code 
_struct_conf.end_label_comp_id 
_struct_conf.end_label_asym_id 
_struct_conf.end_label_seq_id 
_struct_conf.pdbx_end_PDB_ins_code 
_struct_conf.beg_auth_comp_id 
_struct_conf.beg_auth_asym_id 
_struct_conf.beg_auth_seq_id 
_struct_conf.end_auth_comp_id 
_struct_conf.end_auth_asym_id 
_struct_conf.end_auth_seq_id 
_struct_conf.pdbx_PDB_helix_class 
_struct_conf.details 
_struct_conf.pdbx_PDB_helix_length 
HELX_P HELX_P1  AA1 SER A 19  ? ASN A 34  ? SER A 0   ASN A 15  1 ? 16 
HELX_P HELX_P2  AA2 ASP A 35  ? TYR A 39  ? ASP A 16  TYR A 20  5 ? 5  
HELX_P HELX_P3  AA3 ASN A 40  ? ASP A 41  ? ASN A 21  ASP A 22  5 ? 2  
HELX_P HELX_P4  AA4 ASP A 42  ? LEU A 48  ? ASP A 23  LEU A 29  1 ? 7  
HELX_P HELX_P5  AA5 LEU A 49  ? VAL A 53  ? LEU A 30  VAL A 34  5 ? 5  
HELX_P HELX_P6  AA6 ASP A 54  ? GLY A 56  ? ASP A 35  GLY A 37  5 ? 3  
HELX_P HELX_P7  AA7 ASP A 57  ? ARG A 66  ? ASP A 38  ARG A 47  1 ? 10 
HELX_P HELX_P8  AA8 LEU A 74  ? ASN A 79  ? LEU A 55  ASN A 60  5 ? 6  
HELX_P HELX_P9  AA9 ASN A 84  ? GLY A 103 ? ASN A 65  GLY A 84  1 ? 20 
HELX_P HELX_P10 AB1 ARG A 109 ? GLU A 122 ? ARG A 90  GLU A 103 1 ? 14 
HELX_P HELX_P11 AB2 TYR A 124 ? GLY A 134 ? TYR A 105 GLY A 115 1 ? 11 
# 
_struct_conf_type.id          HELX_P 
_struct_conf_type.criteria    ? 
_struct_conf_type.reference   ? 
# 
_pdbx_entry_details.entry_id                   8XY4 
_pdbx_entry_details.compound_details           ? 
_pdbx_entry_details.source_details             ? 
_pdbx_entry_details.nonpolymer_details         ? 
_pdbx_entry_details.sequence_details           ? 
_pdbx_entry_details.has_ligand_of_interest     ? 
_pdbx_entry_details.has_protein_modification   N 
# 
_pdbx_validate_torsion.id              1 
_pdbx_validate_torsion.PDB_model_num   1 
_pdbx_validate_torsion.auth_comp_id    LEU 
_pdbx_validate_torsion.auth_asym_id    A 
_pdbx_validate_torsion.auth_seq_id     55 
_pdbx_validate_torsion.PDB_ins_code    ? 
_pdbx_validate_torsion.label_alt_id    ? 
_pdbx_validate_torsion.phi             -113.38 
_pdbx_validate_torsion.psi             73.50 
# 
_pdbx_struct_special_symmetry.id              1 
_pdbx_struct_special_symmetry.PDB_model_num   1 
_pdbx_struct_special_symmetry.auth_asym_id    A 
_pdbx_struct_special_symmetry.auth_comp_id    HOH 
_pdbx_struct_special_symmetry.auth_seq_id     280 
_pdbx_struct_special_symmetry.PDB_ins_code    ? 
_pdbx_struct_special_symmetry.label_asym_id   B 
_pdbx_struct_special_symmetry.label_comp_id   HOH 
_pdbx_struct_special_symmetry.label_seq_id    . 
# 
loop_
_pdbx_unobs_or_zero_occ_residues.id 
_pdbx_unobs_or_zero_occ_residues.PDB_model_num 
_pdbx_unobs_or_zero_occ_residues.polymer_flag 
_pdbx_unobs_or_zero_occ_residues.occupancy_flag 
_pdbx_unobs_or_zero_occ_residues.auth_asym_id 
_pdbx_unobs_or_zero_occ_residues.auth_comp_id 
_pdbx_unobs_or_zero_occ_residues.auth_seq_id 
_pdbx_unobs_or_zero_occ_residues.PDB_ins_code 
_pdbx_unobs_or_zero_occ_residues.label_asym_id 
_pdbx_unobs_or_zero_occ_residues.label_comp_id 
_pdbx_unobs_or_zero_occ_residues.label_seq_id 
1  1 Y 1 A MET -18 ? A MET 1   
2  1 Y 1 A GLY -17 ? A GLY 2   
3  1 Y 1 A HIS -16 ? A HIS 3   
4  1 Y 1 A HIS -15 ? A HIS 4   
5  1 Y 1 A HIS -14 ? A HIS 5   
6  1 Y 1 A HIS -13 ? A HIS 6   
7  1 Y 1 A HIS -12 ? A HIS 7   
8  1 Y 1 A HIS -11 ? A HIS 8   
9  1 Y 1 A SER -10 ? A SER 9   
10 1 Y 1 A GLY -9  ? A GLY 10  
11 1 Y 1 A GLU -8  ? A GLU 11  
12 1 Y 1 A ASN -7  ? A ASN 12  
13 1 Y 1 A LEU -6  ? A LEU 13  
14 1 Y 1 A LYS 117 ? A LYS 136 
# 
loop_
_chem_comp_atom.comp_id 
_chem_comp_atom.atom_id 
_chem_comp_atom.type_symbol 
_chem_comp_atom.pdbx_aromatic_flag 
_chem_comp_atom.pdbx_stereo_config 
_chem_comp_atom.pdbx_ordinal 
ALA N    N N N 1   
ALA CA   C N S 2   
ALA C    C N N 3   
ALA O    O N N 4   
ALA CB   C N N 5   
ALA OXT  O N N 6   
ALA H    H N N 7   
ALA H2   H N N 8   
ALA HA   H N N 9   
ALA HB1  H N N 10  
ALA HB2  H N N 11  
ALA HB3  H N N 12  
ALA HXT  H N N 13  
ARG N    N N N 14  
ARG CA   C N S 15  
ARG C    C N N 16  
ARG O    O N N 17  
ARG CB   C N N 18  
ARG CG   C N N 19  
ARG CD   C N N 20  
ARG NE   N N N 21  
ARG CZ   C N N 22  
ARG NH1  N N N 23  
ARG NH2  N N N 24  
ARG OXT  O N N 25  
ARG H    H N N 26  
ARG H2   H N N 27  
ARG HA   H N N 28  
ARG HB2  H N N 29  
ARG HB3  H N N 30  
ARG HG2  H N N 31  
ARG HG3  H N N 32  
ARG HD2  H N N 33  
ARG HD3  H N N 34  
ARG HE   H N N 35  
ARG HH11 H N N 36  
ARG HH12 H N N 37  
ARG HH21 H N N 38  
ARG HH22 H N N 39  
ARG HXT  H N N 40  
ASN N    N N N 41  
ASN CA   C N S 42  
ASN C    C N N 43  
ASN O    O N N 44  
ASN CB   C N N 45  
ASN CG   C N N 46  
ASN OD1  O N N 47  
ASN ND2  N N N 48  
ASN OXT  O N N 49  
ASN H    H N N 50  
ASN H2   H N N 51  
ASN HA   H N N 52  
ASN HB2  H N N 53  
ASN HB3  H N N 54  
ASN HD21 H N N 55  
ASN HD22 H N N 56  
ASN HXT  H N N 57  
ASP N    N N N 58  
ASP CA   C N S 59  
ASP C    C N N 60  
ASP O    O N N 61  
ASP CB   C N N 62  
ASP CG   C N N 63  
ASP OD1  O N N 64  
ASP OD2  O N N 65  
ASP OXT  O N N 66  
ASP H    H N N 67  
ASP H2   H N N 68  
ASP HA   H N N 69  
ASP HB2  H N N 70  
ASP HB3  H N N 71  
ASP HD2  H N N 72  
ASP HXT  H N N 73  
CYS N    N N N 74  
CYS CA   C N R 75  
CYS C    C N N 76  
CYS O    O N N 77  
CYS CB   C N N 78  
CYS SG   S N N 79  
CYS OXT  O N N 80  
CYS H    H N N 81  
CYS H2   H N N 82  
CYS HA   H N N 83  
CYS HB2  H N N 84  
CYS HB3  H N N 85  
CYS HG   H N N 86  
CYS HXT  H N N 87  
GLN N    N N N 88  
GLN CA   C N S 89  
GLN C    C N N 90  
GLN O    O N N 91  
GLN CB   C N N 92  
GLN CG   C N N 93  
GLN CD   C N N 94  
GLN OE1  O N N 95  
GLN NE2  N N N 96  
GLN OXT  O N N 97  
GLN H    H N N 98  
GLN H2   H N N 99  
GLN HA   H N N 100 
GLN HB2  H N N 101 
GLN HB3  H N N 102 
GLN HG2  H N N 103 
GLN HG3  H N N 104 
GLN HE21 H N N 105 
GLN HE22 H N N 106 
GLN HXT  H N N 107 
GLU N    N N N 108 
GLU CA   C N S 109 
GLU C    C N N 110 
GLU O    O N N 111 
GLU CB   C N N 112 
GLU CG   C N N 113 
GLU CD   C N N 114 
GLU OE1  O N N 115 
GLU OE2  O N N 116 
GLU OXT  O N N 117 
GLU H    H N N 118 
GLU H2   H N N 119 
GLU HA   H N N 120 
GLU HB2  H N N 121 
GLU HB3  H N N 122 
GLU HG2  H N N 123 
GLU HG3  H N N 124 
GLU HE2  H N N 125 
GLU HXT  H N N 126 
GLY N    N N N 127 
GLY CA   C N N 128 
GLY C    C N N 129 
GLY O    O N N 130 
GLY OXT  O N N 131 
GLY H    H N N 132 
GLY H2   H N N 133 
GLY HA2  H N N 134 
GLY HA3  H N N 135 
GLY HXT  H N N 136 
HIS N    N N N 137 
HIS CA   C N S 138 
HIS C    C N N 139 
HIS O    O N N 140 
HIS CB   C N N 141 
HIS CG   C Y N 142 
HIS ND1  N Y N 143 
HIS CD2  C Y N 144 
HIS CE1  C Y N 145 
HIS NE2  N Y N 146 
HIS OXT  O N N 147 
HIS H    H N N 148 
HIS H2   H N N 149 
HIS HA   H N N 150 
HIS HB2  H N N 151 
HIS HB3  H N N 152 
HIS HD1  H N N 153 
HIS HD2  H N N 154 
HIS HE1  H N N 155 
HIS HE2  H N N 156 
HIS HXT  H N N 157 
HOH O    O N N 158 
HOH H1   H N N 159 
HOH H2   H N N 160 
ILE N    N N N 161 
ILE CA   C N S 162 
ILE C    C N N 163 
ILE O    O N N 164 
ILE CB   C N S 165 
ILE CG1  C N N 166 
ILE CG2  C N N 167 
ILE CD1  C N N 168 
ILE OXT  O N N 169 
ILE H    H N N 170 
ILE H2   H N N 171 
ILE HA   H N N 172 
ILE HB   H N N 173 
ILE HG12 H N N 174 
ILE HG13 H N N 175 
ILE HG21 H N N 176 
ILE HG22 H N N 177 
ILE HG23 H N N 178 
ILE HD11 H N N 179 
ILE HD12 H N N 180 
ILE HD13 H N N 181 
ILE HXT  H N N 182 
LEU N    N N N 183 
LEU CA   C N S 184 
LEU C    C N N 185 
LEU O    O N N 186 
LEU CB   C N N 187 
LEU CG   C N N 188 
LEU CD1  C N N 189 
LEU CD2  C N N 190 
LEU OXT  O N N 191 
LEU H    H N N 192 
LEU H2   H N N 193 
LEU HA   H N N 194 
LEU HB2  H N N 195 
LEU HB3  H N N 196 
LEU HG   H N N 197 
LEU HD11 H N N 198 
LEU HD12 H N N 199 
LEU HD13 H N N 200 
LEU HD21 H N N 201 
LEU HD22 H N N 202 
LEU HD23 H N N 203 
LEU HXT  H N N 204 
LYS N    N N N 205 
LYS CA   C N S 206 
LYS C    C N N 207 
LYS O    O N N 208 
LYS CB   C N N 209 
LYS CG   C N N 210 
LYS CD   C N N 211 
LYS CE   C N N 212 
LYS NZ   N N N 213 
LYS OXT  O N N 214 
LYS H    H N N 215 
LYS H2   H N N 216 
LYS HA   H N N 217 
LYS HB2  H N N 218 
LYS HB3  H N N 219 
LYS HG2  H N N 220 
LYS HG3  H N N 221 
LYS HD2  H N N 222 
LYS HD3  H N N 223 
LYS HE2  H N N 224 
LYS HE3  H N N 225 
LYS HZ1  H N N 226 
LYS HZ2  H N N 227 
LYS HZ3  H N N 228 
LYS HXT  H N N 229 
MET N    N N N 230 
MET CA   C N S 231 
MET C    C N N 232 
MET O    O N N 233 
MET CB   C N N 234 
MET CG   C N N 235 
MET SD   S N N 236 
MET CE   C N N 237 
MET OXT  O N N 238 
MET H    H N N 239 
MET H2   H N N 240 
MET HA   H N N 241 
MET HB2  H N N 242 
MET HB3  H N N 243 
MET HG2  H N N 244 
MET HG3  H N N 245 
MET HE1  H N N 246 
MET HE2  H N N 247 
MET HE3  H N N 248 
MET HXT  H N N 249 
PHE N    N N N 250 
PHE CA   C N S 251 
PHE C    C N N 252 
PHE O    O N N 253 
PHE CB   C N N 254 
PHE CG   C Y N 255 
PHE CD1  C Y N 256 
PHE CD2  C Y N 257 
PHE CE1  C Y N 258 
PHE CE2  C Y N 259 
PHE CZ   C Y N 260 
PHE OXT  O N N 261 
PHE H    H N N 262 
PHE H2   H N N 263 
PHE HA   H N N 264 
PHE HB2  H N N 265 
PHE HB3  H N N 266 
PHE HD1  H N N 267 
PHE HD2  H N N 268 
PHE HE1  H N N 269 
PHE HE2  H N N 270 
PHE HZ   H N N 271 
PHE HXT  H N N 272 
PRO N    N N N 273 
PRO CA   C N S 274 
PRO C    C N N 275 
PRO O    O N N 276 
PRO CB   C N N 277 
PRO CG   C N N 278 
PRO CD   C N N 279 
PRO OXT  O N N 280 
PRO H    H N N 281 
PRO HA   H N N 282 
PRO HB2  H N N 283 
PRO HB3  H N N 284 
PRO HG2  H N N 285 
PRO HG3  H N N 286 
PRO HD2  H N N 287 
PRO HD3  H N N 288 
PRO HXT  H N N 289 
SER N    N N N 290 
SER CA   C N S 291 
SER C    C N N 292 
SER O    O N N 293 
SER CB   C N N 294 
SER OG   O N N 295 
SER OXT  O N N 296 
SER H    H N N 297 
SER H2   H N N 298 
SER HA   H N N 299 
SER HB2  H N N 300 
SER HB3  H N N 301 
SER HG   H N N 302 
SER HXT  H N N 303 
THR N    N N N 304 
THR CA   C N S 305 
THR C    C N N 306 
THR O    O N N 307 
THR CB   C N R 308 
THR OG1  O N N 309 
THR CG2  C N N 310 
THR OXT  O N N 311 
THR H    H N N 312 
THR H2   H N N 313 
THR HA   H N N 314 
THR HB   H N N 315 
THR HG1  H N N 316 
THR HG21 H N N 317 
THR HG22 H N N 318 
THR HG23 H N N 319 
THR HXT  H N N 320 
TRP N    N N N 321 
TRP CA   C N S 322 
TRP C    C N N 323 
TRP O    O N N 324 
TRP CB   C N N 325 
TRP CG   C Y N 326 
TRP CD1  C Y N 327 
TRP CD2  C Y N 328 
TRP NE1  N Y N 329 
TRP CE2  C Y N 330 
TRP CE3  C Y N 331 
TRP CZ2  C Y N 332 
TRP CZ3  C Y N 333 
TRP CH2  C Y N 334 
TRP OXT  O N N 335 
TRP H    H N N 336 
TRP H2   H N N 337 
TRP HA   H N N 338 
TRP HB2  H N N 339 
TRP HB3  H N N 340 
TRP HD1  H N N 341 
TRP HE1  H N N 342 
TRP HE3  H N N 343 
TRP HZ2  H N N 344 
TRP HZ3  H N N 345 
TRP HH2  H N N 346 
TRP HXT  H N N 347 
TYR N    N N N 348 
TYR CA   C N S 349 
TYR C    C N N 350 
TYR O    O N N 351 
TYR CB   C N N 352 
TYR CG   C Y N 353 
TYR CD1  C Y N 354 
TYR CD2  C Y N 355 
TYR CE1  C Y N 356 
TYR CE2  C Y N 357 
TYR CZ   C Y N 358 
TYR OH   O N N 359 
TYR OXT  O N N 360 
TYR H    H N N 361 
TYR H2   H N N 362 
TYR HA   H N N 363 
TYR HB2  H N N 364 
TYR HB3  H N N 365 
TYR HD1  H N N 366 
TYR HD2  H N N 367 
TYR HE1  H N N 368 
TYR HE2  H N N 369 
TYR HH   H N N 370 
TYR HXT  H N N 371 
VAL N    N N N 372 
VAL CA   C N S 373 
VAL C    C N N 374 
VAL O    O N N 375 
VAL CB   C N N 376 
VAL CG1  C N N 377 
VAL CG2  C N N 378 
VAL OXT  O N N 379 
VAL H    H N N 380 
VAL H2   H N N 381 
VAL HA   H N N 382 
VAL HB   H N N 383 
VAL HG11 H N N 384 
VAL HG12 H N N 385 
VAL HG13 H N N 386 
VAL HG21 H N N 387 
VAL HG22 H N N 388 
VAL HG23 H N N 389 
VAL HXT  H N N 390 
# 
loop_
_chem_comp_bond.comp_id 
_chem_comp_bond.atom_id_1 
_chem_comp_bond.atom_id_2 
_chem_comp_bond.value_order 
_chem_comp_bond.pdbx_aromatic_flag 
_chem_comp_bond.pdbx_stereo_config 
_chem_comp_bond.pdbx_ordinal 
ALA N   CA   sing N N 1   
ALA N   H    sing N N 2   
ALA N   H2   sing N N 3   
ALA CA  C    sing N N 4   
ALA CA  CB   sing N N 5   
ALA CA  HA   sing N N 6   
ALA C   O    doub N N 7   
ALA C   OXT  sing N N 8   
ALA CB  HB1  sing N N 9   
ALA CB  HB2  sing N N 10  
ALA CB  HB3  sing N N 11  
ALA OXT HXT  sing N N 12  
ARG N   CA   sing N N 13  
ARG N   H    sing N N 14  
ARG N   H2   sing N N 15  
ARG CA  C    sing N N 16  
ARG CA  CB   sing N N 17  
ARG CA  HA   sing N N 18  
ARG C   O    doub N N 19  
ARG C   OXT  sing N N 20  
ARG CB  CG   sing N N 21  
ARG CB  HB2  sing N N 22  
ARG CB  HB3  sing N N 23  
ARG CG  CD   sing N N 24  
ARG CG  HG2  sing N N 25  
ARG CG  HG3  sing N N 26  
ARG CD  NE   sing N N 27  
ARG CD  HD2  sing N N 28  
ARG CD  HD3  sing N N 29  
ARG NE  CZ   sing N N 30  
ARG NE  HE   sing N N 31  
ARG CZ  NH1  sing N N 32  
ARG CZ  NH2  doub N N 33  
ARG NH1 HH11 sing N N 34  
ARG NH1 HH12 sing N N 35  
ARG NH2 HH21 sing N N 36  
ARG NH2 HH22 sing N N 37  
ARG OXT HXT  sing N N 38  
ASN N   CA   sing N N 39  
ASN N   H    sing N N 40  
ASN N   H2   sing N N 41  
ASN CA  C    sing N N 42  
ASN CA  CB   sing N N 43  
ASN CA  HA   sing N N 44  
ASN C   O    doub N N 45  
ASN C   OXT  sing N N 46  
ASN CB  CG   sing N N 47  
ASN CB  HB2  sing N N 48  
ASN CB  HB3  sing N N 49  
ASN CG  OD1  doub N N 50  
ASN CG  ND2  sing N N 51  
ASN ND2 HD21 sing N N 52  
ASN ND2 HD22 sing N N 53  
ASN OXT HXT  sing N N 54  
ASP N   CA   sing N N 55  
ASP N   H    sing N N 56  
ASP N   H2   sing N N 57  
ASP CA  C    sing N N 58  
ASP CA  CB   sing N N 59  
ASP CA  HA   sing N N 60  
ASP C   O    doub N N 61  
ASP C   OXT  sing N N 62  
ASP CB  CG   sing N N 63  
ASP CB  HB2  sing N N 64  
ASP CB  HB3  sing N N 65  
ASP CG  OD1  doub N N 66  
ASP CG  OD2  sing N N 67  
ASP OD2 HD2  sing N N 68  
ASP OXT HXT  sing N N 69  
CYS N   CA   sing N N 70  
CYS N   H    sing N N 71  
CYS N   H2   sing N N 72  
CYS CA  C    sing N N 73  
CYS CA  CB   sing N N 74  
CYS CA  HA   sing N N 75  
CYS C   O    doub N N 76  
CYS C   OXT  sing N N 77  
CYS CB  SG   sing N N 78  
CYS CB  HB2  sing N N 79  
CYS CB  HB3  sing N N 80  
CYS SG  HG   sing N N 81  
CYS OXT HXT  sing N N 82  
GLN N   CA   sing N N 83  
GLN N   H    sing N N 84  
GLN N   H2   sing N N 85  
GLN CA  C    sing N N 86  
GLN CA  CB   sing N N 87  
GLN CA  HA   sing N N 88  
GLN C   O    doub N N 89  
GLN C   OXT  sing N N 90  
GLN CB  CG   sing N N 91  
GLN CB  HB2  sing N N 92  
GLN CB  HB3  sing N N 93  
GLN CG  CD   sing N N 94  
GLN CG  HG2  sing N N 95  
GLN CG  HG3  sing N N 96  
GLN CD  OE1  doub N N 97  
GLN CD  NE2  sing N N 98  
GLN NE2 HE21 sing N N 99  
GLN NE2 HE22 sing N N 100 
GLN OXT HXT  sing N N 101 
GLU N   CA   sing N N 102 
GLU N   H    sing N N 103 
GLU N   H2   sing N N 104 
GLU CA  C    sing N N 105 
GLU CA  CB   sing N N 106 
GLU CA  HA   sing N N 107 
GLU C   O    doub N N 108 
GLU C   OXT  sing N N 109 
GLU CB  CG   sing N N 110 
GLU CB  HB2  sing N N 111 
GLU CB  HB3  sing N N 112 
GLU CG  CD   sing N N 113 
GLU CG  HG2  sing N N 114 
GLU CG  HG3  sing N N 115 
GLU CD  OE1  doub N N 116 
GLU CD  OE2  sing N N 117 
GLU OE2 HE2  sing N N 118 
GLU OXT HXT  sing N N 119 
GLY N   CA   sing N N 120 
GLY N   H    sing N N 121 
GLY N   H2   sing N N 122 
GLY CA  C    sing N N 123 
GLY CA  HA2  sing N N 124 
GLY CA  HA3  sing N N 125 
GLY C   O    doub N N 126 
GLY C   OXT  sing N N 127 
GLY OXT HXT  sing N N 128 
HIS N   CA   sing N N 129 
HIS N   H    sing N N 130 
HIS N   H2   sing N N 131 
HIS CA  C    sing N N 132 
HIS CA  CB   sing N N 133 
HIS CA  HA   sing N N 134 
HIS C   O    doub N N 135 
HIS C   OXT  sing N N 136 
HIS CB  CG   sing N N 137 
HIS CB  HB2  sing N N 138 
HIS CB  HB3  sing N N 139 
HIS CG  ND1  sing Y N 140 
HIS CG  CD2  doub Y N 141 
HIS ND1 CE1  doub Y N 142 
HIS ND1 HD1  sing N N 143 
HIS CD2 NE2  sing Y N 144 
HIS CD2 HD2  sing N N 145 
HIS CE1 NE2  sing Y N 146 
HIS CE1 HE1  sing N N 147 
HIS NE2 HE2  sing N N 148 
HIS OXT HXT  sing N N 149 
HOH O   H1   sing N N 150 
HOH O   H2   sing N N 151 
ILE N   CA   sing N N 152 
ILE N   H    sing N N 153 
ILE N   H2   sing N N 154 
ILE CA  C    sing N N 155 
ILE CA  CB   sing N N 156 
ILE CA  HA   sing N N 157 
ILE C   O    doub N N 158 
ILE C   OXT  sing N N 159 
ILE CB  CG1  sing N N 160 
ILE CB  CG2  sing N N 161 
ILE CB  HB   sing N N 162 
ILE CG1 CD1  sing N N 163 
ILE CG1 HG12 sing N N 164 
ILE CG1 HG13 sing N N 165 
ILE CG2 HG21 sing N N 166 
ILE CG2 HG22 sing N N 167 
ILE CG2 HG23 sing N N 168 
ILE CD1 HD11 sing N N 169 
ILE CD1 HD12 sing N N 170 
ILE CD1 HD13 sing N N 171 
ILE OXT HXT  sing N N 172 
LEU N   CA   sing N N 173 
LEU N   H    sing N N 174 
LEU N   H2   sing N N 175 
LEU CA  C    sing N N 176 
LEU CA  CB   sing N N 177 
LEU CA  HA   sing N N 178 
LEU C   O    doub N N 179 
LEU C   OXT  sing N N 180 
LEU CB  CG   sing N N 181 
LEU CB  HB2  sing N N 182 
LEU CB  HB3  sing N N 183 
LEU CG  CD1  sing N N 184 
LEU CG  CD2  sing N N 185 
LEU CG  HG   sing N N 186 
LEU CD1 HD11 sing N N 187 
LEU CD1 HD12 sing N N 188 
LEU CD1 HD13 sing N N 189 
LEU CD2 HD21 sing N N 190 
LEU CD2 HD22 sing N N 191 
LEU CD2 HD23 sing N N 192 
LEU OXT HXT  sing N N 193 
LYS N   CA   sing N N 194 
LYS N   H    sing N N 195 
LYS N   H2   sing N N 196 
LYS CA  C    sing N N 197 
LYS CA  CB   sing N N 198 
LYS CA  HA   sing N N 199 
LYS C   O    doub N N 200 
LYS C   OXT  sing N N 201 
LYS CB  CG   sing N N 202 
LYS CB  HB2  sing N N 203 
LYS CB  HB3  sing N N 204 
LYS CG  CD   sing N N 205 
LYS CG  HG2  sing N N 206 
LYS CG  HG3  sing N N 207 
LYS CD  CE   sing N N 208 
LYS CD  HD2  sing N N 209 
LYS CD  HD3  sing N N 210 
LYS CE  NZ   sing N N 211 
LYS CE  HE2  sing N N 212 
LYS CE  HE3  sing N N 213 
LYS NZ  HZ1  sing N N 214 
LYS NZ  HZ2  sing N N 215 
LYS NZ  HZ3  sing N N 216 
LYS OXT HXT  sing N N 217 
MET N   CA   sing N N 218 
MET N   H    sing N N 219 
MET N   H2   sing N N 220 
MET CA  C    sing N N 221 
MET CA  CB   sing N N 222 
MET CA  HA   sing N N 223 
MET C   O    doub N N 224 
MET C   OXT  sing N N 225 
MET CB  CG   sing N N 226 
MET CB  HB2  sing N N 227 
MET CB  HB3  sing N N 228 
MET CG  SD   sing N N 229 
MET CG  HG2  sing N N 230 
MET CG  HG3  sing N N 231 
MET SD  CE   sing N N 232 
MET CE  HE1  sing N N 233 
MET CE  HE2  sing N N 234 
MET CE  HE3  sing N N 235 
MET OXT HXT  sing N N 236 
PHE N   CA   sing N N 237 
PHE N   H    sing N N 238 
PHE N   H2   sing N N 239 
PHE CA  C    sing N N 240 
PHE CA  CB   sing N N 241 
PHE CA  HA   sing N N 242 
PHE C   O    doub N N 243 
PHE C   OXT  sing N N 244 
PHE CB  CG   sing N N 245 
PHE CB  HB2  sing N N 246 
PHE CB  HB3  sing N N 247 
PHE CG  CD1  doub Y N 248 
PHE CG  CD2  sing Y N 249 
PHE CD1 CE1  sing Y N 250 
PHE CD1 HD1  sing N N 251 
PHE CD2 CE2  doub Y N 252 
PHE CD2 HD2  sing N N 253 
PHE CE1 CZ   doub Y N 254 
PHE CE1 HE1  sing N N 255 
PHE CE2 CZ   sing Y N 256 
PHE CE2 HE2  sing N N 257 
PHE CZ  HZ   sing N N 258 
PHE OXT HXT  sing N N 259 
PRO N   CA   sing N N 260 
PRO N   CD   sing N N 261 
PRO N   H    sing N N 262 
PRO CA  C    sing N N 263 
PRO CA  CB   sing N N 264 
PRO CA  HA   sing N N 265 
PRO C   O    doub N N 266 
PRO C   OXT  sing N N 267 
PRO CB  CG   sing N N 268 
PRO CB  HB2  sing N N 269 
PRO CB  HB3  sing N N 270 
PRO CG  CD   sing N N 271 
PRO CG  HG2  sing N N 272 
PRO CG  HG3  sing N N 273 
PRO CD  HD2  sing N N 274 
PRO CD  HD3  sing N N 275 
PRO OXT HXT  sing N N 276 
SER N   CA   sing N N 277 
SER N   H    sing N N 278 
SER N   H2   sing N N 279 
SER CA  C    sing N N 280 
SER CA  CB   sing N N 281 
SER CA  HA   sing N N 282 
SER C   O    doub N N 283 
SER C   OXT  sing N N 284 
SER CB  OG   sing N N 285 
SER CB  HB2  sing N N 286 
SER CB  HB3  sing N N 287 
SER OG  HG   sing N N 288 
SER OXT HXT  sing N N 289 
THR N   CA   sing N N 290 
THR N   H    sing N N 291 
THR N   H2   sing N N 292 
THR CA  C    sing N N 293 
THR CA  CB   sing N N 294 
THR CA  HA   sing N N 295 
THR C   O    doub N N 296 
THR C   OXT  sing N N 297 
THR CB  OG1  sing N N 298 
THR CB  CG2  sing N N 299 
THR CB  HB   sing N N 300 
THR OG1 HG1  sing N N 301 
THR CG2 HG21 sing N N 302 
THR CG2 HG22 sing N N 303 
THR CG2 HG23 sing N N 304 
THR OXT HXT  sing N N 305 
TRP N   CA   sing N N 306 
TRP N   H    sing N N 307 
TRP N   H2   sing N N 308 
TRP CA  C    sing N N 309 
TRP CA  CB   sing N N 310 
TRP CA  HA   sing N N 311 
TRP C   O    doub N N 312 
TRP C   OXT  sing N N 313 
TRP CB  CG   sing N N 314 
TRP CB  HB2  sing N N 315 
TRP CB  HB3  sing N N 316 
TRP CG  CD1  doub Y N 317 
TRP CG  CD2  sing Y N 318 
TRP CD1 NE1  sing Y N 319 
TRP CD1 HD1  sing N N 320 
TRP CD2 CE2  doub Y N 321 
TRP CD2 CE3  sing Y N 322 
TRP NE1 CE2  sing Y N 323 
TRP NE1 HE1  sing N N 324 
TRP CE2 CZ2  sing Y N 325 
TRP CE3 CZ3  doub Y N 326 
TRP CE3 HE3  sing N N 327 
TRP CZ2 CH2  doub Y N 328 
TRP CZ2 HZ2  sing N N 329 
TRP CZ3 CH2  sing Y N 330 
TRP CZ3 HZ3  sing N N 331 
TRP CH2 HH2  sing N N 332 
TRP OXT HXT  sing N N 333 
TYR N   CA   sing N N 334 
TYR N   H    sing N N 335 
TYR N   H2   sing N N 336 
TYR CA  C    sing N N 337 
TYR CA  CB   sing N N 338 
TYR CA  HA   sing N N 339 
TYR C   O    doub N N 340 
TYR C   OXT  sing N N 341 
TYR CB  CG   sing N N 342 
TYR CB  HB2  sing N N 343 
TYR CB  HB3  sing N N 344 
TYR CG  CD1  doub Y N 345 
TYR CG  CD2  sing Y N 346 
TYR CD1 CE1  sing Y N 347 
TYR CD1 HD1  sing N N 348 
TYR CD2 CE2  doub Y N 349 
TYR CD2 HD2  sing N N 350 
TYR CE1 CZ   doub Y N 351 
TYR CE1 HE1  sing N N 352 
TYR CE2 CZ   sing Y N 353 
TYR CE2 HE2  sing N N 354 
TYR CZ  OH   sing N N 355 
TYR OH  HH   sing N N 356 
TYR OXT HXT  sing N N 357 
VAL N   CA   sing N N 358 
VAL N   H    sing N N 359 
VAL N   H2   sing N N 360 
VAL CA  C    sing N N 361 
VAL CA  CB   sing N N 362 
VAL CA  HA   sing N N 363 
VAL C   O    doub N N 364 
VAL C   OXT  sing N N 365 
VAL CB  CG1  sing N N 366 
VAL CB  CG2  sing N N 367 
VAL CB  HB   sing N N 368 
VAL CG1 HG11 sing N N 369 
VAL CG1 HG12 sing N N 370 
VAL CG1 HG13 sing N N 371 
VAL CG2 HG21 sing N N 372 
VAL CG2 HG22 sing N N 373 
VAL CG2 HG23 sing N N 374 
VAL OXT HXT  sing N N 375 
# 
_pdbx_audit_support.funding_organization   'Ministry of Science and Technology (MoST, China)' 
_pdbx_audit_support.country                China 
_pdbx_audit_support.grant_number           2021YFF0702004 
_pdbx_audit_support.ordinal                1 
# 
_pdbx_initial_refinement_model.id               1 
_pdbx_initial_refinement_model.entity_id_list   ? 
_pdbx_initial_refinement_model.type             'experimental model' 
_pdbx_initial_refinement_model.source_name      PDB 
_pdbx_initial_refinement_model.accession_code   8XY1 
_pdbx_initial_refinement_model.details          ? 
# 
_atom_sites.entry_id                    8XY4 
_atom_sites.Cartn_transf_matrix[1][1]   ? 
_atom_sites.Cartn_transf_matrix[1][2]   ? 
_atom_sites.Cartn_transf_matrix[1][3]   ? 
_atom_sites.Cartn_transf_matrix[2][1]   ? 
_atom_sites.Cartn_transf_matrix[2][2]   ? 
_atom_sites.Cartn_transf_matrix[2][3]   ? 
_atom_sites.Cartn_transf_matrix[3][1]   ? 
_atom_sites.Cartn_transf_matrix[3][2]   ? 
_atom_sites.Cartn_transf_matrix[3][3]   ? 
_atom_sites.Cartn_transf_vector[1]      ? 
_atom_sites.Cartn_transf_vector[2]      ? 
_atom_sites.Cartn_transf_vector[3]      ? 
_atom_sites.Cartn_transform_axes        ? 
_atom_sites.fract_transf_matrix[1][1]   0.01109676 
_atom_sites.fract_transf_matrix[1][2]   -0.00561301 
_atom_sites.fract_transf_matrix[1][3]   0.00808125 
_atom_sites.fract_transf_matrix[2][1]   -0.00116170 
_atom_sites.fract_transf_matrix[2][2]   -0.00062073 
_atom_sites.fract_transf_matrix[2][3]   0.01477139 
_atom_sites.fract_transf_matrix[3][1]   -0.00367116 
_atom_sites.fract_transf_matrix[3][2]   -0.00816760 
_atom_sites.fract_transf_matrix[3][3]   -0.00063194 
_atom_sites.fract_transf_vector[1]      0.390455 
_atom_sites.fract_transf_vector[2]      -0.119123 
_atom_sites.fract_transf_vector[3]      0.153817 
_atom_sites.solution_primary            ? 
_atom_sites.solution_secondary          ? 
_atom_sites.solution_hydrogens          ? 
_atom_sites.special_details             ? 
# 
loop_
_atom_type.symbol 
_atom_type.pdbx_scat_Z 
_atom_type.pdbx_N_electrons 
_atom_type.scat_Cromer_Mann_a1 
_atom_type.scat_Cromer_Mann_b1 
_atom_type.scat_Cromer_Mann_a2 
_atom_type.scat_Cromer_Mann_b2 
_atom_type.scat_Cromer_Mann_a3 
_atom_type.scat_Cromer_Mann_b3 
_atom_type.scat_Cromer_Mann_a4 
_atom_type.scat_Cromer_Mann_b4 
_atom_type.scat_Cromer_Mann_c 
C 6  6  2.310  20.844 1.020 10.208 1.589 0.569  0.865 51.651 0.216   
H 1  1  0.493  10.511 0.323 26.126 0.140 3.142  0.041 57.800 0.003   
N 7  7  12.222 0.006  3.135 9.893  2.014 28.997 1.167 0.583  -11.538 
O 8  8  3.049  13.277 2.287 5.701  1.546 0.324  0.867 32.909 0.251   
S 16 16 6.905  1.468  5.203 22.215 1.438 0.254  1.586 56.172 1.049   
# 
loop_
_atom_site.group_PDB 
_atom_site.id 
_atom_site.type_symbol 
_atom_site.label_atom_id 
_atom_site.label_alt_id 
_atom_site.label_comp_id 
_atom_site.label_asym_id 
_atom_site.label_entity_id 
_atom_site.label_seq_id 
_atom_site.pdbx_PDB_ins_code 
_atom_site.Cartn_x 
_atom_site.Cartn_y 
_atom_site.Cartn_z 
_atom_site.occupancy 
_atom_site.B_iso_or_equiv 
_atom_site.pdbx_formal_charge 
_atom_site.auth_seq_id 
_atom_site.auth_comp_id 
_atom_site.auth_asym_id 
_atom_site.auth_atom_id 
_atom_site.pdbx_PDB_model_num 
_atom_site.calc_flag 
ATOM   1    N N   . TYR A 1 14  ? 17.581  -9.949  17.342  1.000 74.708 ? -5  TYR A N   1 ? 
ATOM   2    C CA  . TYR A 1 14  ? 16.397  -9.040  17.034  1.000 88.035 ? -5  TYR A CA  1 ? 
ATOM   3    C C   . TYR A 1 14  ? 15.709  -9.504  15.741  1.000 87.484 ? -5  TYR A C   1 ? 
ATOM   4    O O   . TYR A 1 14  ? 16.296  -10.344 15.041  1.000 93.537 ? -5  TYR A O   1 ? 
ATOM   5    C CB  . TYR A 1 14  ? 16.861  -7.575  16.982  1.000 91.914 ? -5  TYR A CB  1 ? 
ATOM   6    C CG  . TYR A 1 14  ? 17.521  -7.145  18.269  1.000 94.961 ? -5  TYR A CG  1 ? 
ATOM   7    C CD1 . TYR A 1 14  ? 16.800  -7.140  19.454  1.000 90.650 ? -5  TYR A CD1 1 ? 
ATOM   8    C CD2 . TYR A 1 14  ? 18.872  -6.843  18.333  1.000 93.139 ? -5  TYR A CD2 1 ? 
ATOM   9    C CE1 . TYR A 1 14  ? 17.385  -6.812  20.663  1.000 80.812 ? -5  TYR A CE1 1 ? 
ATOM   10   C CE2 . TYR A 1 14  ? 19.474  -6.506  19.535  1.000 83.546 ? -5  TYR A CE2 1 ? 
ATOM   11   C CZ  . TYR A 1 14  ? 18.729  -6.509  20.702  1.000 81.301 ? -5  TYR A CZ  1 ? 
ATOM   12   O OH  . TYR A 1 14  ? 19.284  -6.187  21.901  1.000 86.194 ? -5  TYR A OH  1 ? 
ATOM   13   N N   . PHE A 1 15  ? 14.514  -8.987  15.426  1.000 74.861 ? -4  PHE A N   1 ? 
ATOM   14   C CA  . PHE A 1 15  ? 13.849  -9.209  14.116  1.000 74.249 ? -4  PHE A CA  1 ? 
ATOM   15   C C   . PHE A 1 15  ? 14.360  -8.227  13.046  1.000 87.405 ? -4  PHE A C   1 ? 
ATOM   16   O O   . PHE A 1 15  ? 14.492  -7.008  13.341  1.000 90.566 ? -4  PHE A O   1 ? 
ATOM   17   C CB  . PHE A 1 15  ? 12.340  -9.017  14.220  1.000 69.066 ? -4  PHE A CB  1 ? 
ATOM   18   C CG  . PHE A 1 15  ? 11.588  -9.210  12.921  1.000 67.562 ? -4  PHE A CG  1 ? 
ATOM   19   C CD1 . PHE A 1 15  ? 11.457  -10.472 12.359  1.000 65.405 ? -4  PHE A CD1 1 ? 
ATOM   20   C CD2 . PHE A 1 15  ? 10.987  -8.141  12.275  1.000 73.090 ? -4  PHE A CD2 1 ? 
ATOM   21   C CE1 . PHE A 1 15  ? 10.748  -10.659 11.186  1.000 66.224 ? -4  PHE A CE1 1 ? 
ATOM   22   C CE2 . PHE A 1 15  ? 10.274  -8.328  11.100  1.000 79.111 ? -4  PHE A CE2 1 ? 
ATOM   23   C CZ  . PHE A 1 15  ? 10.156  -9.588  10.559  1.000 73.583 ? -4  PHE A CZ  1 ? 
ATOM   24   N N   . GLN A 1 16  ? 14.591  -8.735  11.827  1.000 80.887 ? -3  GLN A N   1 ? 
ATOM   25   C CA  . GLN A 1 16  ? 14.602  -7.933  10.568  1.000 92.337 ? -3  GLN A CA  1 ? 
ATOM   26   C C   . GLN A 1 16  ? 13.791  -8.744  9.528   1.000 96.266 ? -3  GLN A C   1 ? 
ATOM   27   O O   . GLN A 1 16  ? 14.182  -9.910  9.260   1.000 88.178 ? -3  GLN A O   1 ? 
ATOM   28   C CB  . GLN A 1 16  ? 16.063  -7.564  10.229  1.000 89.298 ? -3  GLN A CB  1 ? 
ATOM   29   C CG  . GLN A 1 16  ? 16.269  -6.656  9.009   1.000 93.662 ? -3  GLN A CG  1 ? 
ATOM   30   C CD  . GLN A 1 16  ? 15.614  -5.283  9.035   1.000 92.819 ? -3  GLN A CD  1 ? 
ATOM   31   O OE1 . GLN A 1 16  ? 14.543  -5.081  9.596   1.000 89.597 ? -3  GLN A OE1 1 ? 
ATOM   32   N NE2 . GLN A 1 16  ? 16.226  -4.317  8.363   1.000 84.103 ? -3  GLN A NE2 1 ? 
ATOM   33   N N   . GLY A 1 17  ? 12.669  -8.202  9.015   1.000 87.150 ? -2  GLY A N   1 ? 
ATOM   34   C CA  . GLY A 1 17  ? 11.726  -8.917  8.117   1.000 87.033 ? -2  GLY A CA  1 ? 
ATOM   35   C C   . GLY A 1 17  ? 12.338  -9.217  6.757   1.000 81.217 ? -2  GLY A C   1 ? 
ATOM   36   O O   . GLY A 1 17  ? 12.983  -8.311  6.206   1.000 89.750 ? -2  GLY A O   1 ? 
ATOM   37   N N   . ALA A 1 18  ? 12.168  -10.432 6.221   1.000 65.435 ? -1  ALA A N   1 ? 
ATOM   38   C CA  . ALA A 1 18  ? 13.003  -10.923 5.092   1.000 67.517 ? -1  ALA A CA  1 ? 
ATOM   39   C C   . ALA A 1 18  ? 12.511  -10.324 3.770   1.000 64.262 ? -1  ALA A C   1 ? 
ATOM   40   O O   . ALA A 1 18  ? 13.337  -10.145 2.843   1.000 58.788 ? -1  ALA A O   1 ? 
ATOM   41   C CB  . ALA A 1 18  ? 13.041  -12.432 5.032   1.000 61.391 ? -1  ALA A CB  1 ? 
ATOM   42   N N   . SER A 1 19  ? 11.222  -9.985  3.694   1.000 58.302 ? 0   SER A N   1 ? 
ATOM   43   C CA  . SER A 1 19  ? 10.531  -9.712  2.409   1.000 50.111 ? 0   SER A CA  1 ? 
ATOM   44   C C   . SER A 1 19  ? 9.551   -8.547  2.580   1.000 47.818 ? 0   SER A C   1 ? 
ATOM   45   O O   . SER A 1 19  ? 8.506   -8.713  3.238   1.000 53.831 ? 0   SER A O   1 ? 
ATOM   46   C CB  . SER A 1 19  ? 9.872   -10.956 1.898   1.000 49.502 ? 0   SER A CB  1 ? 
ATOM   47   O OG  . SER A 1 19  ? 8.959   -10.652 0.863   1.000 54.406 ? 0   SER A OG  1 ? 
ATOM   48   N N   . MET A 1 20  ? 9.925   -7.391  2.045   1.000 43.046 ? 1   MET A N   1 ? 
ATOM   49   C CA  . MET A 1 20  ? 9.060   -6.204  1.911   1.000 45.111 ? 1   MET A CA  1 ? 
ATOM   50   C C   . MET A 1 20  ? 7.794   -6.574  1.115   1.000 41.656 ? 1   MET A C   1 ? 
ATOM   51   O O   . MET A 1 20  ? 6.702   -6.042  1.455   1.000 38.980 ? 1   MET A O   1 ? 
ATOM   52   C CB  . MET A 1 20  ? 9.838   -5.086  1.220   1.000 54.872 ? 1   MET A CB  1 ? 
ATOM   53   C CG  . MET A 1 20  ? 9.157   -3.757  1.306   1.000 60.563 ? 1   MET A CG  1 ? 
ATOM   54   S SD  . MET A 1 20  ? 9.537   -2.956  2.821   1.000 63.832 ? 1   MET A SD  1 ? 
ATOM   55   C CE  . MET A 1 20  ? 8.242   -1.722  2.815   1.000 67.588 ? 1   MET A CE  1 ? 
ATOM   56   N N   . ARG A 1 21  ? 7.888   -7.481  0.135   1.000 36.787 ? 2   ARG A N   1 ? 
ATOM   57   C CA  . ARG A 1 21  ? 6.685   -7.986  -0.586  1.000 40.184 ? 2   ARG A CA  1 ? 
ATOM   58   C C   . ARG A 1 21  ? 5.643   -8.524  0.408   1.000 39.091 ? 2   ARG A C   1 ? 
ATOM   59   O O   . ARG A 1 21  ? 4.481   -8.071  0.388   1.000 41.114 ? 2   ARG A O   1 ? 
ATOM   60   C CB  . ARG A 1 21  ? 7.022   -9.147  -1.522  1.000 44.558 ? 2   ARG A CB  1 ? 
ATOM   61   C CG  . ARG A 1 21  ? 7.232   -8.718  -2.958  1.000 49.603 ? 2   ARG A CG  1 ? 
ATOM   62   C CD  . ARG A 1 21  ? 7.618   -9.862  -3.872  1.000 47.647 ? 2   ARG A CD  1 ? 
ATOM   63   N NE  . ARG A 1 21  ? 7.370   -9.398  -5.220  1.000 41.453 ? 2   ARG A NE  1 ? 
ATOM   64   C CZ  . ARG A 1 21  ? 8.265   -8.880  -6.032  1.000 42.075 ? 2   ARG A CZ  1 ? 
ATOM   65   N NH1 . ARG A 1 21  ? 9.525   -8.746  -5.653  1.000 42.762 ? 2   ARG A NH1 1 ? 
ATOM   66   N NH2 . ARG A 1 21  ? 7.884   -8.469  -7.227  1.000 51.534 ? 2   ARG A NH2 1 ? 
ATOM   67   N N   . THR A 1 22  ? 6.053   -9.509  1.199   1.000 35.126 ? 3   THR A N   1 ? 
ATOM   68   C CA  . THR A 1 22  ? 5.231   -10.263 2.179   1.000 35.411 ? 3   THR A CA  1 ? 
ATOM   69   C C   . THR A 1 22  ? 4.619   -9.260  3.152   1.000 32.787 ? 3   THR A C   1 ? 
ATOM   70   O O   . THR A 1 22  ? 3.398   -9.288  3.339   1.000 35.578 ? 3   THR A O   1 ? 
ATOM   71   C CB  . THR A 1 22  ? 6.094   -11.324 2.871   1.000 37.880 ? 3   THR A CB  1 ? 
ATOM   72   O OG1 . THR A 1 22  ? 6.384   -12.320 1.890   1.000 39.420 ? 3   THR A OG1 1 ? 
ATOM   73   C CG2 . THR A 1 22  ? 5.413   -11.942 4.068   1.000 47.453 ? 3   THR A CG2 1 ? 
ATOM   74   N N   . LEU A 1 23  ? 5.422   -8.326  3.643   1.000 30.723 ? 4   LEU A N   1 ? 
ATOM   75   C CA  . LEU A 1 23  ? 4.971   -7.358  4.662   1.000 32.965 ? 4   LEU A CA  1 ? 
ATOM   76   C C   . LEU A 1 23  ? 3.942   -6.413  4.035   1.000 35.422 ? 4   LEU A C   1 ? 
ATOM   77   O O   . LEU A 1 23  ? 2.900   -6.145  4.681   1.000 35.807 ? 4   LEU A O   1 ? 
ATOM   78   C CB  . LEU A 1 23  ? 6.198   -6.615  5.201   1.000 32.858 ? 4   LEU A CB  1 ? 
ATOM   79   C CG  . LEU A 1 23  ? 5.890   -5.341  5.979   1.000 35.418 ? 4   LEU A CG  1 ? 
ATOM   80   C CD1 . LEU A 1 23  ? 5.190   -5.660  7.291   1.000 36.443 ? 4   LEU A CD1 1 ? 
ATOM   81   C CD2 . LEU A 1 23  ? 7.161   -4.534  6.223   1.000 37.499 ? 4   LEU A CD2 1 ? 
ATOM   82   N N   . LEU A 1 24  ? 4.192   -5.932  2.812   1.000 34.578 ? 5   LEU A N   1 ? 
ATOM   83   C CA  . LEU A 1 24  ? 3.259   -4.973  2.158   1.000 32.441 ? 5   LEU A CA  1 ? 
ATOM   84   C C   . LEU A 1 24  ? 1.942   -5.648  1.777   1.000 31.604 ? 5   LEU A C   1 ? 
ATOM   85   O O   . LEU A 1 24  ? 0.886   -5.006  1.958   1.000 33.336 ? 5   LEU A O   1 ? 
ATOM   86   C CB  . LEU A 1 24  ? 3.919   -4.325  0.951   1.000 31.470 ? 5   LEU A CB  1 ? 
ATOM   87   C CG  . LEU A 1 24  ? 5.035   -3.354  1.318   1.000 31.694 ? 5   LEU A CG  1 ? 
ATOM   88   C CD1 . LEU A 1 24  ? 5.739   -2.863  0.073   1.000 33.434 ? 5   LEU A CD1 1 ? 
ATOM   89   C CD2 . LEU A 1 24  ? 4.498   -2.181  2.120   1.000 31.487 ? 5   LEU A CD2 1 ? 
ATOM   90   N N   . ILE A 1 25  ? 1.983   -6.886  1.289   1.000 31.773 ? 6   ILE A N   1 ? 
ATOM   91   C CA  . ILE A 1 25  ? 0.733   -7.629  0.976   1.000 32.683 ? 6   ILE A CA  1 ? 
ATOM   92   C C   . ILE A 1 25  ? -0.086  -7.722  2.265   1.000 32.223 ? 6   ILE A C   1 ? 
ATOM   93   O O   . ILE A 1 25  ? -1.262  -7.335  2.264   1.000 34.416 ? 6   ILE A O   1 ? 
ATOM   94   C CB  . ILE A 1 25  ? 1.039   -9.014  0.383   1.000 35.947 ? 6   ILE A CB  1 ? 
ATOM   95   C CG1 . ILE A 1 25  ? 1.622   -8.901  -1.027  1.000 34.867 ? 6   ILE A CG1 1 ? 
ATOM   96   C CG2 . ILE A 1 25  ? -0.220  -9.874  0.412   1.000 35.931 ? 6   ILE A CG2 1 ? 
ATOM   97   C CD1 . ILE A 1 25  ? 2.336   -10.155 -1.488  1.000 38.457 ? 6   ILE A CD1 1 ? 
ATOM   98   N N   . ARG A 1 26  ? 0.528   -8.173  3.351   1.000 31.515 ? 7   ARG A N   1 ? 
ATOM   99   C CA  . ARG A 1 26  ? -0.195  -8.321  4.634   1.000 33.169 ? 7   ARG A CA  1 ? 
ATOM   100  C C   . ARG A 1 26  ? -0.757  -6.971  5.065   1.000 32.547 ? 7   ARG A C   1 ? 
ATOM   101  O O   . ARG A 1 26  ? -1.947  -6.934  5.423   1.000 34.488 ? 7   ARG A O   1 ? 
ATOM   102  C CB  . ARG A 1 26  ? 0.704   -8.917  5.709   1.000 30.768 ? 7   ARG A CB  1 ? 
ATOM   103  C CG  . ARG A 1 26  ? 1.015   -10.379 5.454   1.000 29.451 ? 7   ARG A CG  1 ? 
ATOM   104  C CD  . ARG A 1 26  ? 2.239   -10.797 6.233   1.000 28.921 ? 7   ARG A CD  1 ? 
ATOM   105  N NE  . ARG A 1 26  ? 2.258   -12.243 6.350   1.000 28.821 ? 7   ARG A NE  1 ? 
ATOM   106  C CZ  . ARG A 1 26  ? 3.289   -12.935 6.802   1.000 30.942 ? 7   ARG A CZ  1 ? 
ATOM   107  N NH1 . ARG A 1 26  ? 4.401   -12.300 7.155   1.000 32.372 ? 7   ARG A NH1 1 ? 
ATOM   108  N NH2 . ARG A 1 26  ? 3.212   -14.264 6.879   1.000 31.329 ? 7   ARG A NH2 1 ? 
ATOM   109  N N   . TYR A 1 27  ? 0.068   -5.929  5.064   1.000 32.242 ? 8   TYR A N   1 ? 
ATOM   110  C CA  . TYR A 1 27  ? -0.346  -4.567  5.492   1.000 34.056 ? 8   TYR A CA  1 ? 
ATOM   111  C C   . TYR A 1 27  ? -1.588  -4.143  4.692   1.000 35.016 ? 8   TYR A C   1 ? 
ATOM   112  O O   . TYR A 1 27  ? -2.639  -3.817  5.281   1.000 38.962 ? 8   TYR A O   1 ? 
ATOM   113  C CB  . TYR A 1 27  ? 0.803   -3.566  5.321   1.000 31.725 ? 8   TYR A CB  1 ? 
ATOM   114  C CG  . TYR A 1 27  ? 0.397   -2.153  5.610   1.000 28.942 ? 8   TYR A CG  1 ? 
ATOM   115  C CD1 . TYR A 1 27  ? -0.166  -1.817  6.827   1.000 32.377 ? 8   TYR A CD1 1 ? 
ATOM   116  C CD2 . TYR A 1 27  ? 0.510   -1.160  4.645   1.000 31.668 ? 8   TYR A CD2 1 ? 
ATOM   117  C CE1 . TYR A 1 27  ? -0.548  -0.508  7.111   1.000 35.191 ? 8   TYR A CE1 1 ? 
ATOM   118  C CE2 . TYR A 1 27  ? 0.106   0.143   4.892   1.000 33.394 ? 8   TYR A CE2 1 ? 
ATOM   119  C CZ  . TYR A 1 27  ? -0.425  0.472   6.131   1.000 35.470 ? 8   TYR A CZ  1 ? 
ATOM   120  O OH  . TYR A 1 27  ? -0.847  1.745   6.368   1.000 34.011 ? 8   TYR A OH  1 ? 
ATOM   121  N N   . ILE A 1 28  ? -1.492  -4.156  3.364   1.000 33.865 ? 9   ILE A N   1 ? 
ATOM   122  C CA  . ILE A 1 28  ? -2.573  -3.633  2.485   1.000 33.845 ? 9   ILE A CA  1 ? 
ATOM   123  C C   . ILE A 1 28  ? -3.843  -4.485  2.637   1.000 34.936 ? 9   ILE A C   1 ? 
ATOM   124  O O   . ILE A 1 28  ? -4.954  -3.895  2.646   1.000 34.524 ? 9   ILE A O   1 ? 
ATOM   125  C CB  . ILE A 1 28  ? -2.070  -3.498  1.035   1.000 35.453 ? 9   ILE A CB  1 ? 
ATOM   126  C CG1 . ILE A 1 28  ? -1.110  -2.307  0.941   1.000 38.996 ? 9   ILE A CG1 1 ? 
ATOM   127  C CG2 . ILE A 1 28  ? -3.219  -3.347  0.053   1.000 33.050 ? 9   ILE A CG2 1 ? 
ATOM   128  C CD1 . ILE A 1 28  ? -0.113  -2.436  -0.153  1.000 43.190 ? 9   ILE A CD1 1 ? 
ATOM   129  N N   . LEU A 1 29  ? -3.732  -5.801  2.787   1.000 31.215 ? 10  LEU A N   1 ? 
ATOM   130  C CA  . LEU A 1 29  ? -4.950  -6.636  2.976   1.000 33.536 ? 10  LEU A CA  1 ? 
ATOM   131  C C   . LEU A 1 29  ? -5.601  -6.280  4.320   1.000 35.419 ? 10  LEU A C   1 ? 
ATOM   132  O O   . LEU A 1 29  ? -6.842  -6.149  4.359   1.000 34.696 ? 10  LEU A O   1 ? 
ATOM   133  C CB  . LEU A 1 29  ? -4.619  -8.123  2.897   1.000 30.172 ? 10  LEU A CB  1 ? 
ATOM   134  C CG  . LEU A 1 29  ? -4.143  -8.633  1.540   1.000 30.565 ? 10  LEU A CG  1 ? 
ATOM   135  C CD1 . LEU A 1 29  ? -3.899  -10.148 1.577   1.000 32.394 ? 10  LEU A CD1 1 ? 
ATOM   136  C CD2 . LEU A 1 29  ? -5.129  -8.307  0.449   1.000 30.386 ? 10  LEU A CD2 1 ? 
ATOM   137  N N   . TRP A 1 30  ? -4.796  -6.035  5.351   1.000 34.637 ? 11  TRP A N   1 ? 
ATOM   138  C CA  . TRP A 1 30  ? -5.314  -5.588  6.664   1.000 36.057 ? 11  TRP A CA  1 ? 
ATOM   139  C C   . TRP A 1 30  ? -5.952  -4.186  6.564   1.000 34.773 ? 11  TRP A C   1 ? 
ATOM   140  O O   . TRP A 1 30  ? -6.968  -3.971  7.204   1.000 35.087 ? 11  TRP A O   1 ? 
ATOM   141  C CB  . TRP A 1 30  ? -4.231  -5.662  7.749   1.000 36.958 ? 11  TRP A CB  1 ? 
ATOM   142  C CG  . TRP A 1 30  ? -4.728  -5.034  9.005   1.000 41.538 ? 11  TRP A CG  1 ? 
ATOM   143  C CD1 . TRP A 1 30  ? -5.661  -5.550  9.858   1.000 43.489 ? 11  TRP A CD1 1 ? 
ATOM   144  C CD2 . TRP A 1 30  ? -4.413  -3.723  9.491   1.000 42.469 ? 11  TRP A CD2 1 ? 
ATOM   145  N NE1 . TRP A 1 30  ? -5.916  -4.665  10.867  1.000 44.338 ? 11  TRP A NE1 1 ? 
ATOM   146  C CE2 . TRP A 1 30  ? -5.167  -3.536  10.674  1.000 47.646 ? 11  TRP A CE2 1 ? 
ATOM   147  C CE3 . TRP A 1 30  ? -3.540  -2.712  9.077   1.000 42.060 ? 11  TRP A CE3 1 ? 
ATOM   148  C CZ2 . TRP A 1 30  ? -5.094  -2.360  11.427  1.000 46.643 ? 11  TRP A CZ2 1 ? 
ATOM   149  C CZ3 . TRP A 1 30  ? -3.462  -1.551  9.821   1.000 43.574 ? 11  TRP A CZ3 1 ? 
ATOM   150  C CH2 . TRP A 1 30  ? -4.234  -1.377  10.979  1.000 46.828 ? 11  TRP A CH2 1 ? 
ATOM   151  N N   . ARG A 1 31  ? -5.403  -3.247  5.795   1.000 32.968 ? 12  ARG A N   1 ? 
ATOM   152  C CA  . ARG A 1 31  ? -6.055  -1.935  5.610   1.000 33.555 ? 12  ARG A CA  1 ? 
ATOM   153  C C   . ARG A 1 31  ? -7.406  -2.120  4.932   1.000 33.553 ? 12  ARG A C   1 ? 
ATOM   154  O O   . ARG A 1 31  ? -8.307  -1.272  5.124   1.000 41.566 ? 12  ARG A O   1 ? 
ATOM   155  C CB  . ARG A 1 31  ? -5.184  -0.969  4.805   1.000 37.324 ? 12  ARG A CB  1 ? 
ATOM   156  C CG  . ARG A 1 31  ? -3.957  -0.447  5.550   1.000 37.977 ? 12  ARG A CG  1 ? 
ATOM   157  C CD  . ARG A 1 31  ? -4.252  0.222   6.878   1.000 39.121 ? 12  ARG A CD  1 ? 
ATOM   158  N NE  . ARG A 1 31  ? -5.026  1.449   6.796   1.000 40.155 ? 12  ARG A NE  1 ? 
ATOM   159  C CZ  . ARG A 1 31  ? -4.490  2.657   6.614   1.000 45.783 ? 12  ARG A CZ  1 ? 
ATOM   160  N NH1 . ARG A 1 31  ? -3.183  2.796   6.450   1.000 47.406 ? 12  ARG A NH1 1 ? 
ATOM   161  N NH2 . ARG A 1 31  ? -5.266  3.723   6.567   1.000 44.148 ? 12  ARG A NH2 1 ? 
ATOM   162  N N   . ASN A 1 32  ? -7.572  -3.189  4.171   1.000 33.335 ? 13  ASN A N   1 ? 
ATOM   163  C CA  . ASN A 1 32  ? -8.819  -3.426  3.405   1.000 31.995 ? 13  ASN A CA  1 ? 
ATOM   164  C C   . ASN A 1 32  ? -9.919  -3.983  4.315   1.000 35.216 ? 13  ASN A C   1 ? 
ATOM   165  O O   . ASN A 1 32  ? -11.070 -3.528  4.158   1.000 38.703 ? 13  ASN A O   1 ? 
ATOM   166  C CB  . ASN A 1 32  ? -8.561  -4.368  2.228   1.000 33.840 ? 13  ASN A CB  1 ? 
ATOM   167  C CG  . ASN A 1 32  ? -9.807  -4.644  1.429   1.000 32.961 ? 13  ASN A CG  1 ? 
ATOM   168  O OD1 . ASN A 1 32  ? -10.372 -3.736  0.785   1.000 36.653 ? 13  ASN A OD1 1 ? 
ATOM   169  N ND2 . ASN A 1 32  ? -10.223 -5.890  1.481   1.000 27.584 ? 13  ASN A ND2 1 ? 
ATOM   170  N N   . ASP A 1 33  ? -9.611  -4.990  5.150   1.000 36.895 ? 14  ASP A N   1 ? 
ATOM   171  C CA  . ASP A 1 33  ? -10.640 -5.719  5.955   1.000 39.094 ? 14  ASP A CA  1 ? 
ATOM   172  C C   . ASP A 1 33  ? -10.676 -5.213  7.404   1.000 38.174 ? 14  ASP A C   1 ? 
ATOM   173  O O   . ASP A 1 33  ? -11.757 -5.336  7.985   1.000 41.620 ? 14  ASP A O   1 ? 
ATOM   174  C CB  . ASP A 1 33  ? -10.566 -7.245  5.809   1.000 32.548 ? 14  ASP A CB  1 ? 
ATOM   175  C CG  . ASP A 1 33  ? -9.448  -7.977  6.518   1.000 34.828 ? 14  ASP A CG  1 ? 
ATOM   176  O OD1 . ASP A 1 33  ? -8.526  -7.317  7.098   1.000 37.430 ? 14  ASP A OD1 1 ? 
ATOM   177  O OD2 . ASP A 1 33  ? -9.488  -9.229  6.465   1.000 39.401 ? 14  ASP A OD2 1 ? 
ATOM   178  N N   . ASN A 1 34  ? -9.612  -4.575  7.909   1.000 36.450 ? 15  ASN A N   1 ? 
ATOM   179  C CA  A ASN A 1 34  ? -9.554  -4.020  9.294   0.500 39.140 ? 15  ASN A CA  1 ? 
ATOM   180  C CA  B ASN A 1 34  ? -9.549  -4.011  9.285   0.500 40.397 ? 15  ASN A CA  1 ? 
ATOM   181  C C   . ASN A 1 34  ? -9.977  -5.115  10.279  1.000 41.337 ? 15  ASN A C   1 ? 
ATOM   182  O O   . ASN A 1 34  ? -10.721 -4.812  11.223  1.000 41.175 ? 15  ASN A O   1 ? 
ATOM   183  C CB  A ASN A 1 34  ? -10.418 -2.763  9.477   0.500 37.881 ? 15  ASN A CB  1 ? 
ATOM   184  C CB  B ASN A 1 34  ? -10.340 -2.691  9.370   0.500 40.800 ? 15  ASN A CB  1 ? 
ATOM   185  C CG  A ASN A 1 34  ? -10.075 -1.963  10.726  0.500 37.166 ? 15  ASN A CG  1 ? 
ATOM   186  C CG  B ASN A 1 34  ? -9.703  -1.521  8.624   0.500 42.218 ? 15  ASN A CG  1 ? 
ATOM   187  O OD1 A ASN A 1 34  ? -8.933  -1.947  11.188  0.500 36.020 ? 15  ASN A OD1 1 ? 
ATOM   188  O OD1 B ASN A 1 34  ? -10.389 -0.810  7.883   0.500 42.057 ? 15  ASN A OD1 1 ? 
ATOM   189  N ND2 A ASN A 1 34  ? -11.057 -1.264  11.267  0.500 35.407 ? 15  ASN A ND2 1 ? 
ATOM   190  N ND2 B ASN A 1 34  ? -8.402  -1.304  8.796   0.500 38.916 ? 15  ASN A ND2 1 ? 
ATOM   191  N N   . ASP A 1 35  ? -9.520  -6.347  10.044  1.000 38.883 ? 16  ASP A N   1 ? 
ATOM   192  C CA  . ASP A 1 35  ? -9.713  -7.497  10.962  1.000 40.116 ? 16  ASP A CA  1 ? 
ATOM   193  C C   . ASP A 1 35  ? -8.612  -7.447  12.038  1.000 42.253 ? 16  ASP A C   1 ? 
ATOM   194  O O   . ASP A 1 35  ? -7.425  -7.721  11.710  1.000 39.153 ? 16  ASP A O   1 ? 
ATOM   195  C CB  . ASP A 1 35  ? -9.778  -8.815  10.189  1.000 34.717 ? 16  ASP A CB  1 ? 
ATOM   196  C CG  . ASP A 1 35  ? -10.060 -10.046 11.046  1.000 39.815 ? 16  ASP A CG  1 ? 
ATOM   197  O OD1 . ASP A 1 35  ? -9.727  -10.009 12.259  1.000 42.684 ? 16  ASP A OD1 1 ? 
ATOM   198  O OD2 . ASP A 1 35  ? -10.578 -11.068 10.483  1.000 38.343 ? 16  ASP A OD2 1 ? 
ATOM   199  N N   . GLN A 1 36  ? -9.007  -7.201  13.296  1.000 41.710 ? 17  GLN A N   1 ? 
ATOM   200  C CA  A GLN A 1 36  ? -8.037  -6.987  14.412  0.500 39.338 ? 17  GLN A CA  1 ? 
ATOM   201  C CA  B GLN A 1 36  ? -8.127  -7.032  14.482  0.500 40.184 ? 17  GLN A CA  1 ? 
ATOM   202  C C   . GLN A 1 36  ? -7.264  -8.285  14.655  1.000 36.895 ? 17  GLN A C   1 ? 
ATOM   203  O O   . GLN A 1 36  ? -6.169  -8.187  15.235  1.000 43.613 ? 17  GLN A O   1 ? 
ATOM   204  C CB  A GLN A 1 36  ? -8.720  -6.420  15.671  0.500 41.172 ? 17  GLN A CB  1 ? 
ATOM   205  C CB  B GLN A 1 36  ? -8.994  -6.750  15.719  0.500 43.000 ? 17  GLN A CB  1 ? 
ATOM   206  C CG  A GLN A 1 36  ? -7.822  -6.224  16.911  0.500 43.745 ? 17  GLN A CG  1 ? 
ATOM   207  C CG  B GLN A 1 36  ? -9.720  -5.403  15.695  0.500 47.780 ? 17  GLN A CG  1 ? 
ATOM   208  C CD  A GLN A 1 36  ? -6.709  -5.197  16.829  0.500 42.908 ? 17  GLN A CD  1 ? 
ATOM   209  C CD  B GLN A 1 36  ? -10.716 -5.227  16.824  0.500 51.233 ? 17  GLN A CD  1 ? 
ATOM   210  O OE1 A GLN A 1 36  ? -6.866  -4.083  16.340  0.500 46.247 ? 17  GLN A OE1 1 ? 
ATOM   211  O OE1 B GLN A 1 36  ? -10.460 -5.603  17.969  0.500 50.733 ? 17  GLN A OE1 1 ? 
ATOM   212  N NE2 A GLN A 1 36  ? -5.553  -5.558  17.351  0.500 43.222 ? 17  GLN A NE2 1 ? 
ATOM   213  N NE2 B GLN A 1 36  ? -11.865 -4.646  16.512  0.500 43.037 ? 17  GLN A NE2 1 ? 
ATOM   214  N N   . THR A 1 37  ? -7.749  -9.438  14.183  1.000 36.974 ? 18  THR A N   1 ? 
ATOM   215  C CA  . THR A 1 37  ? -7.019  -10.723 14.349  1.000 35.088 ? 18  THR A CA  1 ? 
ATOM   216  C C   . THR A 1 37  ? -5.842  -10.772 13.370  1.000 34.977 ? 18  THR A C   1 ? 
ATOM   217  O O   . THR A 1 37  ? -5.026  -11.706 13.516  1.000 33.305 ? 18  THR A O   1 ? 
ATOM   218  C CB  . THR A 1 37  ? -7.965  -11.933 14.265  1.000 38.453 ? 18  THR A CB  1 ? 
ATOM   219  O OG1 . THR A 1 37  ? -8.407  -12.220 12.931  1.000 34.487 ? 18  THR A OG1 1 ? 
ATOM   220  C CG2 . THR A 1 37  ? -9.167  -11.733 15.163  1.000 37.205 ? 18  THR A CG2 1 ? 
ATOM   221  N N   . TYR A 1 38  ? -5.792  -9.857  12.386  1.000 31.577 ? 19  TYR A N   1 ? 
ATOM   222  C CA  . TYR A 1 38  ? -4.736  -9.811  11.333  1.000 37.876 ? 19  TYR A CA  1 ? 
ATOM   223  C C   . TYR A 1 38  ? -3.847  -8.558  11.497  1.000 36.109 ? 19  TYR A C   1 ? 
ATOM   224  O O   . TYR A 1 38  ? -2.864  -8.431  10.726  1.000 33.980 ? 19  TYR A O   1 ? 
ATOM   225  C CB  . TYR A 1 38  ? -5.358  -9.932  9.927   1.000 36.558 ? 19  TYR A CB  1 ? 
ATOM   226  C CG  . TYR A 1 38  ? -5.816  -11.322 9.571   1.000 36.415 ? 19  TYR A CG  1 ? 
ATOM   227  C CD1 . TYR A 1 38  ? -4.890  -12.304 9.249   1.000 39.513 ? 19  TYR A CD1 1 ? 
ATOM   228  C CD2 . TYR A 1 38  ? -7.165  -11.678 9.585   1.000 36.645 ? 19  TYR A CD2 1 ? 
ATOM   229  C CE1 . TYR A 1 38  ? -5.280  -13.602 8.943   1.000 35.317 ? 19  TYR A CE1 1 ? 
ATOM   230  C CE2 . TYR A 1 38  ? -7.574  -12.963 9.252   1.000 36.934 ? 19  TYR A CE2 1 ? 
ATOM   231  C CZ  . TYR A 1 38  ? -6.623  -13.923 8.927   1.000 34.692 ? 19  TYR A CZ  1 ? 
ATOM   232  O OH  . TYR A 1 38  ? -6.969  -15.198 8.626   1.000 35.044 ? 19  TYR A OH  1 ? 
ATOM   233  N N   . TYR A 1 39  ? -4.127  -7.701  12.489  1.000 37.867 ? 20  TYR A N   1 ? 
ATOM   234  C CA  . TYR A 1 39  ? -3.220  -6.601  12.920  1.000 42.367 ? 20  TYR A CA  1 ? 
ATOM   235  C C   . TYR A 1 39  ? -1.856  -7.182  13.297  1.000 35.600 ? 20  TYR A C   1 ? 
ATOM   236  O O   . TYR A 1 39  ? -1.800  -8.304  13.766  1.000 34.336 ? 20  TYR A O   1 ? 
ATOM   237  C CB  . TYR A 1 39  ? -3.722  -5.805  14.131  1.000 46.828 ? 20  TYR A CB  1 ? 
ATOM   238  C CG  . TYR A 1 39  ? -2.755  -4.735  14.570  1.000 47.500 ? 20  TYR A CG  1 ? 
ATOM   239  C CD1 . TYR A 1 39  ? -2.621  -3.549  13.865  1.000 50.867 ? 20  TYR A CD1 1 ? 
ATOM   240  C CD2 . TYR A 1 39  ? -1.915  -4.945  15.647  1.000 53.917 ? 20  TYR A CD2 1 ? 
ATOM   241  C CE1 . TYR A 1 39  ? -1.707  -2.581  14.245  1.000 52.853 ? 20  TYR A CE1 1 ? 
ATOM   242  C CE2 . TYR A 1 39  ? -0.985  -3.995  16.033  1.000 57.671 ? 20  TYR A CE2 1 ? 
ATOM   243  C CZ  . TYR A 1 39  ? -0.879  -2.807  15.333  1.000 56.381 ? 20  TYR A CZ  1 ? 
ATOM   244  O OH  . TYR A 1 39  ? 0.040   -1.879  15.743  1.000 60.762 ? 20  TYR A OH  1 ? 
ATOM   245  N N   . ASN A 1 40  ? -0.789  -6.427  13.050  1.000 33.486 ? 21  ASN A N   1 ? 
ATOM   246  C CA  . ASN A 1 40  ? 0.599   -6.802  13.426  1.000 35.125 ? 21  ASN A CA  1 ? 
ATOM   247  C C   . ASN A 1 40  ? 1.333   -5.503  13.725  1.000 37.040 ? 21  ASN A C   1 ? 
ATOM   248  O O   . ASN A 1 40  ? 1.018   -4.501  13.053  1.000 34.913 ? 21  ASN A O   1 ? 
ATOM   249  C CB  . ASN A 1 40  ? 1.257   -7.654  12.352  1.000 34.035 ? 21  ASN A CB  1 ? 
ATOM   250  C CG  . ASN A 1 40  ? 2.510   -8.340  12.852  1.000 35.297 ? 21  ASN A CG  1 ? 
ATOM   251  O OD1 . ASN A 1 40  ? 3.516   -7.671  13.055  1.000 40.106 ? 21  ASN A OD1 1 ? 
ATOM   252  N ND2 . ASN A 1 40  ? 2.483   -9.662  13.010  1.000 32.444 ? 21  ASN A ND2 1 ? 
ATOM   253  N N   . ASP A 1 41  ? 2.159   -5.506  14.771  1.000 40.572 ? 22  ASP A N   1 ? 
ATOM   254  C CA  A ASP A 1 41  ? 2.879   -4.280  15.194  0.500 39.472 ? 22  ASP A CA  1 ? 
ATOM   255  C CA  B ASP A 1 41  ? 3.010   -4.369  15.241  0.500 42.067 ? 22  ASP A CA  1 ? 
ATOM   256  C C   . ASP A 1 41  ? 3.779   -3.817  14.035  1.000 40.599 ? 22  ASP A C   1 ? 
ATOM   257  O O   . ASP A 1 41  ? 4.023   -2.626  13.977  1.000 45.377 ? 22  ASP A O   1 ? 
ATOM   258  C CB  A ASP A 1 41  ? 3.601   -4.503  16.527  0.500 38.524 ? 22  ASP A CB  1 ? 
ATOM   259  C CB  B ASP A 1 41  ? 3.983   -4.809  16.362  0.500 42.714 ? 22  ASP A CB  1 ? 
ATOM   260  C CG  A ASP A 1 41  ? 2.739   -4.200  17.741  0.500 35.215 ? 22  ASP A CG  1 ? 
ATOM   261  C CG  B ASP A 1 41  ? 4.940   -3.728  16.885  0.500 44.456 ? 22  ASP A CG  1 ? 
ATOM   262  O OD1 A ASP A 1 41  ? 1.686   -3.530  17.592  0.500 34.432 ? 22  ASP A OD1 1 ? 
ATOM   263  O OD1 B ASP A 1 41  ? 4.428   -2.638  17.260  0.500 47.811 ? 22  ASP A OD1 1 ? 
ATOM   264  O OD2 A ASP A 1 41  ? 3.135   -4.622  18.823  0.500 35.640 ? 22  ASP A OD2 1 ? 
ATOM   265  O OD2 B ASP A 1 41  ? 6.198   -3.960  16.904  0.500 32.893 ? 22  ASP A OD2 1 ? 
ATOM   266  N N   . ASP A 1 42  ? 4.184   -4.710  13.125  1.000 39.442 ? 23  ASP A N   1 ? 
ATOM   267  C CA  . ASP A 1 42  ? 4.980   -4.349  11.932  1.000 38.606 ? 23  ASP A CA  1 ? 
ATOM   268  C C   . ASP A 1 42  ? 4.242   -3.263  11.157  1.000 38.064 ? 23  ASP A C   1 ? 
ATOM   269  O O   . ASP A 1 42  ? 4.907   -2.507  10.452  1.000 40.098 ? 23  ASP A O   1 ? 
ATOM   270  C CB  . ASP A 1 42  ? 5.226   -5.552  11.034  1.000 39.790 ? 23  ASP A CB  1 ? 
ATOM   271  C CG  . ASP A 1 42  ? 6.091   -6.596  11.709  1.000 41.168 ? 23  ASP A CG  1 ? 
ATOM   272  O OD1 . ASP A 1 42  ? 6.670   -6.250  12.736  1.000 40.421 ? 23  ASP A OD1 1 ? 
ATOM   273  O OD2 . ASP A 1 42  ? 6.149   -7.748  11.209  1.000 39.821 ? 23  ASP A OD2 1 ? 
ATOM   274  N N   . PHE A 1 43  ? 2.924   -3.161  11.306  1.000 35.414 ? 24  PHE A N   1 ? 
ATOM   275  C CA  . PHE A 1 43  ? 2.100   -2.242  10.481  1.000 34.906 ? 24  PHE A CA  1 ? 
ATOM   276  C C   . PHE A 1 43  ? 2.206   -0.797  10.977  1.000 35.334 ? 24  PHE A C   1 ? 
ATOM   277  O O   . PHE A 1 43  ? 1.864   0.094   10.192  1.000 35.919 ? 24  PHE A O   1 ? 
ATOM   278  C CB  . PHE A 1 43  ? 0.640   -2.710  10.433  1.000 34.881 ? 24  PHE A CB  1 ? 
ATOM   279  C CG  . PHE A 1 43  ? 0.412   -4.060  9.806   1.000 33.117 ? 24  PHE A CG  1 ? 
ATOM   280  C CD1 . PHE A 1 43  ? 1.412   -4.695  9.090   1.000 35.003 ? 24  PHE A CD1 1 ? 
ATOM   281  C CD2 . PHE A 1 43  ? -0.828  -4.665  9.889   1.000 32.317 ? 24  PHE A CD2 1 ? 
ATOM   282  C CE1 . PHE A 1 43  ? 1.179   -5.911  8.478   1.000 35.085 ? 24  PHE A CE1 1 ? 
ATOM   283  C CE2 . PHE A 1 43  ? -1.045  -5.907  9.327   1.000 33.592 ? 24  PHE A CE2 1 ? 
ATOM   284  C CZ  . PHE A 1 43  ? -0.048  -6.522  8.612   1.000 37.841 ? 24  PHE A CZ  1 ? 
ATOM   285  N N   . LYS A 1 44  ? 2.658   -0.516  12.201  1.000 41.021 ? 25  LYS A N   1 ? 
ATOM   286  C CA  . LYS A 1 44  ? 2.509   0.888   12.695  1.000 46.690 ? 25  LYS A CA  1 ? 
ATOM   287  C C   . LYS A 1 44  ? 3.497   1.816   11.976  1.000 39.855 ? 25  LYS A C   1 ? 
ATOM   288  O O   . LYS A 1 44  ? 3.094   2.961   11.689  1.000 36.603 ? 25  LYS A O   1 ? 
ATOM   289  C CB  . LYS A 1 44  ? 2.521   1.014   14.221  1.000 51.944 ? 25  LYS A CB  1 ? 
ATOM   290  C CG  . LYS A 1 44  ? 3.613   0.277   14.955  1.000 65.100 ? 25  LYS A CG  1 ? 
ATOM   291  C CD  . LYS A 1 44  ? 3.653   0.655   16.415  1.000 77.860 ? 25  LYS A CD  1 ? 
ATOM   292  C CE  . LYS A 1 44  ? 2.346   0.398   17.132  1.000 81.245 ? 25  LYS A CE  1 ? 
ATOM   293  N NZ  . LYS A 1 44  ? 2.551   0.366   18.599  1.000 90.129 ? 25  LYS A NZ  1 ? 
ATOM   294  N N   . LYS A 1 45  ? 4.695   1.364   11.600  1.000 40.128 ? 26  LYS A N   1 ? 
ATOM   295  C CA  . LYS A 1 45  ? 5.618   2.229   10.816  1.000 40.328 ? 26  LYS A CA  1 ? 
ATOM   296  C C   . LYS A 1 45  ? 5.017   2.501   9.441   1.000 40.631 ? 26  LYS A C   1 ? 
ATOM   297  O O   . LYS A 1 45  ? 5.206   3.601   8.953   1.000 41.971 ? 26  LYS A O   1 ? 
ATOM   298  C CB  . LYS A 1 45  ? 7.001   1.623   10.626  1.000 49.675 ? 26  LYS A CB  1 ? 
ATOM   299  C CG  . LYS A 1 45  ? 7.738   1.308   11.909  1.000 50.548 ? 26  LYS A CG  1 ? 
ATOM   300  C CD  . LYS A 1 45  ? 8.236   2.492   12.634  1.000 55.169 ? 26  LYS A CD  1 ? 
ATOM   301  C CE  . LYS A 1 45  ? 9.276   2.067   13.648  1.000 62.469 ? 26  LYS A CE  1 ? 
ATOM   302  N NZ  . LYS A 1 45  ? 10.157  3.204   13.990  1.000 73.039 ? 26  LYS A NZ  1 ? 
ATOM   303  N N   . LEU A 1 46  ? 4.254   1.568   8.865   1.000 40.368 ? 27  LEU A N   1 ? 
ATOM   304  C CA  . LEU A 1 46  ? 3.605   1.778   7.545   1.000 37.345 ? 27  LEU A CA  1 ? 
ATOM   305  C C   . LEU A 1 46  ? 2.402   2.720   7.707   1.000 38.725 ? 27  LEU A C   1 ? 
ATOM   306  O O   . LEU A 1 46  ? 2.098   3.474   6.763   1.000 36.059 ? 27  LEU A O   1 ? 
ATOM   307  C CB  . LEU A 1 46  ? 3.219   0.414   6.954   1.000 38.892 ? 27  LEU A CB  1 ? 
ATOM   308  C CG  . LEU A 1 46  ? 4.397   -0.512  6.638   1.000 40.431 ? 27  LEU A CG  1 ? 
ATOM   309  C CD1 . LEU A 1 46  ? 3.971   -1.960  6.407   1.000 40.742 ? 27  LEU A CD1 1 ? 
ATOM   310  C CD2 . LEU A 1 46  ? 5.156   -0.003  5.429   1.000 44.429 ? 27  LEU A CD2 1 ? 
ATOM   311  N N   . MET A 1 47  ? 1.749   2.738   8.867   1.000 40.413 ? 28  MET A N   1 ? 
ATOM   312  C CA  . MET A 1 47  ? 0.557   3.613   9.050   1.000 43.612 ? 28  MET A CA  1 ? 
ATOM   313  C C   . MET A 1 47  ? 1.006   5.073   9.117   1.000 40.530 ? 28  MET A C   1 ? 
ATOM   314  O O   . MET A 1 47  ? 0.251   5.891   8.654   1.000 43.246 ? 28  MET A O   1 ? 
ATOM   315  C CB  . MET A 1 47  ? -0.278  3.257   10.283  1.000 46.815 ? 28  MET A CB  1 ? 
ATOM   316  C CG  . MET A 1 47  ? -0.922  1.859   10.186  1.000 53.377 ? 28  MET A CG  1 ? 
ATOM   317  S SD  . MET A 1 47  ? -1.414  1.167   11.805  1.000 61.910 ? 28  MET A SD  1 ? 
ATOM   318  C CE  . MET A 1 47  ? -2.887  2.159   12.077  1.000 53.794 ? 28  MET A CE  1 ? 
ATOM   319  N N   . LEU A 1 48  ? 2.231   5.364   9.554   1.000 41.416 ? 29  LEU A N   1 ? 
ATOM   320  C CA  . LEU A 1 48  ? 2.764   6.757   9.632   1.000 43.468 ? 29  LEU A CA  1 ? 
ATOM   321  C C   . LEU A 1 48  ? 2.793   7.382   8.237   1.000 41.622 ? 29  LEU A C   1 ? 
ATOM   322  O O   . LEU A 1 48  ? 2.603   8.599   8.169   1.000 47.096 ? 29  LEU A O   1 ? 
ATOM   323  C CB  . LEU A 1 48  ? 4.165   6.768   10.258  1.000 43.345 ? 29  LEU A CB  1 ? 
ATOM   324  C CG  . LEU A 1 48  ? 4.217   6.405   11.744  1.000 45.730 ? 29  LEU A CG  1 ? 
ATOM   325  C CD1 . LEU A 1 48  ? 5.656   6.365   12.241  1.000 45.423 ? 29  LEU A CD1 1 ? 
ATOM   326  C CD2 . LEU A 1 48  ? 3.361   7.362   12.574  1.000 40.592 ? 29  LEU A CD2 1 ? 
ATOM   327  N N   . LEU A 1 49  ? 2.946   6.572   7.179   1.000 38.416 ? 30  LEU A N   1 ? 
ATOM   328  C CA  . LEU A 1 49  ? 3.001   7.049   5.774   1.000 39.251 ? 30  LEU A CA  1 ? 
ATOM   329  C C   . LEU A 1 49  ? 1.649   7.587   5.293   1.000 38.998 ? 30  LEU A C   1 ? 
ATOM   330  O O   . LEU A 1 49  ? 1.631   8.188   4.217   1.000 38.502 ? 30  LEU A O   1 ? 
ATOM   331  C CB  . LEU A 1 49  ? 3.431   5.901   4.871   1.000 40.471 ? 30  LEU A CB  1 ? 
ATOM   332  C CG  . LEU A 1 49  ? 4.728   5.221   5.257   1.000 44.302 ? 30  LEU A CG  1 ? 
ATOM   333  C CD1 . LEU A 1 49  ? 5.154   4.241   4.162   1.000 42.150 ? 30  LEU A CD1 1 ? 
ATOM   334  C CD2 . LEU A 1 49  ? 5.806   6.262   5.538   1.000 42.914 ? 30  LEU A CD2 1 ? 
ATOM   335  N N   . ASP A 1 50  ? 0.557   7.359   6.024   1.000 42.354 ? 31  ASP A N   1 ? 
ATOM   336  C CA  . ASP A 1 50  ? -0.795  7.879   5.654   1.000 46.113 ? 31  ASP A CA  1 ? 
ATOM   337  C C   . ASP A 1 50  ? -0.783  9.405   5.462   1.000 45.903 ? 31  ASP A C   1 ? 
ATOM   338  O O   . ASP A 1 50  ? -1.545  9.904   4.627   1.000 55.033 ? 31  ASP A O   1 ? 
ATOM   339  C CB  . ASP A 1 50  ? -1.835  7.484   6.698   1.000 43.168 ? 31  ASP A CB  1 ? 
ATOM   340  C CG  . ASP A 1 50  ? -2.453  6.110   6.479   1.000 48.972 ? 31  ASP A CG  1 ? 
ATOM   341  O OD1 . ASP A 1 50  ? -1.957  5.329   5.585   1.000 49.376 ? 31  ASP A OD1 1 ? 
ATOM   342  O OD2 . ASP A 1 50  ? -3.450  5.834   7.186   1.000 48.717 ? 31  ASP A OD2 1 ? 
ATOM   343  N N   . GLU A 1 51  ? 0.071   10.122  6.178   1.000 47.040 ? 32  GLU A N   1 ? 
ATOM   344  C CA  . GLU A 1 51  ? 0.187   11.601  6.105   1.000 55.422 ? 32  GLU A CA  1 ? 
ATOM   345  C C   . GLU A 1 51  ? 0.577   12.039  4.677   1.000 54.686 ? 32  GLU A C   1 ? 
ATOM   346  O O   . GLU A 1 51  ? 0.210   13.170  4.295   1.000 54.511 ? 32  GLU A O   1 ? 
ATOM   347  C CB  . GLU A 1 51  ? 1.167   12.099  7.175   1.000 60.379 ? 32  GLU A CB  1 ? 
ATOM   348  C CG  . GLU A 1 51  ? 2.631   11.937  6.802   1.000 71.664 ? 32  GLU A CG  1 ? 
ATOM   349  C CD  . GLU A 1 51  ? 3.621   12.330  7.891   1.000 82.200 ? 32  GLU A CD  1 ? 
ATOM   350  O OE1 . GLU A 1 51  ? 3.224   13.114  8.803   1.000 80.517 ? 32  GLU A OE1 1 ? 
ATOM   351  O OE2 . GLU A 1 51  ? 4.784   11.847  7.830   1.000 75.860 ? 32  GLU A OE2 1 ? 
ATOM   352  N N   . LEU A 1 52  ? 1.233   11.181  3.882   1.000 47.219 ? 33  LEU A N   1 ? 
ATOM   353  C CA  . LEU A 1 52  ? 1.720   11.575  2.532   1.000 45.762 ? 33  LEU A CA  1 ? 
ATOM   354  C C   . LEU A 1 52  ? 0.572   11.744  1.525   1.000 44.026 ? 33  LEU A C   1 ? 
ATOM   355  O O   . LEU A 1 52  ? 0.853   12.232  0.427   1.000 48.862 ? 33  LEU A O   1 ? 
ATOM   356  C CB  . LEU A 1 52  ? 2.711   10.531  2.032   1.000 43.009 ? 33  LEU A CB  1 ? 
ATOM   357  C CG  . LEU A 1 52  ? 3.988   10.378  2.851   1.000 41.994 ? 33  LEU A CG  1 ? 
ATOM   358  C CD1 . LEU A 1 52  ? 4.824   9.246   2.275   1.000 40.370 ? 33  LEU A CD1 1 ? 
ATOM   359  C CD2 . LEU A 1 52  ? 4.795   11.677  2.891   1.000 38.636 ? 33  LEU A CD2 1 ? 
ATOM   360  N N   . VAL A 1 53  ? -0.663  11.392  1.884   1.000 42.435 ? 34  VAL A N   1 ? 
ATOM   361  C CA  . VAL A 1 53  ? -1.850  11.399  0.973   1.000 45.714 ? 34  VAL A CA  1 ? 
ATOM   362  C C   . VAL A 1 53  ? -3.049  11.922  1.770   1.000 44.793 ? 34  VAL A C   1 ? 
ATOM   363  O O   . VAL A 1 53  ? -3.363  11.305  2.783   1.000 55.525 ? 34  VAL A O   1 ? 
ATOM   364  C CB  . VAL A 1 53  ? -2.127  9.976   0.431   1.000 48.271 ? 34  VAL A CB  1 ? 
ATOM   365  C CG1 . VAL A 1 53  ? -3.331  9.914   -0.490  1.000 46.084 ? 34  VAL A CG1 1 ? 
ATOM   366  C CG2 . VAL A 1 53  ? -0.916  9.387   -0.270  1.000 53.080 ? 34  VAL A CG2 1 ? 
ATOM   367  N N   . ASP A 1 54  ? -3.699  13.003  1.345   1.000 49.060 ? 35  ASP A N   1 ? 
ATOM   368  C CA  A ASP A 1 54  ? -4.896  13.567  2.029   0.500 51.263 ? 35  ASP A CA  1 ? 
ATOM   369  C CA  B ASP A 1 54  ? -4.877  13.561  2.056   0.500 51.072 ? 35  ASP A CA  1 ? 
ATOM   370  C C   . ASP A 1 54  ? -6.090  12.677  1.715   1.000 48.688 ? 35  ASP A C   1 ? 
ATOM   371  O O   . ASP A 1 54  ? -6.184  12.231  0.585   1.000 58.269 ? 35  ASP A O   1 ? 
ATOM   372  C CB  A ASP A 1 54  ? -5.257  14.990  1.577   0.500 55.065 ? 35  ASP A CB  1 ? 
ATOM   373  C CB  B ASP A 1 54  ? -5.010  15.065  1.754   0.500 55.267 ? 35  ASP A CB  1 ? 
ATOM   374  C CG  A ASP A 1 54  ? -6.529  15.529  2.233   0.500 56.293 ? 35  ASP A CG  1 ? 
ATOM   375  C CG  B ASP A 1 54  ? -4.039  15.967  2.526   0.500 54.921 ? 35  ASP A CG  1 ? 
ATOM   376  O OD1 A ASP A 1 54  ? -6.474  15.919  3.417   0.500 53.904 ? 35  ASP A OD1 1 ? 
ATOM   377  O OD1 B ASP A 1 54  ? -2.856  15.601  2.665   0.500 50.224 ? 35  ASP A OD1 1 ? 
ATOM   378  O OD2 A ASP A 1 54  ? -7.577  15.519  1.568   0.500 60.154 ? 35  ASP A OD2 1 ? 
ATOM   379  O OD2 B ASP A 1 54  ? -4.473  17.035  2.997   0.500 55.432 ? 35  ASP A OD2 1 ? 
ATOM   380  N N   . ASP A 1 55  ? -6.971  12.455  2.679   1.000 53.101 ? 36  ASP A N   1 ? 
ATOM   381  C CA  . ASP A 1 55  ? -8.179  11.605  2.516   1.000 55.973 ? 36  ASP A CA  1 ? 
ATOM   382  C C   . ASP A 1 55  ? -9.068  12.145  1.393   1.000 54.218 ? 36  ASP A C   1 ? 
ATOM   383  O O   . ASP A 1 55  ? -9.709  11.330  0.735   1.000 52.772 ? 36  ASP A O   1 ? 
ATOM   384  C CB  . ASP A 1 55  ? -8.981  11.510  3.815   1.000 59.336 ? 36  ASP A CB  1 ? 
ATOM   385  C CG  . ASP A 1 55  ? -8.322  10.661  4.882   1.000 63.296 ? 36  ASP A CG  1 ? 
ATOM   386  O OD1 . ASP A 1 55  ? -7.429  9.845   4.547   1.000 63.881 ? 36  ASP A OD1 1 ? 
ATOM   387  O OD2 . ASP A 1 55  ? -8.699  10.832  6.040   1.000 71.191 ? 36  ASP A OD2 1 ? 
ATOM   388  N N   . GLY A 1 56  ? -9.131  13.463  1.219   1.000 53.471 ? 37  GLY A N   1 ? 
ATOM   389  C CA  . GLY A 1 56  ? -9.969  14.110  0.193   1.000 56.627 ? 37  GLY A CA  1 ? 
ATOM   390  C C   . GLY A 1 56  ? -9.483  13.881  -1.235  1.000 56.671 ? 37  GLY A C   1 ? 
ATOM   391  O O   . GLY A 1 56  ? -10.295 14.105  -2.158  1.000 60.106 ? 37  GLY A O   1 ? 
ATOM   392  N N   . ASP A 1 57  ? -8.227  13.449  -1.441  1.000 57.965 ? 38  ASP A N   1 ? 
ATOM   393  C CA  . ASP A 1 57  ? -7.647  13.212  -2.797  1.000 52.345 ? 38  ASP A CA  1 ? 
ATOM   394  C C   . ASP A 1 57  ? -7.964  11.793  -3.287  1.000 49.669 ? 38  ASP A C   1 ? 
ATOM   395  O O   . ASP A 1 57  ? -7.881  11.565  -4.515  1.000 45.445 ? 38  ASP A O   1 ? 
ATOM   396  C CB  . ASP A 1 57  ? -6.131  13.419  -2.842  1.000 60.169 ? 38  ASP A CB  1 ? 
ATOM   397  C CG  . ASP A 1 57  ? -5.638  14.826  -2.537  1.000 64.051 ? 38  ASP A CG  1 ? 
ATOM   398  O OD1 . ASP A 1 57  ? -6.339  15.790  -2.871  1.000 68.014 ? 38  ASP A OD1 1 ? 
ATOM   399  O OD2 . ASP A 1 57  ? -4.552  14.940  -1.948  1.000 71.684 ? 38  ASP A OD2 1 ? 
ATOM   400  N N   . VAL A 1 58  ? -8.359  10.881  -2.388  1.000 45.974 ? 39  VAL A N   1 ? 
ATOM   401  C CA  . VAL A 1 58  ? -8.451  9.422   -2.695  1.000 43.337 ? 39  VAL A CA  1 ? 
ATOM   402  C C   . VAL A 1 58  ? -9.524  9.152   -3.751  1.000 41.140 ? 39  VAL A C   1 ? 
ATOM   403  O O   . VAL A 1 58  ? -9.242  8.340   -4.674  1.000 39.641 ? 39  VAL A O   1 ? 
ATOM   404  C CB  . VAL A 1 58  ? -8.687  8.587   -1.430  1.000 43.157 ? 39  VAL A CB  1 ? 
ATOM   405  C CG1 . VAL A 1 58  ? -8.840  7.106   -1.753  1.000 43.680 ? 39  VAL A CG1 1 ? 
ATOM   406  C CG2 . VAL A 1 58  ? -7.560  8.807   -0.431  1.000 46.809 ? 39  VAL A CG2 1 ? 
ATOM   407  N N   . CYS A 1 59  ? -10.706 9.761   -3.630  1.000 43.535 ? 40  CYS A N   1 ? 
ATOM   408  C CA  . CYS A 1 59  ? -11.828 9.563   -4.600  1.000 49.353 ? 40  CYS A CA  1 ? 
ATOM   409  C C   . CYS A 1 59  ? -11.317 9.904   -6.012  1.000 45.819 ? 40  CYS A C   1 ? 
ATOM   410  O O   . CYS A 1 59  ? -11.611 9.138   -6.943  1.000 50.938 ? 40  CYS A O   1 ? 
ATOM   411  C CB  . CYS A 1 59  ? -13.070 10.365  -4.224  1.000 50.577 ? 40  CYS A CB  1 ? 
ATOM   412  S SG  . CYS A 1 59  ? -12.688 12.129  -4.048  1.000 91.073 ? 40  CYS A SG  1 ? 
ATOM   413  N N   . THR A 1 60  ? -10.491 10.947  -6.155  1.000 44.788 ? 41  THR A N   1 ? 
ATOM   414  C CA  . THR A 1 60  ? -9.972  11.442  -7.459  1.000 42.533 ? 41  THR A CA  1 ? 
ATOM   415  C C   . THR A 1 60  ? -8.949  10.444  -8.026  1.000 39.111 ? 41  THR A C   1 ? 
ATOM   416  O O   . THR A 1 60  ? -9.090  10.061  -9.202  1.000 39.939 ? 41  THR A O   1 ? 
ATOM   417  C CB  . THR A 1 60  ? -9.434  12.876  -7.329  1.000 48.999 ? 41  THR A CB  1 ? 
ATOM   418  O OG1 . THR A 1 60  ? -10.489 13.672  -6.790  1.000 53.951 ? 41  THR A OG1 1 ? 
ATOM   419  C CG2 . THR A 1 60  ? -8.983  13.462  -8.653  1.000 51.576 ? 41  THR A CG2 1 ? 
ATOM   420  N N   . LEU A 1 61  ? -8.006  9.985   -7.202  1.000 39.353 ? 42  LEU A N   1 ? 
ATOM   421  C CA  . LEU A 1 61  ? -7.009  8.947   -7.572  1.000 39.454 ? 42  LEU A CA  1 ? 
ATOM   422  C C   . LEU A 1 61  ? -7.755  7.710   -8.098  1.000 37.946 ? 42  LEU A C   1 ? 
ATOM   423  O O   . LEU A 1 61  ? -7.377  7.178   -9.170  1.000 34.924 ? 42  LEU A O   1 ? 
ATOM   424  C CB  . LEU A 1 61  ? -6.138  8.620   -6.354  1.000 41.962 ? 42  LEU A CB  1 ? 
ATOM   425  C CG  . LEU A 1 61  ? -5.244  9.765   -5.863  1.000 45.912 ? 42  LEU A CG  1 ? 
ATOM   426  C CD1 . LEU A 1 61  ? -4.562  9.433   -4.541  1.000 47.417 ? 42  LEU A CD1 1 ? 
ATOM   427  C CD2 . LEU A 1 61  ? -4.209  10.140  -6.904  1.000 44.005 ? 42  LEU A CD2 1 ? 
ATOM   428  N N   . ILE A 1 62  ? -8.810  7.287   -7.409  1.000 37.488 ? 43  ILE A N   1 ? 
ATOM   429  C CA  . ILE A 1 62  ? -9.616  6.107   -7.831  1.000 38.787 ? 43  ILE A CA  1 ? 
ATOM   430  C C   . ILE A 1 62  ? -10.271 6.404   -9.180  1.000 38.308 ? 43  ILE A C   1 ? 
ATOM   431  O O   . ILE A 1 62  ? -10.218 5.544   -10.056 1.000 40.175 ? 43  ILE A O   1 ? 
ATOM   432  C CB  . ILE A 1 62  ? -10.646 5.737   -6.752  1.000 38.404 ? 43  ILE A CB  1 ? 
ATOM   433  C CG1 . ILE A 1 62  ? -9.971  5.048   -5.563  1.000 42.215 ? 43  ILE A CG1 1 ? 
ATOM   434  C CG2 . ILE A 1 62  ? -11.759 4.894   -7.341  1.000 35.885 ? 43  ILE A CG2 1 ? 
ATOM   435  C CD1 . ILE A 1 62  ? -10.884 4.881   -4.362  1.000 44.328 ? 43  ILE A CD1 1 ? 
ATOM   436  N N   . LYS A 1 63  ? -10.881 7.571   -9.335  1.000 43.604 ? 44  LYS A N   1 ? 
ATOM   437  C CA  . LYS A 1 63  ? -11.519 7.970   -10.612 1.000 46.277 ? 44  LYS A CA  1 ? 
ATOM   438  C C   . LYS A 1 63  ? -10.444 7.921   -11.721 1.000 41.231 ? 44  LYS A C   1 ? 
ATOM   439  O O   . LYS A 1 63  ? -10.699 7.309   -12.794 1.000 34.877 ? 44  LYS A O   1 ? 
ATOM   440  C CB  . LYS A 1 63  ? -12.196 9.337   -10.426 1.000 56.182 ? 44  LYS A CB  1 ? 
ATOM   441  C CG  . LYS A 1 63  ? -12.931 9.856   -11.662 1.000 69.118 ? 44  LYS A CG  1 ? 
ATOM   442  C CD  . LYS A 1 63  ? -13.629 11.215  -11.521 1.000 79.673 ? 44  LYS A CD  1 ? 
ATOM   443  C CE  . LYS A 1 63  ? -12.756 12.423  -11.835 1.000 91.021 ? 44  LYS A CE  1 ? 
ATOM   444  N NZ  . LYS A 1 63  ? -12.323 12.468  -13.255 1.000 84.548 ? 44  LYS A NZ  1 ? 
ATOM   445  N N   . ASN A 1 64  ? -9.260  8.502   -11.478 1.000 34.788 ? 45  ASN A N   1 ? 
ATOM   446  C CA  . ASN A 1 64  ? -8.168  8.618   -12.489 1.000 36.237 ? 45  ASN A CA  1 ? 
ATOM   447  C C   . ASN A 1 64  ? -7.622  7.247   -12.867 1.000 40.426 ? 45  ASN A C   1 ? 
ATOM   448  O O   . ASN A 1 64  ? -7.154  7.103   -14.038 1.000 38.908 ? 45  ASN A O   1 ? 
ATOM   449  C CB  . ASN A 1 64  ? -6.981  9.446   -12.003 1.000 40.964 ? 45  ASN A CB  1 ? 
ATOM   450  C CG  . ASN A 1 64  ? -7.288  10.921  -11.857 1.000 40.517 ? 45  ASN A CG  1 ? 
ATOM   451  O OD1 . ASN A 1 64  ? -8.370  11.386  -12.213 1.000 46.318 ? 45  ASN A OD1 1 ? 
ATOM   452  N ND2 . ASN A 1 64  ? -6.324  11.669  -11.361 1.000 40.960 ? 45  ASN A ND2 1 ? 
ATOM   453  N N   . MET A 1 65  ? -7.693  6.273   -11.941 1.000 38.092 ? 46  MET A N   1 ? 
ATOM   454  C CA  . MET A 1 65  ? -7.205  4.896   -12.192 1.000 39.505 ? 46  MET A CA  1 ? 
ATOM   455  C C   . MET A 1 65  ? -8.273  4.092   -12.926 1.000 40.073 ? 46  MET A C   1 ? 
ATOM   456  O O   . MET A 1 65  ? -7.936  2.976   -13.384 1.000 42.596 ? 46  MET A O   1 ? 
ATOM   457  C CB  . MET A 1 65  ? -6.787  4.201   -10.892 1.000 40.794 ? 46  MET A CB  1 ? 
ATOM   458  C CG  . MET A 1 65  ? -5.486  4.788   -10.357 1.000 43.379 ? 46  MET A CG  1 ? 
ATOM   459  S SD  . MET A 1 65  ? -4.868  4.027   -8.829  1.000 45.152 ? 46  MET A SD  1 ? 
ATOM   460  C CE  . MET A 1 65  ? -5.958  4.740   -7.606  1.000 41.576 ? 46  MET A CE  1 ? 
ATOM   461  N N   . ARG A 1 66  ? -9.490  4.629   -13.060 1.000 37.040 ? 47  ARG A N   1 ? 
ATOM   462  C CA  . ARG A 1 66  ? -10.578 3.980   -13.843 1.000 38.757 ? 47  ARG A CA  1 ? 
ATOM   463  C C   . ARG A 1 66  ? -10.821 2.581   -13.255 1.000 39.569 ? 47  ARG A C   1 ? 
ATOM   464  O O   . ARG A 1 66  ? -11.110 1.630   -14.006 1.000 40.872 ? 47  ARG A O   1 ? 
ATOM   465  C CB  . ARG A 1 66  ? -10.226 3.943   -15.337 1.000 39.767 ? 47  ARG A CB  1 ? 
ATOM   466  C CG  . ARG A 1 66  ? -10.365 5.281   -16.061 1.000 39.620 ? 47  ARG A CG  1 ? 
ATOM   467  C CD  . ARG A 1 66  ? -11.770 5.882   -16.072 1.000 39.265 ? 47  ARG A CD  1 ? 
ATOM   468  N NE  . ARG A 1 66  ? -11.844 7.088   -16.913 1.000 37.670 ? 47  ARG A NE  1 ? 
ATOM   469  C CZ  . ARG A 1 66  ? -11.562 8.329   -16.528 1.000 37.748 ? 47  ARG A CZ  1 ? 
ATOM   470  N NH1 . ARG A 1 66  ? -11.244 8.615   -15.275 1.000 39.490 ? 47  ARG A NH1 1 ? 
ATOM   471  N NH2 . ARG A 1 66  ? -11.631 9.311   -17.404 1.000 41.695 ? 47  ARG A NH2 1 ? 
ATOM   472  N N   . MET A 1 67  ? -10.765 2.491   -11.928 1.000 40.633 ? 48  MET A N   1 ? 
ATOM   473  C CA  . MET A 1 67  ? -10.940 1.240   -11.149 1.000 40.873 ? 48  MET A CA  1 ? 
ATOM   474  C C   . MET A 1 67  ? -12.399 0.792   -11.242 1.000 39.035 ? 48  MET A C   1 ? 
ATOM   475  O O   . MET A 1 67  ? -13.284 1.635   -11.129 1.000 45.296 ? 48  MET A O   1 ? 
ATOM   476  C CB  . MET A 1 67  ? -10.529 1.441   -9.686  1.000 39.483 ? 48  MET A CB  1 ? 
ATOM   477  C CG  . MET A 1 67  ? -9.019  1.479   -9.509  1.000 39.905 ? 48  MET A CG  1 ? 
ATOM   478  S SD  . MET A 1 67  ? -8.535  1.861   -7.805  1.000 41.778 ? 48  MET A SD  1 ? 
ATOM   479  C CE  . MET A 1 67  ? -9.629  0.786   -6.883  1.000 43.040 ? 48  MET A CE  1 ? 
ATOM   480  N N   . THR A 1 68  ? -12.610 -0.481  -11.559 1.000 45.164 ? 49  THR A N   1 ? 
ATOM   481  C CA  . THR A 1 68  ? -13.911 -1.191  -11.487 1.000 47.497 ? 49  THR A CA  1 ? 
ATOM   482  C C   . THR A 1 68  ? -13.948 -2.035  -10.200 1.000 52.120 ? 49  THR A C   1 ? 
ATOM   483  O O   . THR A 1 68  ? -12.969 -1.996  -9.382  1.000 47.483 ? 49  THR A O   1 ? 
ATOM   484  C CB  . THR A 1 68  ? -14.089 -2.057  -12.739 1.000 50.776 ? 49  THR A CB  1 ? 
ATOM   485  O OG1 . THR A 1 68  ? -13.249 -3.212  -12.583 1.000 42.850 ? 49  THR A OG1 1 ? 
ATOM   486  C CG2 . THR A 1 68  ? -13.765 -1.310  -14.017 1.000 43.079 ? 49  THR A CG2 1 ? 
ATOM   487  N N   . LEU A 1 69  ? -15.022 -2.800  -10.031 1.000 53.784 ? 50  LEU A N   1 ? 
ATOM   488  C CA  . LEU A 1 69  ? -15.324 -3.546  -8.782  1.000 53.365 ? 50  LEU A CA  1 ? 
ATOM   489  C C   . LEU A 1 69  ? -14.278 -4.640  -8.570  1.000 48.228 ? 50  LEU A C   1 ? 
ATOM   490  O O   . LEU A 1 69  ? -14.017 -4.993  -7.426  1.000 47.755 ? 50  LEU A O   1 ? 
ATOM   491  C CB  . LEU A 1 69  ? -16.717 -4.178  -8.880  1.000 59.676 ? 50  LEU A CB  1 ? 
ATOM   492  C CG  . LEU A 1 69  ? -17.914 -3.242  -8.689  1.000 61.220 ? 50  LEU A CG  1 ? 
ATOM   493  C CD1 . LEU A 1 69  ? -19.215 -4.030  -8.816  1.000 64.549 ? 50  LEU A CD1 1 ? 
ATOM   494  C CD2 . LEU A 1 69  ? -17.847 -2.503  -7.356  1.000 58.821 ? 50  LEU A CD2 1 ? 
ATOM   495  N N   . SER A 1 70  ? -13.729 -5.185  -9.645  1.000 41.981 ? 51  SER A N   1 ? 
ATOM   496  C CA  . SER A 1 70  ? -12.776 -6.308  -9.577  1.000 39.545 ? 51  SER A CA  1 ? 
ATOM   497  C C   . SER A 1 70  ? -11.310 -5.825  -9.426  1.000 40.125 ? 51  SER A C   1 ? 
ATOM   498  O O   . SER A 1 70  ? -10.391 -6.711  -9.364  1.000 38.901 ? 51  SER A O   1 ? 
ATOM   499  C CB  . SER A 1 70  ? -13.003 -7.189  -10.781 1.000 39.323 ? 51  SER A CB  1 ? 
ATOM   500  O OG  . SER A 1 70  ? -12.626 -6.538  -11.970 1.000 42.790 ? 51  SER A OG  1 ? 
ATOM   501  N N   . ASP A 1 71  ? -11.055 -4.511  -9.315  1.000 38.745 ? 52  ASP A N   1 ? 
ATOM   502  C CA  . ASP A 1 71  ? -9.676  -3.942  -9.285  1.000 39.902 ? 52  ASP A CA  1 ? 
ATOM   503  C C   . ASP A 1 71  ? -9.270  -3.499  -7.877  1.000 35.996 ? 52  ASP A C   1 ? 
ATOM   504  O O   . ASP A 1 71  ? -10.002 -2.726  -7.246  1.000 36.415 ? 52  ASP A O   1 ? 
ATOM   505  C CB  . ASP A 1 71  ? -9.539  -2.714  -10.193 1.000 43.612 ? 52  ASP A CB  1 ? 
ATOM   506  C CG  . ASP A 1 71  ? -9.822  -3.011  -11.650 1.000 45.178 ? 52  ASP A CG  1 ? 
ATOM   507  O OD1 . ASP A 1 71  ? -9.164  -3.925  -12.163 1.000 41.567 ? 52  ASP A OD1 1 ? 
ATOM   508  O OD2 . ASP A 1 71  ? -10.683 -2.298  -12.261 1.000 47.119 ? 52  ASP A OD2 1 ? 
ATOM   509  N N   . GLY A 1 72  ? -8.054  -3.849  -7.468  1.000 37.176 ? 53  GLY A N   1 ? 
ATOM   510  C CA  . GLY A 1 72  ? -7.333  -3.091  -6.423  1.000 39.374 ? 53  GLY A CA  1 ? 
ATOM   511  C C   . GLY A 1 72  ? -6.730  -1.799  -6.984  1.000 38.700 ? 53  GLY A C   1 ? 
ATOM   512  O O   . GLY A 1 72  ? -6.937  -1.445  -8.141  1.000 35.757 ? 53  GLY A O   1 ? 
ATOM   513  N N   . PRO A 1 73  ? -5.914  -1.075  -6.189  1.000 39.442 ? 54  PRO A N   1 ? 
ATOM   514  C CA  . PRO A 1 73  ? -5.224  0.113   -6.691  1.000 39.104 ? 54  PRO A CA  1 ? 
ATOM   515  C C   . PRO A 1 73  ? -4.514  -0.187  -8.018  1.000 41.327 ? 54  PRO A C   1 ? 
ATOM   516  O O   . PRO A 1 73  ? -3.852  -1.227  -8.106  1.000 36.746 ? 54  PRO A O   1 ? 
ATOM   517  C CB  . PRO A 1 73  ? -4.196  0.421   -5.590  1.000 40.784 ? 54  PRO A CB  1 ? 
ATOM   518  C CG  . PRO A 1 73  ? -4.827  -0.176  -4.326  1.000 40.298 ? 54  PRO A CG  1 ? 
ATOM   519  C CD  . PRO A 1 73  ? -5.586  -1.398  -4.786  1.000 36.562 ? 54  PRO A CD  1 ? 
ATOM   520  N N   . LEU A 1 74  ? -4.712  0.662   -9.033  1.000 39.965 ? 55  LEU A N   1 ? 
ATOM   521  C CA  . LEU A 1 74  ? -4.021  0.490   -10.329 1.000 37.937 ? 55  LEU A CA  1 ? 
ATOM   522  C C   . LEU A 1 74  ? -3.063  1.665   -10.497 1.000 38.551 ? 55  LEU A C   1 ? 
ATOM   523  O O   . LEU A 1 74  ? -3.356  2.565   -11.275 1.000 42.280 ? 55  LEU A O   1 ? 
ATOM   524  C CB  . LEU A 1 74  ? -5.090  0.355   -11.402 1.000 39.096 ? 55  LEU A CB  1 ? 
ATOM   525  C CG  . LEU A 1 74  ? -5.979  -0.889  -11.267 1.000 39.741 ? 55  LEU A CG  1 ? 
ATOM   526  C CD1 . LEU A 1 74  ? -6.980  -0.942  -12.397 1.000 39.290 ? 55  LEU A CD1 1 ? 
ATOM   527  C CD2 . LEU A 1 74  ? -5.175  -2.193  -11.251 1.000 38.307 ? 55  LEU A CD2 1 ? 
ATOM   528  N N   . LEU A 1 75  ? -1.965  1.635   -9.733  1.000 35.849 ? 56  LEU A N   1 ? 
ATOM   529  C CA  . LEU A 1 75  ? -1.075  2.795   -9.470  1.000 35.783 ? 56  LEU A CA  1 ? 
ATOM   530  C C   . LEU A 1 75  ? -0.396  3.292   -10.746 1.000 36.546 ? 56  LEU A C   1 ? 
ATOM   531  O O   . LEU A 1 75  ? -0.091  4.474   -10.779 1.000 38.378 ? 56  LEU A O   1 ? 
ATOM   532  C CB  . LEU A 1 75  ? -0.028  2.405   -8.432  1.000 36.265 ? 56  LEU A CB  1 ? 
ATOM   533  C CG  . LEU A 1 75  ? -0.575  2.214   -7.025  1.000 42.034 ? 56  LEU A CG  1 ? 
ATOM   534  C CD1 . LEU A 1 75  ? 0.565   1.884   -6.080  1.000 41.166 ? 56  LEU A CD1 1 ? 
ATOM   535  C CD2 . LEU A 1 75  ? -1.365  3.439   -6.556  1.000 37.434 ? 56  LEU A CD2 1 ? 
ATOM   536  N N   . ASP A 1 76  ? -0.182  2.432   -11.736 1.000 34.768 ? 57  ASP A N   1 ? 
ATOM   537  C CA  . ASP A 1 76  ? 0.539   2.808   -12.977 1.000 40.963 ? 57  ASP A CA  1 ? 
ATOM   538  C C   . ASP A 1 76  ? -0.335  3.721   -13.844 1.000 40.602 ? 57  ASP A C   1 ? 
ATOM   539  O O   . ASP A 1 76  ? 0.234   4.364   -14.734 1.000 44.805 ? 57  ASP A O   1 ? 
ATOM   540  C CB  . ASP A 1 76  ? 0.991   1.596   -13.794 1.000 41.997 ? 57  ASP A CB  1 ? 
ATOM   541  C CG  . ASP A 1 76  ? -0.091  0.583   -14.140 1.000 48.529 ? 57  ASP A CG  1 ? 
ATOM   542  O OD1 . ASP A 1 76  ? -1.281  0.751   -13.696 1.000 48.034 ? 57  ASP A OD1 1 ? 
ATOM   543  O OD2 . ASP A 1 76  ? 0.268   -0.373  -14.860 1.000 48.396 ? 57  ASP A OD2 1 ? 
ATOM   544  N N   . ARG A 1 77  ? -1.643  3.792   -13.591 1.000 36.864 ? 58  ARG A N   1 ? 
ATOM   545  C CA  . ARG A 1 77  ? -2.576  4.608   -14.409 1.000 39.239 ? 58  ARG A CA  1 ? 
ATOM   546  C C   . ARG A 1 77  ? -2.580  6.054   -13.898 1.000 43.624 ? 58  ARG A C   1 ? 
ATOM   547  O O   . ARG A 1 77  ? -3.141  6.908   -14.601 1.000 45.146 ? 58  ARG A O   1 ? 
ATOM   548  C CB  . ARG A 1 77  ? -3.982  4.013   -14.416 1.000 41.633 ? 58  ARG A CB  1 ? 
ATOM   549  C CG  . ARG A 1 77  ? -4.056  2.633   -15.051 1.000 45.033 ? 58  ARG A CG  1 ? 
ATOM   550  C CD  . ARG A 1 77  ? -5.450  2.094   -14.884 1.000 47.894 ? 58  ARG A CD  1 ? 
ATOM   551  N NE  . ARG A 1 77  ? -5.689  0.841   -15.581 1.000 52.183 ? 58  ARG A NE  1 ? 
ATOM   552  C CZ  . ARG A 1 77  ? -6.902  0.300   -15.762 1.000 57.537 ? 58  ARG A CZ  1 ? 
ATOM   553  N NH1 . ARG A 1 77  ? -7.994  0.894   -15.296 1.000 53.812 ? 58  ARG A NH1 1 ? 
ATOM   554  N NH2 . ARG A 1 77  ? -7.013  -0.861  -16.383 1.000 55.424 ? 58  ARG A NH2 1 ? 
ATOM   555  N N   . LEU A 1 78  ? -1.931  6.329   -12.761 1.000 40.250 ? 59  LEU A N   1 ? 
ATOM   556  C CA  . LEU A 1 78  ? -1.744  7.705   -12.249 1.000 44.575 ? 59  LEU A CA  1 ? 
ATOM   557  C C   . LEU A 1 78  ? -0.730  8.492   -13.095 1.000 50.630 ? 59  LEU A C   1 ? 
ATOM   558  O O   . LEU A 1 78  ? -0.706  9.741   -12.950 1.000 50.004 ? 59  LEU A O   1 ? 
ATOM   559  C CB  . LEU A 1 78  ? -1.240  7.612   -10.814 1.000 47.619 ? 59  LEU A CB  1 ? 
ATOM   560  C CG  . LEU A 1 78  ? -2.233  7.068   -9.797  1.000 46.996 ? 59  LEU A CG  1 ? 
ATOM   561  C CD1 . LEU A 1 78  ? -1.604  7.092   -8.408  1.000 45.896 ? 59  LEU A CD1 1 ? 
ATOM   562  C CD2 . LEU A 1 78  ? -3.549  7.862   -9.842  1.000 45.268 ? 59  LEU A CD2 1 ? 
ATOM   563  N N   . ASN A 1 79  ? 0.111   7.808   -13.881 1.000 55.493 ? 60  ASN A N   1 ? 
ATOM   564  C CA  . ASN A 1 79  ? 1.245   8.427   -14.631 1.000 68.441 ? 60  ASN A CA  1 ? 
ATOM   565  C C   . ASN A 1 79  ? 2.023   9.356   -13.683 1.000 61.452 ? 60  ASN A C   1 ? 
ATOM   566  O O   . ASN A 1 79  ? 2.333   10.490  -14.057 1.000 70.767 ? 60  ASN A O   1 ? 
ATOM   567  C CB  . ASN A 1 79  ? 0.761   9.088   -15.930 1.000 73.016 ? 60  ASN A CB  1 ? 
ATOM   568  C CG  . ASN A 1 79  ? 0.486   8.048   -17.000 1.000 82.490 ? 60  ASN A CG  1 ? 
ATOM   569  O OD1 . ASN A 1 79  ? 1.317   7.167   -17.235 1.000 87.620 ? 60  ASN A OD1 1 ? 
ATOM   570  N ND2 . ASN A 1 79  ? -0.680  8.110   -17.625 1.000 78.445 ? 60  ASN A ND2 1 ? 
ATOM   571  N N   . GLN A 1 80  ? 2.310   8.867   -12.482 1.000 58.035 ? 61  GLN A N   1 ? 
ATOM   572  C CA  . GLN A 1 80  ? 3.149   9.537   -11.468 1.000 54.970 ? 61  GLN A CA  1 ? 
ATOM   573  C C   . GLN A 1 80  ? 4.328   8.619   -11.237 1.000 53.939 ? 61  GLN A C   1 ? 
ATOM   574  O O   . GLN A 1 80  ? 4.185   7.488   -10.799 1.000 60.168 ? 61  GLN A O   1 ? 
ATOM   575  C CB  . GLN A 1 80  ? 2.381   9.816   -10.186 1.000 52.311 ? 61  GLN A CB  1 ? 
ATOM   576  C CG  . GLN A 1 80  ? 1.268   10.821  -10.414 1.000 55.434 ? 61  GLN A CG  1 ? 
ATOM   577  C CD  . GLN A 1 80  ? 0.409   10.925  -9.183  1.000 59.693 ? 61  GLN A CD  1 ? 
ATOM   578  O OE1 . GLN A 1 80  ? 0.834   10.510  -8.099  1.000 52.583 ? 61  GLN A OE1 1 ? 
ATOM   579  N NE2 . GLN A 1 80  ? -0.798  11.462  -9.356  1.000 57.813 ? 61  GLN A NE2 1 ? 
ATOM   580  N N   . PRO A 1 81  ? 5.529   9.083   -11.593 1.000 59.274 ? 62  PRO A N   1 ? 
ATOM   581  C CA  . PRO A 1 81  ? 6.696   8.219   -11.596 1.000 52.300 ? 62  PRO A CA  1 ? 
ATOM   582  C C   . PRO A 1 81  ? 7.196   7.973   -10.166 1.000 51.381 ? 62  PRO A C   1 ? 
ATOM   583  O O   . PRO A 1 81  ? 6.910   8.747   -9.207  1.000 42.661 ? 62  PRO A O   1 ? 
ATOM   584  C CB  . PRO A 1 81  ? 7.688   9.049   -12.426 1.000 55.866 ? 62  PRO A CB  1 ? 
ATOM   585  C CG  . PRO A 1 81  ? 7.342   10.468  -12.060 1.000 57.777 ? 62  PRO A CG  1 ? 
ATOM   586  C CD  . PRO A 1 81  ? 5.829   10.461  -12.007 1.000 59.524 ? 62  PRO A CD  1 ? 
ATOM   587  N N   . VAL A 1 82  ? 7.929   6.878   -10.044 1.000 42.083 ? 63  VAL A N   1 ? 
ATOM   588  C CA  . VAL A 1 82  ? 8.648   6.526   -8.800  1.000 43.811 ? 63  VAL A CA  1 ? 
ATOM   589  C C   . VAL A 1 82  ? 10.122  6.582   -9.167  1.000 41.072 ? 63  VAL A C   1 ? 
ATOM   590  O O   . VAL A 1 82  ? 10.601  5.660   -9.960  1.000 53.893 ? 63  VAL A O   1 ? 
ATOM   591  C CB  . VAL A 1 82  ? 8.208   5.169   -8.225  1.000 42.781 ? 63  VAL A CB  1 ? 
ATOM   592  C CG1 . VAL A 1 82  ? 8.783   4.937   -6.835  1.000 44.823 ? 63  VAL A CG1 1 ? 
ATOM   593  C CG2 . VAL A 1 82  ? 6.697   5.076   -8.179  1.000 42.024 ? 63  VAL A CG2 1 ? 
ATOM   594  N N   . ASN A 1 83  ? 10.738  7.658   -8.643  1.000 39.244 ? 64  ASN A N   1 ? 
ATOM   595  C CA  . ASN A 1 83  ? 12.136  8.123   -8.871  1.000 40.042 ? 64  ASN A CA  1 ? 
ATOM   596  C C   . ASN A 1 83  ? 12.969  8.068   -7.581  1.000 39.685 ? 64  ASN A C   1 ? 
ATOM   597  O O   . ASN A 1 83  ? 14.218  8.223   -7.665  1.000 42.158 ? 64  ASN A O   1 ? 
ATOM   598  C CB  . ASN A 1 83  ? 12.123  9.556   -9.407  1.000 35.388 ? 64  ASN A CB  1 ? 
ATOM   599  C CG  . ASN A 1 83  ? 11.440  9.661   -10.749 1.000 34.204 ? 64  ASN A CG  1 ? 
ATOM   600  O OD1 . ASN A 1 83  ? 11.471  8.730   -11.560 1.000 38.566 ? 64  ASN A OD1 1 ? 
ATOM   601  N ND2 . ASN A 1 83  ? 10.768  10.765  -10.968 1.000 33.891 ? 64  ASN A ND2 1 ? 
ATOM   602  N N   . ASN A 1 84  ? 12.325  7.850   -6.434  1.000 39.395 ? 65  ASN A N   1 ? 
ATOM   603  C CA  . ASN A 1 84  ? 12.996  7.872   -5.110  1.000 41.946 ? 65  ASN A CA  1 ? 
ATOM   604  C C   . ASN A 1 84  ? 12.088  7.260   -4.043  1.000 42.996 ? 65  ASN A C   1 ? 
ATOM   605  O O   . ASN A 1 84  ? 10.854  7.119   -4.254  1.000 38.718 ? 65  ASN A O   1 ? 
ATOM   606  C CB  . ASN A 1 84  ? 13.394  9.297   -4.696  1.000 40.507 ? 65  ASN A CB  1 ? 
ATOM   607  C CG  . ASN A 1 84  ? 12.201  10.227  -4.648  1.000 45.344 ? 65  ASN A CG  1 ? 
ATOM   608  O OD1 . ASN A 1 84  ? 11.281  10.013  -3.863  1.000 42.470 ? 65  ASN A OD1 1 ? 
ATOM   609  N ND2 . ASN A 1 84  ? 12.180  11.230  -5.517  1.000 42.194 ? 65  ASN A ND2 1 ? 
ATOM   610  N N   . ILE A 1 85  ? 12.696  6.988   -2.899  1.000 41.002 ? 66  ILE A N   1 ? 
ATOM   611  C CA  . ILE A 1 85  ? 12.053  6.322   -1.744  1.000 42.928 ? 66  ILE A CA  1 ? 
ATOM   612  C C   . ILE A 1 85  ? 10.836  7.133   -1.285  1.000 44.260 ? 66  ILE A C   1 ? 
ATOM   613  O O   . ILE A 1 85  ? 9.817   6.528   -0.957  1.000 43.182 ? 66  ILE A O   1 ? 
ATOM   614  C CB  . ILE A 1 85  ? 13.105  6.083   -0.644  1.000 51.344 ? 66  ILE A CB  1 ? 
ATOM   615  C CG1 . ILE A 1 85  ? 12.568  5.137   0.432   1.000 57.648 ? 66  ILE A CG1 1 ? 
ATOM   616  C CG2 . ILE A 1 85  ? 13.616  7.389   -0.056  1.000 48.720 ? 66  ILE A CG2 1 ? 
ATOM   617  C CD1 . ILE A 1 85  ? 13.528  4.889   1.564   1.000 64.923 ? 66  ILE A CD1 1 ? 
ATOM   618  N N   . GLU A 1 86  ? 10.896  8.459   -1.279  1.000 46.008 ? 67  GLU A N   1 ? 
ATOM   619  C CA  . GLU A 1 86  ? 9.715   9.266   -0.883  1.000 42.844 ? 67  GLU A CA  1 ? 
ATOM   620  C C   . GLU A 1 86  ? 8.539   8.949   -1.827  1.000 42.165 ? 67  GLU A C   1 ? 
ATOM   621  O O   . GLU A 1 86  ? 7.395   8.849   -1.342  1.000 40.551 ? 67  GLU A O   1 ? 
ATOM   622  C CB  . GLU A 1 86  ? 10.072  10.754  -0.843  1.000 43.082 ? 67  GLU A CB  1 ? 
ATOM   623  C CG  . GLU A 1 86  ? 11.136  11.100  0.201   1.000 56.746 ? 67  GLU A CG  1 ? 
ATOM   624  C CD  . GLU A 1 86  ? 10.874  10.614  1.636   1.000 67.654 ? 67  GLU A CD  1 ? 
ATOM   625  O OE1 . GLU A 1 86  ? 9.736   10.824  2.147   1.000 60.727 ? 67  GLU A OE1 1 ? 
ATOM   626  O OE2 . GLU A 1 86  ? 11.806  10.004  2.250   1.000 71.547 ? 67  GLU A OE2 1 ? 
ATOM   627  N N   . ASP A 1 87  ? 8.789   8.840   -3.134  1.000 42.073 ? 68  ASP A N   1 ? 
ATOM   628  C CA  . ASP A 1 87  ? 7.748   8.535   -4.148  1.000 39.203 ? 68  ASP A CA  1 ? 
ATOM   629  C C   . ASP A 1 87  ? 7.224   7.132   -3.843  1.000 40.050 ? 68  ASP A C   1 ? 
ATOM   630  O O   . ASP A 1 87  ? 6.019   6.919   -3.902  1.000 39.291 ? 68  ASP A O   1 ? 
ATOM   631  C CB  . ASP A 1 87  ? 8.294   8.620   -5.579  1.000 42.640 ? 68  ASP A CB  1 ? 
ATOM   632  C CG  . ASP A 1 87  ? 8.644   10.018  -6.073  1.000 44.577 ? 68  ASP A CG  1 ? 
ATOM   633  O OD1 . ASP A 1 87  ? 8.118   10.980  -5.526  1.000 48.686 ? 68  ASP A OD1 1 ? 
ATOM   634  O OD2 . ASP A 1 87  ? 9.449   10.129  -7.007  1.000 53.524 ? 68  ASP A OD2 1 ? 
ATOM   635  N N   . ALA A 1 88  ? 8.116   6.200   -3.504  1.000 38.145 ? 69  ALA A N   1 ? 
ATOM   636  C CA  . ALA A 1 88  ? 7.742   4.820   -3.148  1.000 37.390 ? 69  ALA A CA  1 ? 
ATOM   637  C C   . ALA A 1 88  ? 6.835   4.829   -1.896  1.000 38.753 ? 69  ALA A C   1 ? 
ATOM   638  O O   . ALA A 1 88  ? 5.791   4.117   -1.870  1.000 34.690 ? 69  ALA A O   1 ? 
ATOM   639  C CB  . ALA A 1 88  ? 8.992   3.985   -2.983  1.000 37.877 ? 69  ALA A CB  1 ? 
ATOM   640  N N   . LYS A 1 89  ? 7.170   5.641   -0.896  1.000 35.893 ? 70  LYS A N   1 ? 
ATOM   641  C CA  . LYS A 1 89  ? 6.403   5.651   0.362   1.000 37.639 ? 70  LYS A CA  1 ? 
ATOM   642  C C   . LYS A 1 89  ? 4.980   6.125   0.074   1.000 38.100 ? 70  LYS A C   1 ? 
ATOM   643  O O   . LYS A 1 89  ? 4.035   5.622   0.694   1.000 37.048 ? 70  LYS A O   1 ? 
ATOM   644  C CB  . LYS A 1 89  ? 7.076   6.540   1.394   1.000 41.800 ? 70  LYS A CB  1 ? 
ATOM   645  C CG  . LYS A 1 89  ? 8.263   5.926   2.129   1.000 44.290 ? 70  LYS A CG  1 ? 
ATOM   646  C CD  . LYS A 1 89  ? 8.863   7.000   2.981   1.000 46.631 ? 70  LYS A CD  1 ? 
ATOM   647  C CE  . LYS A 1 89  ? 10.031  6.571   3.819   1.000 53.859 ? 70  LYS A CE  1 ? 
ATOM   648  N NZ  . LYS A 1 89  ? 10.573  7.754   4.530   1.000 55.451 ? 70  LYS A NZ  1 ? 
ATOM   649  N N   . ARG A 1 90  ? 4.848   7.090   -0.817  1.000 37.708 ? 71  ARG A N   1 ? 
ATOM   650  C CA  . ARG A 1 90  ? 3.547   7.693   -1.194  1.000 39.641 ? 71  ARG A CA  1 ? 
ATOM   651  C C   . ARG A 1 90  ? 2.690   6.665   -1.966  1.000 38.973 ? 71  ARG A C   1 ? 
ATOM   652  O O   . ARG A 1 90  ? 1.445   6.658   -1.795  1.000 40.787 ? 71  ARG A O   1 ? 
ATOM   653  C CB  . ARG A 1 90  ? 3.851   8.941   -2.014  1.000 35.382 ? 71  ARG A CB  1 ? 
ATOM   654  C CG  . ARG A 1 90  ? 2.622   9.781   -2.274  1.000 42.201 ? 71  ARG A CG  1 ? 
ATOM   655  C CD  . ARG A 1 90  ? 2.963   10.992  -3.108  1.000 48.396 ? 71  ARG A CD  1 ? 
ATOM   656  N NE  . ARG A 1 90  ? 1.742   11.319  -3.794  1.000 59.865 ? 71  ARG A NE  1 ? 
ATOM   657  C CZ  . ARG A 1 90  ? 1.458   10.978  -5.055  1.000 77.545 ? 71  ARG A CZ  1 ? 
ATOM   658  N NH1 . ARG A 1 90  ? 2.345   10.315  -5.800  1.000 62.122 ? 71  ARG A NH1 1 ? 
ATOM   659  N NH2 . ARG A 1 90  ? 0.274   11.326  -5.559  1.000 77.274 ? 71  ARG A NH2 1 ? 
ATOM   660  N N   . MET A 1 91  ? 3.313   5.815   -2.779  1.000 35.462 ? 72  MET A N   1 ? 
ATOM   661  C CA  . MET A 1 91  ? 2.611   4.704   -3.472  1.000 40.553 ? 72  MET A CA  1 ? 
ATOM   662  C C   . MET A 1 91  ? 2.071   3.681   -2.452  1.000 38.818 ? 72  MET A C   1 ? 
ATOM   663  O O   . MET A 1 91  ? 0.957   3.167   -2.648  1.000 40.210 ? 72  MET A O   1 ? 
ATOM   664  C CB  . MET A 1 91  ? 3.527   4.014   -4.490  1.000 40.671 ? 72  MET A CB  1 ? 
ATOM   665  C CG  . MET A 1 91  ? 3.917   4.923   -5.685  1.000 42.567 ? 72  MET A CG  1 ? 
ATOM   666  S SD  . MET A 1 91  ? 2.512   5.639   -6.585  1.000 45.826 ? 72  MET A SD  1 ? 
ATOM   667  C CE  . MET A 1 91  ? 3.198   7.217   -7.079  1.000 55.325 ? 72  MET A CE  1 ? 
ATOM   668  N N   . ILE A 1 92  ? 2.792   3.416   -1.374  1.000 36.374 ? 73  ILE A N   1 ? 
ATOM   669  C CA  . ILE A 1 92  ? 2.274   2.543   -0.283  1.000 39.142 ? 73  ILE A CA  1 ? 
ATOM   670  C C   . ILE A 1 92  ? 1.085   3.233   0.409   1.000 37.911 ? 73  ILE A C   1 ? 
ATOM   671  O O   . ILE A 1 92  ? 0.053   2.553   0.640   1.000 40.634 ? 73  ILE A O   1 ? 
ATOM   672  C CB  . ILE A 1 92  ? 3.401   2.191   0.688   1.000 39.675 ? 73  ILE A CB  1 ? 
ATOM   673  C CG1 . ILE A 1 92  ? 4.455   1.319   -0.005  1.000 39.294 ? 73  ILE A CG1 1 ? 
ATOM   674  C CG2 . ILE A 1 92  ? 2.843   1.534   1.926   1.000 40.195 ? 73  ILE A CG2 1 ? 
ATOM   675  C CD1 . ILE A 1 92  ? 5.815   1.370   0.665   1.000 39.132 ? 73  ILE A CD1 1 ? 
ATOM   676  N N   . ALA A 1 93  ? 1.161   4.539   0.651   1.000 34.457 ? 74  ALA A N   1 ? 
ATOM   677  C CA  . ALA A 1 93  ? 0.086   5.306   1.318   1.000 36.130 ? 74  ALA A CA  1 ? 
ATOM   678  C C   . ALA A 1 93  ? -1.167  5.297   0.455   1.000 33.173 ? 74  ALA A C   1 ? 
ATOM   679  O O   . ALA A 1 93  ? -2.238  5.077   1.004   1.000 38.304 ? 74  ALA A O   1 ? 
ATOM   680  C CB  . ALA A 1 93  ? 0.528   6.712   1.608   1.000 40.919 ? 74  ALA A CB  1 ? 
ATOM   681  N N   . ILE A 1 94  ? -1.024  5.541   -0.843  1.000 35.539 ? 75  ILE A N   1 ? 
ATOM   682  C CA  . ILE A 1 94  ? -2.171  5.544   -1.795  1.000 35.547 ? 75  ILE A CA  1 ? 
ATOM   683  C C   . ILE A 1 94  ? -2.797  4.141   -1.812  1.000 34.073 ? 75  ILE A C   1 ? 
ATOM   684  O O   . ILE A 1 94  ? -4.045  4.043   -1.732  1.000 33.564 ? 75  ILE A O   1 ? 
ATOM   685  C CB  . ILE A 1 94  ? -1.733  5.974   -3.200  1.000 34.767 ? 75  ILE A CB  1 ? 
ATOM   686  C CG1 . ILE A 1 94  ? -1.204  7.411   -3.196  1.000 35.990 ? 75  ILE A CG1 1 ? 
ATOM   687  C CG2 . ILE A 1 94  ? -2.879  5.753   -4.192  1.000 32.872 ? 75  ILE A CG2 1 ? 
ATOM   688  C CD1 . ILE A 1 94  ? -0.629  7.883   -4.526  1.000 35.752 ? 75  ILE A CD1 1 ? 
ATOM   689  N N   . SER A 1 95  ? -1.973  3.111   -1.974  1.000 32.518 ? 76  SER A N   1 ? 
ATOM   690  C CA  . SER A 1 95  ? -2.419  1.694   -1.909  1.000 35.480 ? 76  SER A CA  1 ? 
ATOM   691  C C   . SER A 1 95  ? -3.213  1.487   -0.615  1.000 35.187 ? 76  SER A C   1 ? 
ATOM   692  O O   . SER A 1 95  ? -4.268  0.849   -0.667  1.000 31.266 ? 76  SER A O   1 ? 
ATOM   693  C CB  . SER A 1 95  ? -1.278  0.710   -1.980  1.000 34.667 ? 76  SER A CB  1 ? 
ATOM   694  O OG  . SER A 1 95  ? -0.525  0.840   -3.164  1.000 36.602 ? 76  SER A OG  1 ? 
ATOM   695  N N   . ALA A 1 96  ? -2.719  2.014   0.505   1.000 36.274 ? 77  ALA A N   1 ? 
ATOM   696  C CA  . ALA A 1 96  ? -3.306  1.758   1.839   1.000 36.864 ? 77  ALA A CA  1 ? 
ATOM   697  C C   . ALA A 1 96  ? -4.694  2.392   1.908   1.000 38.712 ? 77  ALA A C   1 ? 
ATOM   698  O O   . ALA A 1 96  ? -5.655  1.698   2.336   1.000 39.972 ? 77  ALA A O   1 ? 
ATOM   699  C CB  . ALA A 1 96  ? -2.400  2.260   2.930   1.000 36.894 ? 77  ALA A CB  1 ? 
ATOM   700  N N   . LYS A 1 97  ? -4.818  3.648   1.485   1.000 39.110 ? 78  LYS A N   1 ? 
ATOM   701  C CA  . LYS A 1 97  ? -6.107  4.396   1.589   1.000 42.870 ? 78  LYS A CA  1 ? 
ATOM   702  C C   . LYS A 1 97  ? -7.083  3.953   0.502   1.000 41.024 ? 78  LYS A C   1 ? 
ATOM   703  O O   . LYS A 1 97  ? -8.305  3.933   0.770   1.000 40.639 ? 78  LYS A O   1 ? 
ATOM   704  C CB  . LYS A 1 97  ? -5.865  5.897   1.521   1.000 46.421 ? 78  LYS A CB  1 ? 
ATOM   705  C CG  . LYS A 1 97  ? -4.961  6.394   2.632   1.000 47.491 ? 78  LYS A CG  1 ? 
ATOM   706  C CD  . LYS A 1 97  ? -5.174  7.834   2.958   1.000 49.780 ? 78  LYS A CD  1 ? 
ATOM   707  C CE  . LYS A 1 97  ? -4.454  8.249   4.220   1.000 51.822 ? 78  LYS A CE  1 ? 
ATOM   708  N NZ  . LYS A 1 97  ? -4.734  9.667   4.529   1.000 56.957 ? 78  LYS A NZ  1 ? 
ATOM   709  N N   . VAL A 1 98  ? -6.592  3.569   -0.673  1.000 37.612 ? 79  VAL A N   1 ? 
ATOM   710  C CA  . VAL A 1 98  ? -7.525  3.051   -1.705  1.000 35.826 ? 79  VAL A CA  1 ? 
ATOM   711  C C   . VAL A 1 98  ? -8.066  1.716   -1.188  1.000 36.116 ? 79  VAL A C   1 ? 
ATOM   712  O O   . VAL A 1 98  ? -9.292  1.511   -1.275  1.000 38.304 ? 79  VAL A O   1 ? 
ATOM   713  C CB  . VAL A 1 98  ? -6.873  2.954   -3.093  1.000 36.879 ? 79  VAL A CB  1 ? 
ATOM   714  C CG1 . VAL A 1 98  ? -7.679  2.090   -4.054  1.000 37.240 ? 79  VAL A CG1 1 ? 
ATOM   715  C CG2 . VAL A 1 98  ? -6.655  4.336   -3.666  1.000 36.061 ? 79  VAL A CG2 1 ? 
ATOM   716  N N   . ALA A 1 99  ? -7.206  0.866   -0.623  1.000 33.835 ? 80  ALA A N   1 ? 
ATOM   717  C CA  . ALA A 1 99  ? -7.601  -0.452  -0.074  1.000 37.419 ? 80  ALA A CA  1 ? 
ATOM   718  C C   . ALA A 1 99  ? -8.673  -0.256  1.008   1.000 40.986 ? 80  ALA A C   1 ? 
ATOM   719  O O   . ALA A 1 99  ? -9.707  -0.957  0.984   1.000 42.671 ? 80  ALA A O   1 ? 
ATOM   720  C CB  . ALA A 1 99  ? -6.409  -1.187  0.466   1.000 36.349 ? 80  ALA A CB  1 ? 
ATOM   721  N N   . ARG A 1 100 ? -8.430  0.655   1.936   1.000 44.029 ? 81  ARG A N   1 ? 
ATOM   722  C CA  . ARG A 1 100 ? -9.405  0.982   2.995   1.000 46.756 ? 81  ARG A CA  1 ? 
ATOM   723  C C   . ARG A 1 100 ? -10.704 1.470   2.343   1.000 44.070 ? 81  ARG A C   1 ? 
ATOM   724  O O   . ARG A 1 100 ? -11.769 1.003   2.758   1.000 49.199 ? 81  ARG A O   1 ? 
ATOM   725  C CB  . ARG A 1 100 ? -8.814  2.017   3.952   1.000 44.337 ? 81  ARG A CB  1 ? 
ATOM   726  C CG  . ARG A 1 100 ? -9.813  2.519   4.981   1.000 41.469 ? 81  ARG A CG  1 ? 
ATOM   727  C CD  . ARG A 1 100 ? -9.298  3.782   5.615   1.000 42.622 ? 81  ARG A CD  1 ? 
ATOM   728  N NE  . ARG A 1 100 ? -9.296  4.894   4.674   1.000 45.306 ? 81  ARG A NE  1 ? 
ATOM   729  C CZ  . ARG A 1 100 ? -8.704  6.057   4.909   1.000 46.201 ? 81  ARG A CZ  1 ? 
ATOM   730  N NH1 . ARG A 1 100 ? -8.053  6.225   6.048   1.000 44.695 ? 81  ARG A NH1 1 ? 
ATOM   731  N NH2 . ARG A 1 100 ? -8.771  7.036   4.022   1.000 45.241 ? 81  ARG A NH2 1 ? 
ATOM   732  N N   . ASP A 1 101 ? -10.630 2.363   1.362   1.000 45.865 ? 82  ASP A N   1 ? 
ATOM   733  C CA  . ASP A 1 101 ? -11.841 3.072   0.851   1.000 46.191 ? 82  ASP A CA  1 ? 
ATOM   734  C C   . ASP A 1 101 ? -12.678 2.172   -0.057  1.000 41.878 ? 82  ASP A C   1 ? 
ATOM   735  O O   . ASP A 1 101 ? -13.877 2.377   -0.045  1.000 41.954 ? 82  ASP A O   1 ? 
ATOM   736  C CB  . ASP A 1 101 ? -11.508 4.400   0.168   1.000 46.847 ? 82  ASP A CB  1 ? 
ATOM   737  C CG  . ASP A 1 101 ? -11.159 5.495   1.170   1.000 52.596 ? 82  ASP A CG  1 ? 
ATOM   738  O OD1 . ASP A 1 101 ? -11.103 5.191   2.377   1.000 55.961 ? 82  ASP A OD1 1 ? 
ATOM   739  O OD2 . ASP A 1 101 ? -10.925 6.641   0.740   1.000 57.307 ? 82  ASP A OD2 1 ? 
ATOM   740  N N   . ILE A 1 102 ? -12.105 1.198   -0.774  1.000 39.876 ? 83  ILE A N   1 ? 
ATOM   741  C CA  . ILE A 1 102 ? -12.897 0.383   -1.741  1.000 40.053 ? 83  ILE A CA  1 ? 
ATOM   742  C C   . ILE A 1 102 ? -13.721 -0.676  -0.994  1.000 41.783 ? 83  ILE A C   1 ? 
ATOM   743  O O   . ILE A 1 102 ? -14.681 -1.141  -1.539  1.000 44.960 ? 83  ILE A O   1 ? 
ATOM   744  C CB  . ILE A 1 102 ? -12.031 -0.241  -2.849  1.000 37.574 ? 83  ILE A CB  1 ? 
ATOM   745  C CG1 . ILE A 1 102 ? -10.945 -1.168  -2.301  1.000 37.802 ? 83  ILE A CG1 1 ? 
ATOM   746  C CG2 . ILE A 1 102 ? -11.479 0.847   -3.732  1.000 41.002 ? 83  ILE A CG2 1 ? 
ATOM   747  C CD1 . ILE A 1 102 ? -10.069 -1.789  -3.344  1.000 35.992 ? 83  ILE A CD1 1 ? 
ATOM   748  N N   . GLY A 1 103 ? -13.385 -1.040  0.227   1.000 55.157 ? 84  GLY A N   1 ? 
ATOM   749  C CA  . GLY A 1 103 ? -14.227 -1.953  1.018   1.000 53.083 ? 84  GLY A CA  1 ? 
ATOM   750  C C   . GLY A 1 103 ? -13.852 -3.404  0.821   1.000 49.595 ? 84  GLY A C   1 ? 
ATOM   751  O O   . GLY A 1 103 ? -13.181 -3.764  -0.181  1.000 49.286 ? 84  GLY A O   1 ? 
ATOM   752  N N   . GLU A 1 104 ? -14.272 -4.219  1.773   1.000 49.276 ? 85  GLU A N   1 ? 
ATOM   753  C CA  . GLU A 1 104 ? -13.972 -5.663  1.796   1.000 57.744 ? 85  GLU A CA  1 ? 
ATOM   754  C C   . GLU A 1 104 ? -14.920 -6.333  0.802   1.000 56.168 ? 85  GLU A C   1 ? 
ATOM   755  O O   . GLU A 1 104 ? -16.121 -6.275  1.039   1.000 65.880 ? 85  GLU A O   1 ? 
ATOM   756  C CB  . GLU A 1 104 ? -14.119 -6.181  3.226   1.000 55.719 ? 85  GLU A CB  1 ? 
ATOM   757  C CG  . GLU A 1 104 ? -13.545 -7.569  3.421   1.000 61.606 ? 85  GLU A CG  1 ? 
ATOM   758  C CD  . GLU A 1 104 ? -13.829 -8.149  4.793   1.000 59.937 ? 85  GLU A CD  1 ? 
ATOM   759  O OE1 . GLU A 1 104 ? -13.391 -9.276  5.029   1.000 59.114 ? 85  GLU A OE1 1 ? 
ATOM   760  O OE2 . GLU A 1 104 ? -14.488 -7.458  5.615   1.000 59.365 ? 85  GLU A OE2 1 ? 
ATOM   761  N N   . ARG A 1 105 ? -14.391 -6.879  -0.292  1.000 56.437 ? 86  ARG A N   1 ? 
ATOM   762  C CA  . ARG A 1 105 ? -15.187 -7.476  -1.395  1.000 53.698 ? 86  ARG A CA  1 ? 
ATOM   763  C C   . ARG A 1 105 ? -14.384 -8.605  -2.042  1.000 50.803 ? 86  ARG A C   1 ? 
ATOM   764  O O   . ARG A 1 105 ? -13.189 -8.427  -2.333  1.000 50.160 ? 86  ARG A O   1 ? 
ATOM   765  C CB  . ARG A 1 105 ? -15.599 -6.397  -2.400  1.000 61.485 ? 86  ARG A CB  1 ? 
ATOM   766  C CG  . ARG A 1 105 ? -16.548 -5.346  -1.826  1.000 73.560 ? 86  ARG A CG  1 ? 
ATOM   767  C CD  . ARG A 1 105 ? -17.371 -4.583  -2.858  1.000 75.361 ? 86  ARG A CD  1 ? 
ATOM   768  N NE  . ARG A 1 105 ? -16.578 -4.432  -4.068  1.000 85.164 ? 86  ARG A NE  1 ? 
ATOM   769  C CZ  . ARG A 1 105 ? -15.569 -3.584  -4.196  1.000 82.001 ? 86  ARG A CZ  1 ? 
ATOM   770  N NH1 . ARG A 1 105 ? -15.250 -2.785  -3.194  1.000 86.248 ? 86  ARG A NH1 1 ? 
ATOM   771  N NH2 . ARG A 1 105 ? -14.889 -3.522  -5.326  1.000 86.162 ? 86  ARG A NH2 1 ? 
ATOM   772  N N   . SER A 1 106 ? -15.030 -9.750  -2.235  1.000 52.938 ? 87  SER A N   1 ? 
ATOM   773  C CA  . SER A 1 106 ? -14.434 -10.987 -2.800  1.000 52.665 ? 87  SER A CA  1 ? 
ATOM   774  C C   . SER A 1 106 ? -13.920 -10.765 -4.227  1.000 47.765 ? 87  SER A C   1 ? 
ATOM   775  O O   . SER A 1 106 ? -12.936 -11.439 -4.608  1.000 43.568 ? 87  SER A O   1 ? 
ATOM   776  C CB  . SER A 1 106 ? -15.454 -12.087 -2.784  1.000 54.427 ? 87  SER A CB  1 ? 
ATOM   777  O OG  . SER A 1 106 ? -16.704 -11.587 -3.229  1.000 55.803 ? 87  SER A OG  1 ? 
ATOM   778  N N   . GLU A 1 107 ? -14.570 -9.906  -5.019  1.000 45.546 ? 88  GLU A N   1 ? 
ATOM   779  C CA  . GLU A 1 107 ? -14.227 -9.829  -6.468  1.000 54.810 ? 88  GLU A CA  1 ? 
ATOM   780  C C   . GLU A 1 107 ? -12.890 -9.075  -6.667  1.000 47.040 ? 88  GLU A C   1 ? 
ATOM   781  O O   . GLU A 1 107 ? -12.323 -9.193  -7.751  1.000 45.925 ? 88  GLU A O   1 ? 
ATOM   782  C CB  . GLU A 1 107 ? -15.394 -9.306  -7.326  1.000 53.208 ? 88  GLU A CB  1 ? 
ATOM   783  C CG  . GLU A 1 107 ? -16.029 -8.036  -6.820  1.000 65.738 ? 88  GLU A CG  1 ? 
ATOM   784  C CD  . GLU A 1 107 ? -17.140 -8.186  -5.794  1.000 68.154 ? 88  GLU A CD  1 ? 
ATOM   785  O OE1 . GLU A 1 107 ? -17.709 -7.148  -5.407  1.000 79.878 ? 88  GLU A OE1 1 ? 
ATOM   786  O OE2 . GLU A 1 107 ? -17.425 -9.318  -5.376  1.000 73.385 ? 88  GLU A OE2 1 ? 
ATOM   787  N N   . ILE A 1 108 ? -12.344 -8.381  -5.672  1.000 37.935 ? 89  ILE A N   1 ? 
ATOM   788  C CA  . ILE A 1 108 ? -11.072 -7.619  -5.879  1.000 39.107 ? 89  ILE A CA  1 ? 
ATOM   789  C C   . ILE A 1 108 ? -9.898  -8.554  -6.197  1.000 34.676 ? 89  ILE A C   1 ? 
ATOM   790  O O   . ILE A 1 108 ? -9.568  -9.395  -5.361  1.000 33.506 ? 89  ILE A O   1 ? 
ATOM   791  C CB  . ILE A 1 108 ? -10.766 -6.705  -4.684  1.000 39.043 ? 89  ILE A CB  1 ? 
ATOM   792  C CG1 . ILE A 1 108 ? -11.869 -5.664  -4.494  1.000 34.003 ? 89  ILE A CG1 1 ? 
ATOM   793  C CG2 . ILE A 1 108 ? -9.395  -6.056  -4.865  1.000 39.430 ? 89  ILE A CG2 1 ? 
ATOM   794  C CD1 . ILE A 1 108 ? -11.903 -5.084  -3.106  1.000 38.009 ? 89  ILE A CD1 1 ? 
ATOM   795  N N   . ARG A 1 109 ? -9.241  -8.346  -7.338  1.000 35.524 ? 90  ARG A N   1 ? 
ATOM   796  C CA  . ARG A 1 109 ? -8.130  -9.214  -7.805  1.000 40.859 ? 90  ARG A CA  1 ? 
ATOM   797  C C   . ARG A 1 109 ? -6.816  -8.603  -7.313  1.000 37.641 ? 90  ARG A C   1 ? 
ATOM   798  O O   . ARG A 1 109 ? -6.081  -7.957  -8.088  1.000 38.173 ? 90  ARG A O   1 ? 
ATOM   799  C CB  . ARG A 1 109 ? -8.205  -9.406  -9.323  1.000 47.602 ? 90  ARG A CB  1 ? 
ATOM   800  C CG  . ARG A 1 109 ? -9.609  -9.683  -9.852  1.000 52.070 ? 90  ARG A CG  1 ? 
ATOM   801  C CD  . ARG A 1 109 ? -9.708  -9.582  -11.379 1.000 59.933 ? 90  ARG A CD  1 ? 
ATOM   802  N NE  . ARG A 1 109 ? -9.124  -10.791 -11.939 1.000 64.821 ? 90  ARG A NE  1 ? 
ATOM   803  C CZ  . ARG A 1 109 ? -9.760  -11.953 -12.073 1.000 68.043 ? 90  ARG A CZ  1 ? 
ATOM   804  N NH1 . ARG A 1 109 ? -11.042 -12.078 -11.763 1.000 63.160 ? 90  ARG A NH1 1 ? 
ATOM   805  N NH2 . ARG A 1 109 ? -9.101  -12.993 -12.550 1.000 73.507 ? 90  ARG A NH2 1 ? 
ATOM   806  N N   . TRP A 1 110 ? -6.544  -8.793  -6.035  1.000 35.526 ? 91  TRP A N   1 ? 
ATOM   807  C CA  . TRP A 1 110 ? -5.352  -8.240  -5.347  1.000 36.761 ? 91  TRP A CA  1 ? 
ATOM   808  C C   . TRP A 1 110 ? -4.061  -8.582  -6.105  1.000 34.951 ? 91  TRP A C   1 ? 
ATOM   809  O O   . TRP A 1 110 ? -3.158  -7.730  -6.103  1.000 40.840 ? 91  TRP A O   1 ? 
ATOM   810  C CB  . TRP A 1 110 ? -5.318  -8.727  -3.897  1.000 34.412 ? 91  TRP A CB  1 ? 
ATOM   811  C CG  . TRP A 1 110 ? -6.389  -8.097  -3.072  1.000 33.182 ? 91  TRP A CG  1 ? 
ATOM   812  C CD1 . TRP A 1 110 ? -7.514  -8.704  -2.599  1.000 36.821 ? 91  TRP A CD1 1 ? 
ATOM   813  C CD2 . TRP A 1 110 ? -6.481  -6.729  -2.671  1.000 29.974 ? 91  TRP A CD2 1 ? 
ATOM   814  N NE1 . TRP A 1 110 ? -8.306  -7.797  -1.949  1.000 34.725 ? 91  TRP A NE1 1 ? 
ATOM   815  C CE2 . TRP A 1 110 ? -7.698  -6.579  -1.982  1.000 34.202 ? 91  TRP A CE2 1 ? 
ATOM   816  C CE3 . TRP A 1 110 ? -5.700  -5.598  -2.878  1.000 33.993 ? 91  TRP A CE3 1 ? 
ATOM   817  C CZ2 . TRP A 1 110 ? -8.110  -5.360  -1.445  1.000 37.794 ? 91  TRP A CZ2 1 ? 
ATOM   818  C CZ3 . TRP A 1 110 ? -6.104  -4.392  -2.350  1.000 32.994 ? 91  TRP A CZ3 1 ? 
ATOM   819  C CH2 . TRP A 1 110 ? -7.300  -4.270  -1.663  1.000 33.288 ? 91  TRP A CH2 1 ? 
ATOM   820  N N   . GLU A 1 111 ? -3.942  -9.785  -6.658  1.000 35.319 ? 92  GLU A N   1 ? 
ATOM   821  C CA  . GLU A 1 111 ? -2.726  -10.239 -7.385  1.000 38.050 ? 92  GLU A CA  1 ? 
ATOM   822  C C   . GLU A 1 111 ? -2.333  -9.197  -8.429  1.000 38.553 ? 92  GLU A C   1 ? 
ATOM   823  O O   . GLU A 1 111 ? -1.127  -9.038  -8.636  1.000 37.897 ? 92  GLU A O   1 ? 
ATOM   824  C CB  . GLU A 1 111 ? -2.915  -11.475 -8.261  1.000 43.638 ? 92  GLU A CB  1 ? 
ATOM   825  C CG  . GLU A 1 111 ? -3.852  -12.507 -7.715  1.000 52.717 ? 92  GLU A CG  1 ? 
ATOM   826  C CD  . GLU A 1 111 ? -5.301  -12.260 -8.053  1.000 46.963 ? 92  GLU A CD  1 ? 
ATOM   827  O OE1 . GLU A 1 111 ? -5.777  -12.706 -9.149  1.000 40.796 ? 92  GLU A OE1 1 ? 
ATOM   828  O OE2 . GLU A 1 111 ? -5.941  -11.658 -7.188  1.000 47.044 ? 92  GLU A OE2 1 ? 
ATOM   829  N N   . GLU A 1 112 ? -3.309  -8.621  -9.143  1.000 37.057 ? 93  GLU A N   1 ? 
ATOM   830  C CA  . GLU A 1 112 ? -3.037  -7.699  -10.280 1.000 43.919 ? 93  GLU A CA  1 ? 
ATOM   831  C C   . GLU A 1 112 ? -2.529  -6.368  -9.695  1.000 36.239 ? 93  GLU A C   1 ? 
ATOM   832  O O   . GLU A 1 112 ? -1.569  -5.783  -10.205 1.000 37.743 ? 93  GLU A O   1 ? 
ATOM   833  C CB  . GLU A 1 112 ? -4.273  -7.548  -11.187 1.000 47.180 ? 93  GLU A CB  1 ? 
ATOM   834  C CG  . GLU A 1 112 ? -4.617  -8.792  -12.028 1.000 52.795 ? 93  GLU A CG  1 ? 
ATOM   835  C CD  . GLU A 1 112 ? -5.979  -8.813  -12.748 1.000 54.384 ? 93  GLU A CD  1 ? 
ATOM   836  O OE1 . GLU A 1 112 ? -6.789  -7.876  -12.564 1.000 49.609 ? 93  GLU A OE1 1 ? 
ATOM   837  O OE2 . GLU A 1 112 ? -6.264  -9.798  -13.464 1.000 57.797 ? 93  GLU A OE2 1 ? 
ATOM   838  N N   . SER A 1 113 ? -3.174  -5.909  -8.643  1.000 34.358 ? 94  SER A N   1 ? 
ATOM   839  C CA  . SER A 1 113 ? -2.820  -4.690  -7.887  1.000 36.199 ? 94  SER A CA  1 ? 
ATOM   840  C C   . SER A 1 113 ? -1.360  -4.808  -7.396  1.000 36.173 ? 94  SER A C   1 ? 
ATOM   841  O O   . SER A 1 113 ? -0.539  -3.965  -7.705  1.000 31.068 ? 94  SER A O   1 ? 
ATOM   842  C CB  . SER A 1 113 ? -3.814  -4.537  -6.769  1.000 36.920 ? 94  SER A CB  1 ? 
ATOM   843  O OG  . SER A 1 113 ? -3.721  -3.250  -6.204  1.000 49.359 ? 94  SER A OG  1 ? 
ATOM   844  N N   . PHE A 1 114 ? -1.033  -5.889  -6.706  1.000 34.909 ? 95  PHE A N   1 ? 
ATOM   845  C CA  . PHE A 1 114 ? 0.314   -6.121  -6.147  1.000 38.730 ? 95  PHE A CA  1 ? 
ATOM   846  C C   . PHE A 1 114 ? 1.346   -6.256  -7.268  1.000 35.596 ? 95  PHE A C   1 ? 
ATOM   847  O O   . PHE A 1 114 ? 2.482   -5.837  -7.047  1.000 36.569 ? 95  PHE A O   1 ? 
ATOM   848  C CB  . PHE A 1 114 ? 0.309   -7.338  -5.215  1.000 36.619 ? 95  PHE A CB  1 ? 
ATOM   849  C CG  . PHE A 1 114 ? -0.419  -7.091  -3.924  1.000 31.991 ? 95  PHE A CG  1 ? 
ATOM   850  C CD1 . PHE A 1 114 ? -0.119  -5.987  -3.150  1.000 34.426 ? 95  PHE A CD1 1 ? 
ATOM   851  C CD2 . PHE A 1 114 ? -1.376  -7.978  -3.470  1.000 34.321 ? 95  PHE A CD2 1 ? 
ATOM   852  C CE1 . PHE A 1 114 ? -0.800  -5.748  -1.964  1.000 39.402 ? 95  PHE A CE1 1 ? 
ATOM   853  C CE2 . PHE A 1 114 ? -2.053  -7.751  -2.280  1.000 36.840 ? 95  PHE A CE2 1 ? 
ATOM   854  C CZ  . PHE A 1 114 ? -1.779  -6.624  -1.538  1.000 39.258 ? 95  PHE A CZ  1 ? 
ATOM   855  N N   . THR A 1 115 ? 1.001   -6.865  -8.397  1.000 35.558 ? 96  THR A N   1 ? 
ATOM   856  C CA  . THR A 1 115 ? 1.930   -6.976  -9.550  1.000 36.352 ? 96  THR A CA  1 ? 
ATOM   857  C C   . THR A 1 115 ? 2.408   -5.566  -9.935  1.000 36.971 ? 96  THR A C   1 ? 
ATOM   858  O O   . THR A 1 115 ? 3.641   -5.371  -10.081 1.000 33.598 ? 96  THR A O   1 ? 
ATOM   859  C CB  . THR A 1 115 ? 1.247   -7.650  -10.737 1.000 40.244 ? 96  THR A CB  1 ? 
ATOM   860  O OG1 . THR A 1 115 ? 0.873   -8.959  -10.302 1.000 34.745 ? 96  THR A OG1 1 ? 
ATOM   861  C CG2 . THR A 1 115 ? 2.142   -7.696  -11.961 1.000 36.608 ? 96  THR A CG2 1 ? 
ATOM   862  N N   . ILE A 1 116 ? 1.471   -4.613  -10.004 1.000 32.954 ? 97  ILE A N   1 ? 
ATOM   863  C CA  . ILE A 1 116 ? 1.733   -3.199  -10.409 1.000 31.898 ? 97  ILE A CA  1 ? 
ATOM   864  C C   . ILE A 1 116 ? 2.522   -2.482  -9.323  1.000 32.953 ? 97  ILE A C   1 ? 
ATOM   865  O O   . ILE A 1 116 ? 3.581   -1.920  -9.620  1.000 36.502 ? 97  ILE A O   1 ? 
ATOM   866  C CB  . ILE A 1 116 ? 0.418   -2.508  -10.773 1.000 30.465 ? 97  ILE A CB  1 ? 
ATOM   867  C CG1 . ILE A 1 116 ? -0.124  -3.120  -12.070 1.000 32.105 ? 97  ILE A CG1 1 ? 
ATOM   868  C CG2 . ILE A 1 116 ? 0.588   -1.010  -10.877 1.000 31.354 ? 97  ILE A CG2 1 ? 
ATOM   869  C CD1 . ILE A 1 116 ? -1.544  -2.705  -12.413 1.000 34.491 ? 97  ILE A CD1 1 ? 
ATOM   870  N N   . LEU A 1 117 ? 2.037   -2.498  -8.092  1.000 35.354 ? 98  LEU A N   1 ? 
ATOM   871  C CA  . LEU A 1 117 ? 2.771   -1.869  -6.984  1.000 29.998 ? 98  LEU A CA  1 ? 
ATOM   872  C C   . LEU A 1 117 ? 4.236   -2.344  -6.963  1.000 32.933 ? 98  LEU A C   1 ? 
ATOM   873  O O   . LEU A 1 117 ? 5.129   -1.505  -6.882  1.000 33.956 ? 98  LEU A O   1 ? 
ATOM   874  C CB  . LEU A 1 117 ? 2.063   -2.217  -5.688  1.000 32.593 ? 98  LEU A CB  1 ? 
ATOM   875  C CG  . LEU A 1 117 ? 2.819   -1.742  -4.447  1.000 32.198 ? 98  LEU A CG  1 ? 
ATOM   876  C CD1 . LEU A 1 117 ? 2.955   -0.242  -4.499  1.000 33.482 ? 98  LEU A CD1 1 ? 
ATOM   877  C CD2 . LEU A 1 117 ? 2.135   -2.178  -3.166  1.000 32.278 ? 98  LEU A CD2 1 ? 
ATOM   878  N N   . PHE A 1 118 ? 4.506   -3.639  -7.047  1.000 32.862 ? 99  PHE A N   1 ? 
ATOM   879  C CA  . PHE A 1 118 ? 5.872   -4.170  -6.822  1.000 35.186 ? 99  PHE A CA  1 ? 
ATOM   880  C C   . PHE A 1 118 ? 6.762   -3.884  -8.036  1.000 35.194 ? 99  PHE A C   1 ? 
ATOM   881  O O   . PHE A 1 118 ? 7.952   -3.596  -7.853  1.000 39.849 ? 99  PHE A O   1 ? 
ATOM   882  C CB  . PHE A 1 118 ? 5.811   -5.646  -6.422  1.000 36.153 ? 99  PHE A CB  1 ? 
ATOM   883  C CG  . PHE A 1 118 ? 5.099   -5.896  -5.123  1.000 34.502 ? 99  PHE A CG  1 ? 
ATOM   884  C CD1 . PHE A 1 118 ? 5.100   -4.948  -4.127  1.000 39.568 ? 99  PHE A CD1 1 ? 
ATOM   885  C CD2 . PHE A 1 118 ? 4.436   -7.090  -4.888  1.000 42.234 ? 99  PHE A CD2 1 ? 
ATOM   886  C CE1 . PHE A 1 118 ? 4.455   -5.177  -2.923  1.000 45.852 ? 99  PHE A CE1 1 ? 
ATOM   887  C CE2 . PHE A 1 118 ? 3.779   -7.319  -3.686  1.000 40.252 ? 99  PHE A CE2 1 ? 
ATOM   888  C CZ  . PHE A 1 118 ? 3.795   -6.365  -2.702  1.000 40.035 ? 99  PHE A CZ  1 ? 
ATOM   889  N N   . ARG A 1 119 ? 6.214   -3.939  -9.240  1.000 39.792 ? 100 ARG A N   1 ? 
ATOM   890  C CA  . ARG A 1 119 ? 6.941   -3.498  -10.454 1.000 41.855 ? 100 ARG A CA  1 ? 
ATOM   891  C C   . ARG A 1 119 ? 7.454   -2.078  -10.177 1.000 40.480 ? 100 ARG A C   1 ? 
ATOM   892  O O   . ARG A 1 119 ? 8.666   -1.821  -10.372 1.000 31.838 ? 100 ARG A O   1 ? 
ATOM   893  C CB  . ARG A 1 119 ? 6.027   -3.571  -11.680 1.000 44.570 ? 100 ARG A CB  1 ? 
ATOM   894  C CG  . ARG A 1 119 ? 6.730   -3.334  -13.015 1.000 54.622 ? 100 ARG A CG  1 ? 
ATOM   895  C CD  . ARG A 1 119 ? 5.779   -3.217  -14.211 1.000 53.528 ? 100 ARG A CD  1 ? 
ATOM   896  N NE  . ARG A 1 119 ? 5.125   -4.492  -14.533 1.000 60.526 ? 100 ARG A NE  1 ? 
ATOM   897  C CZ  . ARG A 1 119 ? 3.806   -4.763  -14.497 1.000 59.833 ? 100 ARG A CZ  1 ? 
ATOM   898  N NH1 . ARG A 1 119 ? 2.914   -3.840  -14.161 1.000 58.156 ? 100 ARG A NH1 1 ? 
ATOM   899  N NH2 . ARG A 1 119 ? 3.382   -5.975  -14.825 1.000 58.581 ? 100 ARG A NH2 1 ? 
ATOM   900  N N   . MET A 1 120 ? 6.585   -1.211  -9.648  1.000 35.204 ? 101 MET A N   1 ? 
ATOM   901  C CA  . MET A 1 120 ? 6.902   0.226   -9.466  1.000 34.402 ? 101 MET A CA  1 ? 
ATOM   902  C C   . MET A 1 120 ? 7.895   0.468   -8.308  1.000 34.059 ? 101 MET A C   1 ? 
ATOM   903  O O   . MET A 1 120 ? 8.633   1.462   -8.375  1.000 42.857 ? 101 MET A O   1 ? 
ATOM   904  C CB  . MET A 1 120 ? 5.622   1.025   -9.236  1.000 37.049 ? 101 MET A CB  1 ? 
ATOM   905  C CG  . MET A 1 120 ? 4.826   1.201   -10.519 1.000 43.061 ? 101 MET A CG  1 ? 
ATOM   906  S SD  . MET A 1 120 ? 3.216   2.048   -10.301 1.000 47.559 ? 101 MET A SD  1 ? 
ATOM   907  C CE  . MET A 1 120 ? 3.664   3.300   -9.100  1.000 47.231 ? 101 MET A CE  1 ? 
ATOM   908  N N   . ILE A 1 121 ? 7.955   -0.363  -7.267  1.000 34.731 ? 102 ILE A N   1 ? 
ATOM   909  C CA  . ILE A 1 121 ? 8.698   0.047   -6.036  1.000 34.329 ? 102 ILE A CA  1 ? 
ATOM   910  C C   . ILE A 1 121 ? 9.696   -1.017  -5.622  1.000 35.227 ? 102 ILE A C   1 ? 
ATOM   911  O O   . ILE A 1 121 ? 10.402  -0.719  -4.689  1.000 35.685 ? 102 ILE A O   1 ? 
ATOM   912  C CB  . ILE A 1 121 ? 7.780   0.408   -4.851  1.000 35.124 ? 102 ILE A CB  1 ? 
ATOM   913  C CG1 . ILE A 1 121 ? 7.142   -0.825  -4.197  1.000 34.692 ? 102 ILE A CG1 1 ? 
ATOM   914  C CG2 . ILE A 1 121 ? 6.744   1.462   -5.242  1.000 35.507 ? 102 ILE A CG2 1 ? 
ATOM   915  C CD1 . ILE A 1 121 ? 6.407   -0.532  -2.873  1.000 36.087 ? 102 ILE A CD1 1 ? 
ATOM   916  N N   . GLU A 1 122 ? 9.753   -2.197  -6.239  1.000 36.956 ? 103 GLU A N   1 ? 
ATOM   917  C CA  . GLU A 1 122 ? 10.628  -3.260  -5.675  1.000 40.119 ? 103 GLU A CA  1 ? 
ATOM   918  C C   . GLU A 1 122 ? 12.084  -2.779  -5.637  1.000 40.586 ? 103 GLU A C   1 ? 
ATOM   919  O O   . GLU A 1 122 ? 12.842  -3.237  -4.734  1.000 42.674 ? 103 GLU A O   1 ? 
ATOM   920  C CB  . GLU A 1 122 ? 10.462  -4.616  -6.359  1.000 43.787 ? 103 GLU A CB  1 ? 
ATOM   921  C CG  . GLU A 1 122 ? 10.884  -4.716  -7.811  1.000 47.340 ? 103 GLU A CG  1 ? 
ATOM   922  C CD  . GLU A 1 122 ? 10.488  -6.066  -8.408  1.000 55.043 ? 103 GLU A CD  1 ? 
ATOM   923  O OE1 . GLU A 1 122 ? 10.753  -7.090  -7.725  1.000 51.333 ? 103 GLU A OE1 1 ? 
ATOM   924  O OE2 . GLU A 1 122 ? 9.866   -6.098  -9.524  1.000 54.225 ? 103 GLU A OE2 1 ? 
ATOM   925  N N   . THR A 1 123 ? 12.480  -1.874  -6.535  1.000 37.168 ? 104 THR A N   1 ? 
ATOM   926  C CA  . THR A 1 123 ? 13.871  -1.344  -6.575  1.000 39.680 ? 104 THR A CA  1 ? 
ATOM   927  C C   . THR A 1 123 ? 14.235  -0.716  -5.208  1.000 36.937 ? 104 THR A C   1 ? 
ATOM   928  O O   . THR A 1 123 ? 15.413  -0.773  -4.822  1.000 40.278 ? 104 THR A O   1 ? 
ATOM   929  C CB  . THR A 1 123 ? 14.038  -0.380  -7.755  1.000 41.480 ? 104 THR A CB  1 ? 
ATOM   930  O OG1 . THR A 1 123 ? 13.875  -1.129  -8.960  1.000 43.851 ? 104 THR A OG1 1 ? 
ATOM   931  C CG2 . THR A 1 123 ? 15.381  0.309   -7.724  1.000 42.076 ? 104 THR A CG2 1 ? 
ATOM   932  N N   . TYR A 1 124 ? 13.255  -0.197  -4.473  1.000 37.348 ? 105 TYR A N   1 ? 
ATOM   933  C CA  . TYR A 1 124 ? 13.408  0.565   -3.205  1.000 37.750 ? 105 TYR A CA  1 ? 
ATOM   934  C C   . TYR A 1 124 ? 13.268  -0.319  -1.944  1.000 38.865 ? 105 TYR A C   1 ? 
ATOM   935  O O   . TYR A 1 124 ? 13.360  0.234   -0.816  1.000 41.394 ? 105 TYR A O   1 ? 
ATOM   936  C CB  . TYR A 1 124 ? 12.456  1.761   -3.268  1.000 35.618 ? 105 TYR A CB  1 ? 
ATOM   937  C CG  . TYR A 1 124 ? 12.788  2.699   -4.409  1.000 39.681 ? 105 TYR A CG  1 ? 
ATOM   938  C CD1 . TYR A 1 124 ? 13.857  3.584   -4.332  1.000 40.411 ? 105 TYR A CD1 1 ? 
ATOM   939  C CD2 . TYR A 1 124 ? 12.088  2.658   -5.608  1.000 38.630 ? 105 TYR A CD2 1 ? 
ATOM   940  C CE1 . TYR A 1 124 ? 14.178  4.434   -5.389  1.000 42.331 ? 105 TYR A CE1 1 ? 
ATOM   941  C CE2 . TYR A 1 124 ? 12.416  3.473   -6.681  1.000 42.003 ? 105 TYR A CE2 1 ? 
ATOM   942  C CZ  . TYR A 1 124 ? 13.479  4.361   -6.584  1.000 44.379 ? 105 TYR A CZ  1 ? 
ATOM   943  O OH  . TYR A 1 124 ? 13.801  5.175   -7.647  1.000 54.739 ? 105 TYR A OH  1 ? 
ATOM   944  N N   . PHE A 1 125 ? 13.103  -1.640  -2.058  1.000 40.288 ? 106 PHE A N   1 ? 
ATOM   945  C CA  . PHE A 1 125 ? 12.738  -2.487  -0.883  1.000 41.740 ? 106 PHE A CA  1 ? 
ATOM   946  C C   . PHE A 1 125 ? 13.815  -2.386  0.205   1.000 45.515 ? 106 PHE A C   1 ? 
ATOM   947  O O   . PHE A 1 125 ? 13.471  -2.031  1.349   1.000 45.920 ? 106 PHE A O   1 ? 
ATOM   948  C CB  . PHE A 1 125 ? 12.496  -3.947  -1.266  1.000 40.640 ? 106 PHE A CB  1 ? 
ATOM   949  C CG  . PHE A 1 125 ? 11.147  -4.259  -1.866  1.000 39.176 ? 106 PHE A CG  1 ? 
ATOM   950  C CD1 . PHE A 1 125 ? 10.095  -3.354  -1.803  1.000 38.963 ? 106 PHE A CD1 1 ? 
ATOM   951  C CD2 . PHE A 1 125 ? 10.945  -5.452  -2.541  1.000 40.535 ? 106 PHE A CD2 1 ? 
ATOM   952  C CE1 . PHE A 1 125 ? 8.858   -3.662  -2.335  1.000 35.336 ? 106 PHE A CE1 1 ? 
ATOM   953  C CE2 . PHE A 1 125 ? 9.722   -5.741  -3.122  1.000 40.011 ? 106 PHE A CE2 1 ? 
ATOM   954  C CZ  . PHE A 1 125 ? 8.678   -4.850  -3.003  1.000 41.185 ? 106 PHE A CZ  1 ? 
ATOM   955  N N   . ASP A 1 126 ? 15.079  -2.631  -0.130  1.000 44.989 ? 107 ASP A N   1 ? 
ATOM   956  C CA  . ASP A 1 126 ? 16.209  -2.495  0.837   1.000 48.256 ? 107 ASP A CA  1 ? 
ATOM   957  C C   . ASP A 1 126 ? 16.210  -1.124  1.523   1.000 48.683 ? 107 ASP A C   1 ? 
ATOM   958  O O   . ASP A 1 126 ? 16.255  -1.098  2.776   1.000 47.088 ? 107 ASP A O   1 ? 
ATOM   959  C CB  . ASP A 1 126 ? 17.540  -2.777  0.164   1.000 44.273 ? 107 ASP A CB  1 ? 
ATOM   960  C CG  . ASP A 1 126 ? 17.565  -4.213  -0.330  1.000 51.448 ? 107 ASP A CG  1 ? 
ATOM   961  O OD1 . ASP A 1 126 ? 16.742  -5.010  0.173   1.000 55.944 ? 107 ASP A OD1 1 ? 
ATOM   962  O OD2 . ASP A 1 126 ? 18.355  -4.517  -1.250  1.000 64.430 ? 107 ASP A OD2 1 ? 
ATOM   963  N N   . ASP A 1 127 ? 16.106  -0.039  0.758   1.000 46.312 ? 108 ASP A N   1 ? 
ATOM   964  C CA  . ASP A 1 127 ? 16.133  1.339   1.310   1.000 47.663 ? 108 ASP A CA  1 ? 
ATOM   965  C C   . ASP A 1 127 ? 14.863  1.554   2.145   1.000 47.815 ? 108 ASP A C   1 ? 
ATOM   966  O O   . ASP A 1 127 ? 14.968  2.223   3.206   1.000 50.307 ? 108 ASP A O   1 ? 
ATOM   967  C CB  . ASP A 1 127 ? 16.405  2.378   0.215   1.000 53.564 ? 108 ASP A CB  1 ? 
ATOM   968  C CG  . ASP A 1 127 ? 17.781  2.272   -0.458  1.000 61.433 ? 108 ASP A CG  1 ? 
ATOM   969  O OD1 . ASP A 1 127 ? 18.629  1.450   -0.015  1.000 59.689 ? 108 ASP A OD1 1 ? 
ATOM   970  O OD2 . ASP A 1 127 ? 18.000  3.001   -1.447  1.000 67.877 ? 108 ASP A OD2 1 ? 
ATOM   971  N N   . LEU A 1 128 ? 13.721  0.969   1.768   1.000 45.444 ? 109 LEU A N   1 ? 
ATOM   972  C CA  . LEU A 1 128 ? 12.470  1.123   2.569   1.000 45.185 ? 109 LEU A CA  1 ? 
ATOM   973  C C   . LEU A 1 128 ? 12.620  0.419   3.928   1.000 43.644 ? 109 LEU A C   1 ? 
ATOM   974  O O   . LEU A 1 128 ? 12.252  1.021   4.960   1.000 38.165 ? 109 LEU A O   1 ? 
ATOM   975  C CB  . LEU A 1 128 ? 11.277  0.568   1.801   1.000 40.996 ? 109 LEU A CB  1 ? 
ATOM   976  C CG  . LEU A 1 128 ? 10.759  1.480   0.695   1.000 43.584 ? 109 LEU A CG  1 ? 
ATOM   977  C CD1 . LEU A 1 128 ? 9.912   0.702   -0.312  1.000 42.861 ? 109 LEU A CD1 1 ? 
ATOM   978  C CD2 . LEU A 1 128 ? 9.960   2.633   1.284   1.000 42.015 ? 109 LEU A CD2 1 ? 
ATOM   979  N N   . MET A 1 129 ? 13.160  -0.794  3.942   1.000 42.626 ? 110 MET A N   1 ? 
ATOM   980  C CA  . MET A 1 129 ? 13.362  -1.574  5.187   1.000 47.491 ? 110 MET A CA  1 ? 
ATOM   981  C C   . MET A 1 129 ? 14.238  -0.774  6.163   1.000 55.232 ? 110 MET A C   1 ? 
ATOM   982  O O   . MET A 1 129 ? 13.791  -0.597  7.323   1.000 53.835 ? 110 MET A O   1 ? 
ATOM   983  C CB  . MET A 1 129 ? 13.967  -2.948  4.887   1.000 49.469 ? 110 MET A CB  1 ? 
ATOM   984  C CG  . MET A 1 129 ? 12.932  -3.913  4.280   1.000 62.260 ? 110 MET A CG  1 ? 
ATOM   985  S SD  . MET A 1 129 ? 11.403  -4.115  5.309   1.000 70.488 ? 110 MET A SD  1 ? 
ATOM   986  C CE  . MET A 1 129 ? 12.121  -5.097  6.631   1.000 60.906 ? 110 MET A CE  1 ? 
ATOM   987  N N   . ILE A 1 130 ? 15.405  -0.289  5.714   1.000 55.434 ? 111 ILE A N   1 ? 
ATOM   988  C CA  . ILE A 1 130 ? 16.321  0.576   6.513   1.000 53.573 ? 111 ILE A CA  1 ? 
ATOM   989  C C   . ILE A 1 130 ? 15.548  1.797   7.016   1.000 51.479 ? 111 ILE A C   1 ? 
ATOM   990  O O   . ILE A 1 130 ? 15.574  2.075   8.202   1.000 59.076 ? 111 ILE A O   1 ? 
ATOM   991  C CB  . ILE A 1 130 ? 17.526  1.003   5.661   1.000 61.823 ? 111 ILE A CB  1 ? 
ATOM   992  C CG1 . ILE A 1 130 ? 18.507  -0.154  5.454   1.000 59.026 ? 111 ILE A CG1 1 ? 
ATOM   993  C CG2 . ILE A 1 130 ? 18.211  2.239   6.243   1.000 61.416 ? 111 ILE A CG2 1 ? 
ATOM   994  C CD1 . ILE A 1 130 ? 19.383  0.034   4.226   1.000 59.484 ? 111 ILE A CD1 1 ? 
ATOM   995  N N   . ASP A 1 131 ? 14.881  2.522   6.136   1.000 50.901 ? 112 ASP A N   1 ? 
ATOM   996  C CA  . ASP A 1 131 ? 14.267  3.823   6.495   1.000 52.448 ? 112 ASP A CA  1 ? 
ATOM   997  C C   . ASP A 1 131 ? 13.148  3.644   7.535   1.000 57.598 ? 112 ASP A C   1 ? 
ATOM   998  O O   . ASP A 1 131 ? 12.889  4.592   8.288   1.000 53.770 ? 112 ASP A O   1 ? 
ATOM   999  C CB  . ASP A 1 131 ? 13.740  4.507   5.240   1.000 52.643 ? 112 ASP A CB  1 ? 
ATOM   1000 C CG  . ASP A 1 131 ? 13.319  5.937   5.493   1.000 60.912 ? 112 ASP A CG  1 ? 
ATOM   1001 O OD1 . ASP A 1 131 ? 14.203  6.805   5.609   1.000 80.475 ? 112 ASP A OD1 1 ? 
ATOM   1002 O OD2 . ASP A 1 131 ? 12.122  6.165   5.584   1.000 63.556 ? 112 ASP A OD2 1 ? 
ATOM   1003 N N   . LEU A 1 132 ? 12.458  2.503   7.533   1.000 63.621 ? 113 LEU A N   1 ? 
ATOM   1004 C CA  . LEU A 1 132 ? 11.231  2.296   8.341   1.000 63.661 ? 113 LEU A CA  1 ? 
ATOM   1005 C C   . LEU A 1 132 ? 11.569  1.567   9.634   1.000 54.601 ? 113 LEU A C   1 ? 
ATOM   1006 O O   . LEU A 1 132 ? 10.949  1.907   10.663  1.000 51.641 ? 113 LEU A O   1 ? 
ATOM   1007 C CB  . LEU A 1 132 ? 10.200  1.495   7.539   1.000 68.892 ? 113 LEU A CB  1 ? 
ATOM   1008 C CG  . LEU A 1 132 ? 9.498   2.278   6.433   1.000 74.276 ? 113 LEU A CG  1 ? 
ATOM   1009 C CD1 . LEU A 1 132 ? 8.268   1.529   5.952   1.000 76.075 ? 113 LEU A CD1 1 ? 
ATOM   1010 C CD2 . LEU A 1 132 ? 9.134   3.683   6.898   1.000 79.045 ? 113 LEU A CD2 1 ? 
ATOM   1011 N N   . TYR A 1 133 ? 12.439  0.564   9.555   1.000 49.713 ? 114 TYR A N   1 ? 
ATOM   1012 C CA  . TYR A 1 133 ? 12.704  -0.396  10.655  1.000 52.197 ? 114 TYR A CA  1 ? 
ATOM   1013 C C   . TYR A 1 133 ? 14.178  -0.397  11.044  1.000 53.261 ? 114 TYR A C   1 ? 
ATOM   1014 O O   . TYR A 1 133 ? 14.536  -1.207  11.893  1.000 48.028 ? 114 TYR A O   1 ? 
ATOM   1015 C CB  . TYR A 1 133 ? 12.291  -1.811  10.238  1.000 52.283 ? 114 TYR A CB  1 ? 
ATOM   1016 C CG  . TYR A 1 133 ? 10.847  -1.904  9.835   1.000 54.558 ? 114 TYR A CG  1 ? 
ATOM   1017 C CD1 . TYR A 1 133 ? 9.844   -1.958  10.794  1.000 53.594 ? 114 TYR A CD1 1 ? 
ATOM   1018 C CD2 . TYR A 1 133 ? 10.476  -1.858  8.502   1.000 53.181 ? 114 TYR A CD2 1 ? 
ATOM   1019 C CE1 . TYR A 1 133 ? 8.505   -2.005  10.437  1.000 54.769 ? 114 TYR A CE1 1 ? 
ATOM   1020 C CE2 . TYR A 1 133 ? 9.142   -1.905  8.130   1.000 56.201 ? 114 TYR A CE2 1 ? 
ATOM   1021 C CZ  . TYR A 1 133 ? 8.151   -1.979  9.099   1.000 54.389 ? 114 TYR A CZ  1 ? 
ATOM   1022 O OH  . TYR A 1 133 ? 6.835   -2.026  8.733   1.000 47.234 ? 114 TYR A OH  1 ? 
ATOM   1023 N N   . GLY A 1 134 ? 15.018  0.409   10.401  1.000 60.265 ? 115 GLY A N   1 ? 
ATOM   1024 C CA  . GLY A 1 134 ? 16.461  0.438   10.725  1.000 68.857 ? 115 GLY A CA  1 ? 
ATOM   1025 C C   . GLY A 1 134 ? 16.704  1.242   11.993  1.000 73.683 ? 115 GLY A C   1 ? 
ATOM   1026 O O   . GLY A 1 134 ? 15.795  2.048   12.367  1.000 71.585 ? 115 GLY A O   1 ? 
ATOM   1027 N N   . GLU A 1 135 ? 17.861  1.033   12.639  1.000 78.524 ? 116 GLU A N   1 ? 
ATOM   1028 C CA  . GLU A 1 135 ? 18.337  1.843   13.802  1.000 84.246 ? 116 GLU A CA  1 ? 
ATOM   1029 C C   . GLU A 1 135 ? 19.070  3.095   13.297  1.000 76.093 ? 116 GLU A C   1 ? 
ATOM   1030 O O   . GLU A 1 135 ? 18.741  4.199   13.733  1.000 75.051 ? 116 GLU A O   1 ? 
ATOM   1031 C CB  . GLU A 1 135 ? 19.250  1.009   14.704  1.000 86.451 ? 116 GLU A CB  1 ? 
ATOM   1032 C CG  . GLU A 1 135 ? 18.590  -0.247  15.258  1.000 86.435 ? 116 GLU A CG  1 ? 
ATOM   1033 C CD  . GLU A 1 135 ? 17.766  -0.103  16.535  1.000 86.959 ? 116 GLU A CD  1 ? 
ATOM   1034 O OE1 . GLU A 1 135 ? 17.302  -1.162  17.031  1.000 74.208 ? 116 GLU A OE1 1 ? 
ATOM   1035 O OE2 . GLU A 1 135 ? 17.591  1.047   17.045  1.000 79.596 ? 116 GLU A OE2 1 ? 
HETATM 1036 O O   . HOH B 2 .   ? 2.353   -6.631  19.509  1.000 64.519 ? 201 HOH A O   1 ? 
HETATM 1037 O O   . HOH B 2 .   ? 6.226   10.924  -8.905  1.000 67.681 ? 202 HOH A O   1 ? 
HETATM 1038 O O   . HOH B 2 .   ? -13.398 -4.945  -14.187 1.000 41.302 ? 203 HOH A O   1 ? 
HETATM 1039 O O   . HOH B 2 .   ? -1.667  16.504  0.798   1.000 73.494 ? 204 HOH A O   1 ? 
HETATM 1040 O O   . HOH B 2 .   ? 7.122   -4.316  14.727  1.000 49.794 ? 205 HOH A O   1 ? 
HETATM 1041 O O   . HOH B 2 .   ? -7.665  -14.993 -12.628 1.000 54.561 ? 206 HOH A O   1 ? 
HETATM 1042 O O   . HOH B 2 .   ? -1.743  -9.631  8.886   1.000 36.258 ? 207 HOH A O   1 ? 
HETATM 1043 O O   . HOH B 2 .   ? 2.775   -1.382  -14.518 1.000 52.187 ? 208 HOH A O   1 ? 
HETATM 1044 O O   . HOH B 2 .   ? -7.037  -5.502  -11.741 1.000 33.607 ? 209 HOH A O   1 ? 
HETATM 1045 O O   . HOH B 2 .   ? 12.578  6.504   -12.037 1.000 44.527 ? 210 HOH A O   1 ? 
HETATM 1046 O O   . HOH B 2 .   ? -9.912  -1.887  -14.665 1.000 53.573 ? 211 HOH A O   1 ? 
HETATM 1047 O O   . HOH B 2 .   ? 10.122  12.691  -5.101  1.000 52.571 ? 212 HOH A O   1 ? 
HETATM 1048 O O   . HOH B 2 .   ? -8.034  0.548   7.066   1.000 42.115 ? 213 HOH A O   1 ? 
HETATM 1049 O O   . HOH B 2 .   ? 20.038  -10.697 17.328  1.000 59.153 ? 214 HOH A O   1 ? 
HETATM 1050 O O   . HOH B 2 .   ? -10.417 11.068  -14.272 1.000 36.610 ? 215 HOH A O   1 ? 
HETATM 1051 O O   . HOH B 2 .   ? -0.167  12.497  -1.932  1.000 60.718 ? 216 HOH A O   1 ? 
HETATM 1052 O O   . HOH B 2 .   ? -13.108 -10.787 -9.633  1.000 46.964 ? 217 HOH A O   1 ? 
HETATM 1053 O O   . HOH B 2 .   ? 5.925   -1.100  13.102  1.000 43.470 ? 218 HOH A O   1 ? 
HETATM 1054 O O   . HOH B 2 .   ? -6.984  6.061   -16.406 1.000 45.224 ? 219 HOH A O   1 ? 
HETATM 1055 O O   . HOH B 2 .   ? -2.250  14.148  -1.050  1.000 52.566 ? 220 HOH A O   1 ? 
HETATM 1056 O O   . HOH B 2 .   ? -10.226 8.754   2.088   1.000 53.143 ? 221 HOH A O   1 ? 
HETATM 1057 O O   . HOH B 2 .   ? 7.478   -8.698  9.173   1.000 64.946 ? 222 HOH A O   1 ? 
HETATM 1058 O O   . HOH B 2 .   ? -3.209  -13.292 12.485  1.000 40.470 ? 223 HOH A O   1 ? 
HETATM 1059 O O   . HOH B 2 .   ? -12.356 8.067   -0.968  1.000 56.929 ? 224 HOH A O   1 ? 
HETATM 1060 O O   . HOH B 2 .   ? -8.213  -3.831  12.908  1.000 45.949 ? 225 HOH A O   1 ? 
HETATM 1061 O O   . HOH B 2 .   ? 9.966   12.128  -8.673  1.000 55.384 ? 226 HOH A O   1 ? 
HETATM 1062 O O   . HOH B 2 .   ? 1.435   3.973   13.496  1.000 52.361 ? 227 HOH A O   1 ? 
HETATM 1063 O O   . HOH B 2 .   ? 0.099   3.756   4.913   1.000 28.544 ? 228 HOH A O   1 ? 
HETATM 1064 O O   . HOH B 2 .   ? -10.859 -10.371 -3.247  1.000 45.117 ? 229 HOH A O   1 ? 
HETATM 1065 O O   . HOH B 2 .   ? -6.491  -5.370  -9.006  1.000 31.605 ? 230 HOH A O   1 ? 
HETATM 1066 O O   . HOH B 2 .   ? -10.919 -11.358 7.845   1.000 49.315 ? 231 HOH A O   1 ? 
HETATM 1067 O O   . HOH B 2 .   ? 1.884   6.010   -11.731 1.000 41.755 ? 232 HOH A O   1 ? 
HETATM 1068 O O   . HOH B 2 .   ? 5.503   -7.296  -10.169 1.000 42.691 ? 233 HOH A O   1 ? 
HETATM 1069 O O   . HOH B 2 .   ? 2.075   -11.077 -11.471 1.000 45.871 ? 234 HOH A O   1 ? 
HETATM 1070 O O   . HOH B 2 .   ? -1.149  -1.133  -4.913  1.000 41.931 ? 235 HOH A O   1 ? 
HETATM 1071 O O   . HOH B 2 .   ? 10.917  -1.109  -9.041  1.000 35.202 ? 236 HOH A O   1 ? 
HETATM 1072 O O   . HOH B 2 .   ? 14.330  -5.503  -4.803  1.000 66.084 ? 237 HOH A O   1 ? 
HETATM 1073 O O   . HOH B 2 .   ? -3.109  -9.079  6.610   1.000 28.372 ? 238 HOH A O   1 ? 
HETATM 1074 O O   . HOH B 2 .   ? -4.943  -13.405 15.640  1.000 39.669 ? 239 HOH A O   1 ? 
HETATM 1075 O O   . HOH B 2 .   ? -0.717  -2.693  -15.906 1.000 42.954 ? 240 HOH A O   1 ? 
HETATM 1076 O O   . HOH B 2 .   ? -2.200  -3.235  -3.938  1.000 44.278 ? 241 HOH A O   1 ? 
HETATM 1077 O O   . HOH B 2 .   ? 16.698  8.824   -6.663  1.000 41.935 ? 242 HOH A O   1 ? 
HETATM 1078 O O   . HOH B 2 .   ? 10.419  -3.756  -11.212 1.000 46.683 ? 243 HOH A O   1 ? 
HETATM 1079 O O   . HOH B 2 .   ? 14.017  12.373  -7.215  1.000 46.366 ? 244 HOH A O   1 ? 
HETATM 1080 O O   . HOH B 2 .   ? -9.085  -8.188  2.481   1.000 45.508 ? 245 HOH A O   1 ? 
HETATM 1081 O O   . HOH B 2 .   ? -12.600 -2.151  -6.538  1.000 41.192 ? 246 HOH A O   1 ? 
HETATM 1082 O O   . HOH B 2 .   ? 16.610  -0.304  -2.370  1.000 46.675 ? 247 HOH A O   1 ? 
HETATM 1083 O O   . HOH B 2 .   ? -3.158  -0.772  -15.055 1.000 44.969 ? 248 HOH A O   1 ? 
HETATM 1084 O O   . HOH B 2 .   ? -5.913  13.002  5.184   1.000 47.891 ? 249 HOH A O   1 ? 
HETATM 1085 O O   . HOH B 2 .   ? -11.719 10.923  -1.136  1.000 49.309 ? 250 HOH A O   1 ? 
HETATM 1086 O O   . HOH B 2 .   ? -3.267  -8.878  16.080  1.000 60.841 ? 251 HOH A O   1 ? 
HETATM 1087 O O   . HOH B 2 .   ? -15.243 -5.772  -12.718 1.000 53.196 ? 252 HOH A O   1 ? 
HETATM 1088 O O   . HOH B 2 .   ? -1.622  -6.364  -12.984 1.000 44.661 ? 253 HOH A O   1 ? 
HETATM 1089 O O   . HOH B 2 .   ? 0.317   12.498  -13.781 1.000 64.770 ? 254 HOH A O   1 ? 
HETATM 1090 O O   . HOH B 2 .   ? -1.011  -1.111  -7.804  1.000 35.690 ? 255 HOH A O   1 ? 
HETATM 1091 O O   . HOH B 2 .   ? 7.461   5.384   8.859   1.000 55.571 ? 256 HOH A O   1 ? 
HETATM 1092 O O   . HOH B 2 .   ? 10.101  11.756  -13.599 1.000 54.575 ? 257 HOH A O   1 ? 
HETATM 1093 O O   . HOH B 2 .   ? 2.782   4.494   -16.096 1.000 55.950 ? 258 HOH A O   1 ? 
HETATM 1094 O O   . HOH B 2 .   ? 5.272   -9.541  7.099   1.000 43.600 ? 259 HOH A O   1 ? 
HETATM 1095 O O   . HOH B 2 .   ? 15.583  -3.279  -2.906  1.000 48.265 ? 260 HOH A O   1 ? 
HETATM 1096 O O   . HOH B 2 .   ? -4.592  6.590   -17.085 1.000 51.493 ? 261 HOH A O   1 ? 
HETATM 1097 O O   . HOH B 2 .   ? 4.965   -9.002  15.178  1.000 42.873 ? 262 HOH A O   1 ? 
HETATM 1098 O O   . HOH B 2 .   ? -10.775 -10.032 3.998   1.000 47.608 ? 263 HOH A O   1 ? 
HETATM 1099 O O   . HOH B 2 .   ? 16.943  4.350   3.421   1.000 57.064 ? 264 HOH A O   1 ? 
HETATM 1100 O O   . HOH B 2 .   ? -3.199  11.257  -12.547 1.000 59.537 ? 265 HOH A O   1 ? 
HETATM 1101 O O   . HOH B 2 .   ? 0.341   -5.186  -14.653 1.000 47.399 ? 266 HOH A O   1 ? 
HETATM 1102 O O   . HOH B 2 .   ? 2.351   -8.071  16.236  1.000 37.550 ? 267 HOH A O   1 ? 
HETATM 1103 O O   . HOH B 2 .   ? -9.154  14.225  -12.561 1.000 38.019 ? 268 HOH A O   1 ? 
HETATM 1104 O O   . HOH B 2 .   ? 15.687  7.334   -3.015  1.000 49.357 ? 269 HOH A O   1 ? 
HETATM 1105 O O   . HOH B 2 .   ? 1.117   14.040  -6.620  1.000 60.475 ? 270 HOH A O   1 ? 
HETATM 1106 O O   . HOH B 2 .   ? 4.563   12.784  -14.164 1.000 64.804 ? 271 HOH A O   1 ? 
HETATM 1107 O O   . HOH B 2 .   ? -4.409  -2.046  16.597  1.000 70.556 ? 272 HOH A O   1 ? 
HETATM 1108 O O   . HOH B 2 .   ? -16.989 -9.460  5.953   1.000 54.814 ? 273 HOH A O   1 ? 
HETATM 1109 O O   . HOH B 2 .   ? -14.971 1.077   3.281   1.000 53.495 ? 274 HOH A O   1 ? 
HETATM 1110 O O   . HOH B 2 .   ? 19.692  -0.153  -2.753  1.000 66.095 ? 275 HOH A O   1 ? 
HETATM 1111 O O   . HOH B 2 .   ? -13.693 12.472  -6.921  1.000 61.052 ? 276 HOH A O   1 ? 
HETATM 1112 O O   . HOH B 2 .   ? 4.827   -5.311  -17.915 1.000 64.262 ? 277 HOH A O   1 ? 
HETATM 1113 O O   . HOH B 2 .   ? -7.847  -4.116  -15.394 1.000 63.633 ? 278 HOH A O   1 ? 
HETATM 1114 O O   . HOH B 2 .   ? -7.170  -9.703  18.261  1.000 54.365 ? 279 HOH A O   1 ? 
HETATM 1115 O O   . HOH B 2 .   ? -1.720  -11.823 10.631  0.500 31.065 ? 280 HOH A O   1 ? 
HETATM 1116 O O   . HOH B 2 .   ? 2.163   -5.751  -18.369 1.000 59.555 ? 281 HOH A O   1 ? 
HETATM 1117 O O   . HOH B 2 .   ? 10.328  -5.280  10.268  1.000 56.403 ? 282 HOH A O   1 ? 
HETATM 1118 O O   . HOH B 2 .   ? -1.298  -8.874  -13.842 1.000 49.135 ? 283 HOH A O   1 ? 
HETATM 1119 O O   . HOH B 2 .   ? 19.691  -12.009 20.334  1.000 57.609 ? 284 HOH A O   1 ? 
HETATM 1120 O O   . HOH B 2 .   ? 6.791   0.761   15.482  1.000 58.327 ? 285 HOH A O   1 ? 
# 
